data_5PB9
# 
_entry.id   5PB9 
# 
_audit_conform.dict_name       mmcif_pdbx.dic 
_audit_conform.dict_version    5.387 
_audit_conform.dict_location   http://mmcif.pdb.org/dictionaries/ascii/mmcif_pdbx.dic 
# 
loop_
_database_2.database_id 
_database_2.database_code 
_database_2.pdbx_database_accession 
_database_2.pdbx_DOI 
PDB   5PB9         pdb_00005pb9 10.2210/pdb5pb9/pdb 
WWPDB D_1001400445 ?            ?                   
# 
loop_
_pdbx_audit_revision_history.ordinal 
_pdbx_audit_revision_history.data_content_type 
_pdbx_audit_revision_history.major_revision 
_pdbx_audit_revision_history.minor_revision 
_pdbx_audit_revision_history.revision_date 
1 'Structure model' 1 0 2017-03-15 
2 'Structure model' 1 1 2017-09-27 
3 'Structure model' 1 2 2017-10-04 
4 'Structure model' 1 3 2024-03-06 
# 
_pdbx_audit_revision_details.ordinal             1 
_pdbx_audit_revision_details.revision_ordinal    1 
_pdbx_audit_revision_details.data_content_type   'Structure model' 
_pdbx_audit_revision_details.provider            repository 
_pdbx_audit_revision_details.type                'Initial release' 
_pdbx_audit_revision_details.description         ? 
_pdbx_audit_revision_details.details             ? 
# 
loop_
_pdbx_audit_revision_group.ordinal 
_pdbx_audit_revision_group.revision_ordinal 
_pdbx_audit_revision_group.data_content_type 
_pdbx_audit_revision_group.group 
1 2 'Structure model' 'Data collection'     
2 2 'Structure model' 'Database references' 
3 2 'Structure model' 'Structure summary'   
4 3 'Structure model' 'Structure summary'   
5 4 'Structure model' 'Data collection'     
6 4 'Structure model' 'Database references' 
# 
loop_
_pdbx_audit_revision_category.ordinal 
_pdbx_audit_revision_category.revision_ordinal 
_pdbx_audit_revision_category.data_content_type 
_pdbx_audit_revision_category.category 
1 2 'Structure model' citation           
2 2 'Structure model' citation_author    
3 2 'Structure model' diffrn_source      
4 2 'Structure model' pdbx_deposit_group 
5 3 'Structure model' pdbx_deposit_group 
6 4 'Structure model' chem_comp_atom     
7 4 'Structure model' chem_comp_bond     
8 4 'Structure model' database_2         
# 
loop_
_pdbx_audit_revision_item.ordinal 
_pdbx_audit_revision_item.revision_ordinal 
_pdbx_audit_revision_item.data_content_type 
_pdbx_audit_revision_item.item 
1  2 'Structure model' '_citation.journal_volume'             
2  2 'Structure model' '_citation.page_first'                 
3  2 'Structure model' '_citation.page_last'                  
4  2 'Structure model' '_citation.pdbx_database_id_DOI'       
5  2 'Structure model' '_citation.pdbx_database_id_PubMed'    
6  2 'Structure model' '_citation.title'                      
7  2 'Structure model' '_citation_author.name'                
8  2 'Structure model' '_diffrn_source.pdbx_synchrotron_site' 
9  2 'Structure model' '_pdbx_deposit_group.group_id'         
10 2 'Structure model' '_pdbx_deposit_group.group_title'      
11 2 'Structure model' '_pdbx_deposit_group.group_type'       
12 3 'Structure model' '_pdbx_deposit_group.group_title'      
13 4 'Structure model' '_database_2.pdbx_DOI'                 
14 4 'Structure model' '_database_2.pdbx_database_accession'  
# 
_pdbx_database_status.entry_id                        5PB9 
_pdbx_database_status.status_code                     REL 
_pdbx_database_status.recvd_initial_deposition_date   2017-02-03 
_pdbx_database_status.deposit_site                    RCSB 
_pdbx_database_status.process_site                    RCSB 
_pdbx_database_status.SG_entry                        ? 
_pdbx_database_status.pdb_format_compatible           Y 
_pdbx_database_status.status_code_sf                  REL 
_pdbx_database_status.status_code_mr                  ? 
_pdbx_database_status.status_code_cs                  ? 
_pdbx_database_status.methods_development_category    ? 
_pdbx_database_status.status_code_nmr_data            ? 
# 
loop_
_audit_author.name 
_audit_author.pdbx_ordinal 
'Pearce, N.M.'     1  
'Krojer, T.'       2  
'Talon, R.'        3  
'Bradley, A.R.'    4  
'Fairhead, M.'     5  
'Sethi, R.'        6  
'Wright, N.'       7  
'MacLean, E.'      8  
'Collins, P.'      9  
'Brandao-Neto, J.' 10 
'Douangamath, A.'  11 
'Renjie, Z.'       12 
'Dias, A.'         13 
'Vollmar, M.'      14 
'Ng, J.'           15 
'Brennan, P.E.'    16 
'Cox, O.'          17 
'Bountra, C.'      18 
'Arrowsmith, C.H.' 19 
'Edwards, A.'      20 
'von Delft, F.'    21 
# 
_citation.id                        primary 
_citation.title                     
'A multi-crystal method for extracting obscured crystallographic states from conventionally uninterpretable electron density.' 
_citation.journal_abbrev            'Nat Commun' 
_citation.journal_volume            8 
_citation.page_first                15123 
_citation.page_last                 15123 
_citation.year                      2017 
_citation.journal_id_ASTM           ? 
_citation.country                   UK 
_citation.journal_id_ISSN           2041-1723 
_citation.journal_id_CSD            ? 
_citation.book_publisher            ? 
_citation.pdbx_database_id_PubMed   28436492 
_citation.pdbx_database_id_DOI      10.1038/ncomms15123 
# 
loop_
_citation_author.citation_id 
_citation_author.name 
_citation_author.ordinal 
_citation_author.identifier_ORCID 
primary 'Pearce, N.M.'  1  ? 
primary 'Krojer, T.'    2  ? 
primary 'Bradley, A.R.' 3  ? 
primary 'Collins, P.'   4  ? 
primary 'Nowak, R.P.'   5  ? 
primary 'Talon, R.'     6  ? 
primary 'Marsden, B.D.' 7  ? 
primary 'Kelm, S.'      8  ? 
primary 'Shi, J.'       9  ? 
primary 'Deane, C.M.'   10 ? 
primary 'von Delft, F.' 11 ? 
# 
loop_
_entity.id 
_entity.type 
_entity.src_method 
_entity.pdbx_description 
_entity.formula_weight 
_entity.pdbx_number_of_molecules 
_entity.pdbx_ec 
_entity.pdbx_mutation 
_entity.pdbx_fragment 
_entity.details 
1 polymer     man 'Bromodomain adjacent to zinc finger domain protein 2B' 16090.326 1   ? ? ? ? 
2 non-polymer syn 1,2-ETHANEDIOL                                          62.068    3   ? ? ? ? 
3 non-polymer syn '1-(3-hydroxyphenyl)ethanone'                           136.148   1   ? ? ? ? 
4 water       nat water                                                   18.015    202 ? ? ? ? 
# 
_entity_name_com.entity_id   1 
_entity_name_com.name        hWALp4 
# 
_entity_poly.entity_id                      1 
_entity_poly.type                           'polypeptide(L)' 
_entity_poly.nstd_linkage                   no 
_entity_poly.nstd_monomer                   no 
_entity_poly.pdbx_seq_one_letter_code       
;MHHHHHHSSGVDLGTENLYFQSMSVKKPKRDDSKDLALCSMILTEMETHEDAWPFLLPVNLKLVPGYKKVIKKPMDFSTI
REKLSSGQYPNLETFALDVRLVFDNCETFNEDDSDIGRAGHNMRKYFEKKWTDTFKVS
;
_entity_poly.pdbx_seq_one_letter_code_can   
;MHHHHHHSSGVDLGTENLYFQSMSVKKPKRDDSKDLALCSMILTEMETHEDAWPFLLPVNLKLVPGYKKVIKKPMDFSTI
REKLSSGQYPNLETFALDVRLVFDNCETFNEDDSDIGRAGHNMRKYFEKKWTDTFKVS
;
_entity_poly.pdbx_strand_id                 A 
_entity_poly.pdbx_target_identifier         ? 
# 
loop_
_pdbx_entity_nonpoly.entity_id 
_pdbx_entity_nonpoly.name 
_pdbx_entity_nonpoly.comp_id 
2 1,2-ETHANEDIOL                EDO 
3 '1-(3-hydroxyphenyl)ethanone' 53C 
4 water                         HOH 
# 
loop_
_entity_poly_seq.entity_id 
_entity_poly_seq.num 
_entity_poly_seq.mon_id 
_entity_poly_seq.hetero 
1 1   MET n 
1 2   HIS n 
1 3   HIS n 
1 4   HIS n 
1 5   HIS n 
1 6   HIS n 
1 7   HIS n 
1 8   SER n 
1 9   SER n 
1 10  GLY n 
1 11  VAL n 
1 12  ASP n 
1 13  LEU n 
1 14  GLY n 
1 15  THR n 
1 16  GLU n 
1 17  ASN n 
1 18  LEU n 
1 19  TYR n 
1 20  PHE n 
1 21  GLN n 
1 22  SER n 
1 23  MET n 
1 24  SER n 
1 25  VAL n 
1 26  LYS n 
1 27  LYS n 
1 28  PRO n 
1 29  LYS n 
1 30  ARG n 
1 31  ASP n 
1 32  ASP n 
1 33  SER n 
1 34  LYS n 
1 35  ASP n 
1 36  LEU n 
1 37  ALA n 
1 38  LEU n 
1 39  CYS n 
1 40  SER n 
1 41  MET n 
1 42  ILE n 
1 43  LEU n 
1 44  THR n 
1 45  GLU n 
1 46  MET n 
1 47  GLU n 
1 48  THR n 
1 49  HIS n 
1 50  GLU n 
1 51  ASP n 
1 52  ALA n 
1 53  TRP n 
1 54  PRO n 
1 55  PHE n 
1 56  LEU n 
1 57  LEU n 
1 58  PRO n 
1 59  VAL n 
1 60  ASN n 
1 61  LEU n 
1 62  LYS n 
1 63  LEU n 
1 64  VAL n 
1 65  PRO n 
1 66  GLY n 
1 67  TYR n 
1 68  LYS n 
1 69  LYS n 
1 70  VAL n 
1 71  ILE n 
1 72  LYS n 
1 73  LYS n 
1 74  PRO n 
1 75  MET n 
1 76  ASP n 
1 77  PHE n 
1 78  SER n 
1 79  THR n 
1 80  ILE n 
1 81  ARG n 
1 82  GLU n 
1 83  LYS n 
1 84  LEU n 
1 85  SER n 
1 86  SER n 
1 87  GLY n 
1 88  GLN n 
1 89  TYR n 
1 90  PRO n 
1 91  ASN n 
1 92  LEU n 
1 93  GLU n 
1 94  THR n 
1 95  PHE n 
1 96  ALA n 
1 97  LEU n 
1 98  ASP n 
1 99  VAL n 
1 100 ARG n 
1 101 LEU n 
1 102 VAL n 
1 103 PHE n 
1 104 ASP n 
1 105 ASN n 
1 106 CYS n 
1 107 GLU n 
1 108 THR n 
1 109 PHE n 
1 110 ASN n 
1 111 GLU n 
1 112 ASP n 
1 113 ASP n 
1 114 SER n 
1 115 ASP n 
1 116 ILE n 
1 117 GLY n 
1 118 ARG n 
1 119 ALA n 
1 120 GLY n 
1 121 HIS n 
1 122 ASN n 
1 123 MET n 
1 124 ARG n 
1 125 LYS n 
1 126 TYR n 
1 127 PHE n 
1 128 GLU n 
1 129 LYS n 
1 130 LYS n 
1 131 TRP n 
1 132 THR n 
1 133 ASP n 
1 134 THR n 
1 135 PHE n 
1 136 LYS n 
1 137 VAL n 
1 138 SER n 
# 
_entity_src_gen.entity_id                          1 
_entity_src_gen.pdbx_src_id                        1 
_entity_src_gen.pdbx_alt_source_flag               sample 
_entity_src_gen.pdbx_seq_type                      'Biological sequence' 
_entity_src_gen.pdbx_beg_seq_num                   1 
_entity_src_gen.pdbx_end_seq_num                   138 
_entity_src_gen.gene_src_common_name               Human 
_entity_src_gen.gene_src_genus                     ? 
_entity_src_gen.pdbx_gene_src_gene                 'BAZ2B, KIAA1476' 
_entity_src_gen.gene_src_species                   ? 
_entity_src_gen.gene_src_strain                    ? 
_entity_src_gen.gene_src_tissue                    ? 
_entity_src_gen.gene_src_tissue_fraction           ? 
_entity_src_gen.gene_src_details                   ? 
_entity_src_gen.pdbx_gene_src_fragment             ? 
_entity_src_gen.pdbx_gene_src_scientific_name      'Homo sapiens' 
_entity_src_gen.pdbx_gene_src_ncbi_taxonomy_id     9606 
_entity_src_gen.pdbx_gene_src_variant              ? 
_entity_src_gen.pdbx_gene_src_cell_line            ? 
_entity_src_gen.pdbx_gene_src_atcc                 ? 
_entity_src_gen.pdbx_gene_src_organ                ? 
_entity_src_gen.pdbx_gene_src_organelle            ? 
_entity_src_gen.pdbx_gene_src_cell                 ? 
_entity_src_gen.pdbx_gene_src_cellular_location    ? 
_entity_src_gen.host_org_common_name               ? 
_entity_src_gen.pdbx_host_org_scientific_name      'escherichia coli' 
_entity_src_gen.pdbx_host_org_ncbi_taxonomy_id     562 
_entity_src_gen.host_org_genus                     ? 
_entity_src_gen.pdbx_host_org_gene                 ? 
_entity_src_gen.pdbx_host_org_organ                ? 
_entity_src_gen.host_org_species                   ? 
_entity_src_gen.pdbx_host_org_tissue               ? 
_entity_src_gen.pdbx_host_org_tissue_fraction      ? 
_entity_src_gen.pdbx_host_org_strain               ? 
_entity_src_gen.pdbx_host_org_variant              ? 
_entity_src_gen.pdbx_host_org_cell_line            ? 
_entity_src_gen.pdbx_host_org_atcc                 ? 
_entity_src_gen.pdbx_host_org_culture_collection   ? 
_entity_src_gen.pdbx_host_org_cell                 ? 
_entity_src_gen.pdbx_host_org_organelle            ? 
_entity_src_gen.pdbx_host_org_cellular_location    ? 
_entity_src_gen.pdbx_host_org_vector_type          ? 
_entity_src_gen.pdbx_host_org_vector               ? 
_entity_src_gen.host_org_details                   ? 
_entity_src_gen.expression_system_id               ? 
_entity_src_gen.plasmid_name                       ? 
_entity_src_gen.plasmid_details                    ? 
_entity_src_gen.pdbx_description                   ? 
# 
loop_
_chem_comp.id 
_chem_comp.type 
_chem_comp.mon_nstd_flag 
_chem_comp.name 
_chem_comp.pdbx_synonyms 
_chem_comp.formula 
_chem_comp.formula_weight 
53C non-polymer         . '1-(3-hydroxyphenyl)ethanone' ?                 'C8 H8 O2'       136.148 
ALA 'L-peptide linking' y ALANINE                       ?                 'C3 H7 N O2'     89.093  
ARG 'L-peptide linking' y ARGININE                      ?                 'C6 H15 N4 O2 1' 175.209 
ASN 'L-peptide linking' y ASPARAGINE                    ?                 'C4 H8 N2 O3'    132.118 
ASP 'L-peptide linking' y 'ASPARTIC ACID'               ?                 'C4 H7 N O4'     133.103 
CYS 'L-peptide linking' y CYSTEINE                      ?                 'C3 H7 N O2 S'   121.158 
EDO non-polymer         . 1,2-ETHANEDIOL                'ETHYLENE GLYCOL' 'C2 H6 O2'       62.068  
GLN 'L-peptide linking' y GLUTAMINE                     ?                 'C5 H10 N2 O3'   146.144 
GLU 'L-peptide linking' y 'GLUTAMIC ACID'               ?                 'C5 H9 N O4'     147.129 
GLY 'peptide linking'   y GLYCINE                       ?                 'C2 H5 N O2'     75.067  
HIS 'L-peptide linking' y HISTIDINE                     ?                 'C6 H10 N3 O2 1' 156.162 
HOH non-polymer         . WATER                         ?                 'H2 O'           18.015  
ILE 'L-peptide linking' y ISOLEUCINE                    ?                 'C6 H13 N O2'    131.173 
LEU 'L-peptide linking' y LEUCINE                       ?                 'C6 H13 N O2'    131.173 
LYS 'L-peptide linking' y LYSINE                        ?                 'C6 H15 N2 O2 1' 147.195 
MET 'L-peptide linking' y METHIONINE                    ?                 'C5 H11 N O2 S'  149.211 
PHE 'L-peptide linking' y PHENYLALANINE                 ?                 'C9 H11 N O2'    165.189 
PRO 'L-peptide linking' y PROLINE                       ?                 'C5 H9 N O2'     115.130 
SER 'L-peptide linking' y SERINE                        ?                 'C3 H7 N O3'     105.093 
THR 'L-peptide linking' y THREONINE                     ?                 'C4 H9 N O3'     119.119 
TRP 'L-peptide linking' y TRYPTOPHAN                    ?                 'C11 H12 N2 O2'  204.225 
TYR 'L-peptide linking' y TYROSINE                      ?                 'C9 H11 N O3'    181.189 
VAL 'L-peptide linking' y VALINE                        ?                 'C5 H11 N O2'    117.146 
# 
loop_
_pdbx_poly_seq_scheme.asym_id 
_pdbx_poly_seq_scheme.entity_id 
_pdbx_poly_seq_scheme.seq_id 
_pdbx_poly_seq_scheme.mon_id 
_pdbx_poly_seq_scheme.ndb_seq_num 
_pdbx_poly_seq_scheme.pdb_seq_num 
_pdbx_poly_seq_scheme.auth_seq_num 
_pdbx_poly_seq_scheme.pdb_mon_id 
_pdbx_poly_seq_scheme.auth_mon_id 
_pdbx_poly_seq_scheme.pdb_strand_id 
_pdbx_poly_seq_scheme.pdb_ins_code 
_pdbx_poly_seq_scheme.hetero 
A 1 1   MET 1   1835 ?    ?   ?   A . n 
A 1 2   HIS 2   1836 ?    ?   ?   A . n 
A 1 3   HIS 3   1837 ?    ?   ?   A . n 
A 1 4   HIS 4   1838 ?    ?   ?   A . n 
A 1 5   HIS 5   1839 ?    ?   ?   A . n 
A 1 6   HIS 6   1840 ?    ?   ?   A . n 
A 1 7   HIS 7   1841 ?    ?   ?   A . n 
A 1 8   SER 8   1842 ?    ?   ?   A . n 
A 1 9   SER 9   1843 ?    ?   ?   A . n 
A 1 10  GLY 10  1844 ?    ?   ?   A . n 
A 1 11  VAL 11  1845 ?    ?   ?   A . n 
A 1 12  ASP 12  1846 ?    ?   ?   A . n 
A 1 13  LEU 13  1847 ?    ?   ?   A . n 
A 1 14  GLY 14  1848 ?    ?   ?   A . n 
A 1 15  THR 15  1849 ?    ?   ?   A . n 
A 1 16  GLU 16  1850 ?    ?   ?   A . n 
A 1 17  ASN 17  1851 ?    ?   ?   A . n 
A 1 18  LEU 18  1852 ?    ?   ?   A . n 
A 1 19  TYR 19  1853 ?    ?   ?   A . n 
A 1 20  PHE 20  1854 ?    ?   ?   A . n 
A 1 21  GLN 21  1855 ?    ?   ?   A . n 
A 1 22  SER 22  1856 1856 SER SER A . n 
A 1 23  MET 23  1857 1857 MET MET A . n 
A 1 24  SER 24  1858 1858 SER SER A . n 
A 1 25  VAL 25  1859 1859 VAL VAL A . n 
A 1 26  LYS 26  1860 1860 LYS LYS A . n 
A 1 27  LYS 27  1861 1861 LYS LYS A . n 
A 1 28  PRO 28  1862 1862 PRO PRO A . n 
A 1 29  LYS 29  1863 1863 LYS LYS A . n 
A 1 30  ARG 30  1864 1864 ARG ARG A . n 
A 1 31  ASP 31  1865 1865 ASP ASP A . n 
A 1 32  ASP 32  1866 1866 ASP ASP A . n 
A 1 33  SER 33  1867 1867 SER SER A . n 
A 1 34  LYS 34  1868 1868 LYS LYS A . n 
A 1 35  ASP 35  1869 1869 ASP ASP A . n 
A 1 36  LEU 36  1870 1870 LEU LEU A . n 
A 1 37  ALA 37  1871 1871 ALA ALA A . n 
A 1 38  LEU 38  1872 1872 LEU LEU A . n 
A 1 39  CYS 39  1873 1873 CYS CYS A . n 
A 1 40  SER 40  1874 1874 SER SER A . n 
A 1 41  MET 41  1875 1875 MET MET A . n 
A 1 42  ILE 42  1876 1876 ILE ILE A . n 
A 1 43  LEU 43  1877 1877 LEU LEU A . n 
A 1 44  THR 44  1878 1878 THR THR A . n 
A 1 45  GLU 45  1879 1879 GLU GLU A . n 
A 1 46  MET 46  1880 1880 MET MET A . n 
A 1 47  GLU 47  1881 1881 GLU GLU A . n 
A 1 48  THR 48  1882 1882 THR THR A . n 
A 1 49  HIS 49  1883 1883 HIS HIS A . n 
A 1 50  GLU 50  1884 1884 GLU GLU A . n 
A 1 51  ASP 51  1885 1885 ASP ASP A . n 
A 1 52  ALA 52  1886 1886 ALA ALA A . n 
A 1 53  TRP 53  1887 1887 TRP TRP A . n 
A 1 54  PRO 54  1888 1888 PRO PRO A . n 
A 1 55  PHE 55  1889 1889 PHE PHE A . n 
A 1 56  LEU 56  1890 1890 LEU LEU A . n 
A 1 57  LEU 57  1891 1891 LEU LEU A . n 
A 1 58  PRO 58  1892 1892 PRO PRO A . n 
A 1 59  VAL 59  1893 1893 VAL VAL A . n 
A 1 60  ASN 60  1894 1894 ASN ASN A . n 
A 1 61  LEU 61  1895 1895 LEU LEU A . n 
A 1 62  LYS 62  1896 1896 LYS LYS A . n 
A 1 63  LEU 63  1897 1897 LEU LEU A . n 
A 1 64  VAL 64  1898 1898 VAL VAL A . n 
A 1 65  PRO 65  1899 1899 PRO PRO A . n 
A 1 66  GLY 66  1900 1900 GLY GLY A . n 
A 1 67  TYR 67  1901 1901 TYR TYR A . n 
A 1 68  LYS 68  1902 1902 LYS LYS A . n 
A 1 69  LYS 69  1903 1903 LYS LYS A . n 
A 1 70  VAL 70  1904 1904 VAL VAL A . n 
A 1 71  ILE 71  1905 1905 ILE ILE A . n 
A 1 72  LYS 72  1906 1906 LYS LYS A . n 
A 1 73  LYS 73  1907 1907 LYS LYS A . n 
A 1 74  PRO 74  1908 1908 PRO PRO A . n 
A 1 75  MET 75  1909 1909 MET MET A . n 
A 1 76  ASP 76  1910 1910 ASP ASP A . n 
A 1 77  PHE 77  1911 1911 PHE PHE A . n 
A 1 78  SER 78  1912 1912 SER SER A . n 
A 1 79  THR 79  1913 1913 THR THR A . n 
A 1 80  ILE 80  1914 1914 ILE ILE A . n 
A 1 81  ARG 81  1915 1915 ARG ARG A . n 
A 1 82  GLU 82  1916 1916 GLU GLU A . n 
A 1 83  LYS 83  1917 1917 LYS LYS A . n 
A 1 84  LEU 84  1918 1918 LEU LEU A . n 
A 1 85  SER 85  1919 1919 SER SER A . n 
A 1 86  SER 86  1920 1920 SER SER A . n 
A 1 87  GLY 87  1921 1921 GLY GLY A . n 
A 1 88  GLN 88  1922 1922 GLN GLN A . n 
A 1 89  TYR 89  1923 1923 TYR TYR A . n 
A 1 90  PRO 90  1924 1924 PRO PRO A . n 
A 1 91  ASN 91  1925 1925 ASN ASN A . n 
A 1 92  LEU 92  1926 1926 LEU LEU A . n 
A 1 93  GLU 93  1927 1927 GLU GLU A . n 
A 1 94  THR 94  1928 1928 THR THR A . n 
A 1 95  PHE 95  1929 1929 PHE PHE A . n 
A 1 96  ALA 96  1930 1930 ALA ALA A . n 
A 1 97  LEU 97  1931 1931 LEU LEU A . n 
A 1 98  ASP 98  1932 1932 ASP ASP A . n 
A 1 99  VAL 99  1933 1933 VAL VAL A . n 
A 1 100 ARG 100 1934 1934 ARG ARG A . n 
A 1 101 LEU 101 1935 1935 LEU LEU A . n 
A 1 102 VAL 102 1936 1936 VAL VAL A . n 
A 1 103 PHE 103 1937 1937 PHE PHE A . n 
A 1 104 ASP 104 1938 1938 ASP ASP A . n 
A 1 105 ASN 105 1939 1939 ASN ASN A . n 
A 1 106 CYS 106 1940 1940 CYS CYS A . n 
A 1 107 GLU 107 1941 1941 GLU GLU A . n 
A 1 108 THR 108 1942 1942 THR THR A . n 
A 1 109 PHE 109 1943 1943 PHE PHE A . n 
A 1 110 ASN 110 1944 1944 ASN ASN A . n 
A 1 111 GLU 111 1945 1945 GLU GLU A . n 
A 1 112 ASP 112 1946 1946 ASP ASP A . n 
A 1 113 ASP 113 1947 1947 ASP ASP A . n 
A 1 114 SER 114 1948 1948 SER SER A . n 
A 1 115 ASP 115 1949 1949 ASP ASP A . n 
A 1 116 ILE 116 1950 1950 ILE ILE A . n 
A 1 117 GLY 117 1951 1951 GLY GLY A . n 
A 1 118 ARG 118 1952 1952 ARG ARG A . n 
A 1 119 ALA 119 1953 1953 ALA ALA A . n 
A 1 120 GLY 120 1954 1954 GLY GLY A . n 
A 1 121 HIS 121 1955 1955 HIS HIS A . n 
A 1 122 ASN 122 1956 1956 ASN ASN A . n 
A 1 123 MET 123 1957 1957 MET MET A . n 
A 1 124 ARG 124 1958 1958 ARG ARG A . n 
A 1 125 LYS 125 1959 1959 LYS LYS A . n 
A 1 126 TYR 126 1960 1960 TYR TYR A . n 
A 1 127 PHE 127 1961 1961 PHE PHE A . n 
A 1 128 GLU 128 1962 1962 GLU GLU A . n 
A 1 129 LYS 129 1963 1963 LYS LYS A . n 
A 1 130 LYS 130 1964 1964 LYS LYS A . n 
A 1 131 TRP 131 1965 1965 TRP TRP A . n 
A 1 132 THR 132 1966 1966 THR THR A . n 
A 1 133 ASP 133 1967 1967 ASP ASP A . n 
A 1 134 THR 134 1968 1968 THR THR A . n 
A 1 135 PHE 135 1969 1969 PHE PHE A . n 
A 1 136 LYS 136 1970 1970 LYS LYS A . n 
A 1 137 VAL 137 1971 ?    ?   ?   A . n 
A 1 138 SER 138 1972 ?    ?   ?   A . n 
# 
loop_
_pdbx_nonpoly_scheme.asym_id 
_pdbx_nonpoly_scheme.entity_id 
_pdbx_nonpoly_scheme.mon_id 
_pdbx_nonpoly_scheme.ndb_seq_num 
_pdbx_nonpoly_scheme.pdb_seq_num 
_pdbx_nonpoly_scheme.auth_seq_num 
_pdbx_nonpoly_scheme.pdb_mon_id 
_pdbx_nonpoly_scheme.auth_mon_id 
_pdbx_nonpoly_scheme.pdb_strand_id 
_pdbx_nonpoly_scheme.pdb_ins_code 
B 2 EDO 1   2001 1   EDO EDO A . 
C 2 EDO 1   2002 2   EDO EDO A . 
D 2 EDO 1   2003 3   EDO EDO A . 
E 3 53C 1   2004 1   53C LIG A . 
F 4 HOH 1   2101 84  HOH HOH A . 
F 4 HOH 2   2102 72  HOH HOH A . 
F 4 HOH 3   2103 196 HOH HOH A . 
F 4 HOH 4   2104 61  HOH HOH A . 
F 4 HOH 5   2105 92  HOH HOH A . 
F 4 HOH 6   2106 154 HOH HOH A . 
F 4 HOH 7   2107 36  HOH HOH A . 
F 4 HOH 8   2108 23  HOH HOH A . 
F 4 HOH 9   2109 40  HOH HOH A . 
F 4 HOH 10  2110 114 HOH HOH A . 
F 4 HOH 11  2111 14  HOH HOH A . 
F 4 HOH 12  2112 100 HOH HOH A . 
F 4 HOH 13  2113 37  HOH HOH A . 
F 4 HOH 14  2114 6   HOH HOH A . 
F 4 HOH 15  2115 7   HOH HOH A . 
F 4 HOH 16  2116 38  HOH HOH A . 
F 4 HOH 17  2117 47  HOH HOH A . 
F 4 HOH 18  2118 39  HOH HOH A . 
F 4 HOH 19  2119 75  HOH HOH A . 
F 4 HOH 20  2120 46  HOH HOH A . 
F 4 HOH 21  2121 117 HOH HOH A . 
F 4 HOH 22  2122 158 HOH HOH A . 
F 4 HOH 23  2123 44  HOH HOH A . 
F 4 HOH 24  2124 169 HOH HOH A . 
F 4 HOH 25  2125 74  HOH HOH A . 
F 4 HOH 26  2126 21  HOH HOH A . 
F 4 HOH 27  2127 26  HOH HOH A . 
F 4 HOH 28  2128 20  HOH HOH A . 
F 4 HOH 29  2129 91  HOH HOH A . 
F 4 HOH 30  2130 145 HOH HOH A . 
F 4 HOH 31  2131 163 HOH HOH A . 
F 4 HOH 32  2132 48  HOH HOH A . 
F 4 HOH 33  2133 25  HOH HOH A . 
F 4 HOH 34  2134 62  HOH HOH A . 
F 4 HOH 35  2135 35  HOH HOH A . 
F 4 HOH 36  2136 34  HOH HOH A . 
F 4 HOH 37  2137 2   HOH HOH A . 
F 4 HOH 38  2138 70  HOH HOH A . 
F 4 HOH 39  2139 148 HOH HOH A . 
F 4 HOH 40  2140 205 HOH HOH A . 
F 4 HOH 41  2141 126 HOH HOH A . 
F 4 HOH 42  2142 190 HOH HOH A . 
F 4 HOH 43  2143 116 HOH HOH A . 
F 4 HOH 44  2144 207 HOH HOH A . 
F 4 HOH 45  2145 113 HOH HOH A . 
F 4 HOH 46  2146 139 HOH HOH A . 
F 4 HOH 47  2147 137 HOH HOH A . 
F 4 HOH 48  2148 68  HOH HOH A . 
F 4 HOH 49  2149 52  HOH HOH A . 
F 4 HOH 50  2150 16  HOH HOH A . 
F 4 HOH 51  2151 45  HOH HOH A . 
F 4 HOH 52  2152 28  HOH HOH A . 
F 4 HOH 53  2153 93  HOH HOH A . 
F 4 HOH 54  2154 9   HOH HOH A . 
F 4 HOH 55  2155 156 HOH HOH A . 
F 4 HOH 56  2156 10  HOH HOH A . 
F 4 HOH 57  2157 17  HOH HOH A . 
F 4 HOH 58  2158 206 HOH HOH A . 
F 4 HOH 59  2159 19  HOH HOH A . 
F 4 HOH 60  2160 146 HOH HOH A . 
F 4 HOH 61  2161 32  HOH HOH A . 
F 4 HOH 62  2162 81  HOH HOH A . 
F 4 HOH 63  2163 73  HOH HOH A . 
F 4 HOH 64  2164 5   HOH HOH A . 
F 4 HOH 65  2165 30  HOH HOH A . 
F 4 HOH 66  2166 88  HOH HOH A . 
F 4 HOH 67  2167 41  HOH HOH A . 
F 4 HOH 68  2168 50  HOH HOH A . 
F 4 HOH 69  2169 1   HOH HOH A . 
F 4 HOH 70  2170 144 HOH HOH A . 
F 4 HOH 71  2171 53  HOH HOH A . 
F 4 HOH 72  2172 149 HOH HOH A . 
F 4 HOH 73  2173 191 HOH HOH A . 
F 4 HOH 74  2174 24  HOH HOH A . 
F 4 HOH 75  2175 12  HOH HOH A . 
F 4 HOH 76  2176 54  HOH HOH A . 
F 4 HOH 77  2177 120 HOH HOH A . 
F 4 HOH 78  2178 193 HOH HOH A . 
F 4 HOH 79  2179 63  HOH HOH A . 
F 4 HOH 80  2180 27  HOH HOH A . 
F 4 HOH 81  2181 15  HOH HOH A . 
F 4 HOH 82  2182 29  HOH HOH A . 
F 4 HOH 83  2183 51  HOH HOH A . 
F 4 HOH 84  2184 4   HOH HOH A . 
F 4 HOH 85  2185 107 HOH HOH A . 
F 4 HOH 86  2186 174 HOH HOH A . 
F 4 HOH 87  2187 76  HOH HOH A . 
F 4 HOH 88  2188 90  HOH HOH A . 
F 4 HOH 89  2189 101 HOH HOH A . 
F 4 HOH 90  2190 80  HOH HOH A . 
F 4 HOH 91  2191 173 HOH HOH A . 
F 4 HOH 92  2192 57  HOH HOH A . 
F 4 HOH 93  2193 105 HOH HOH A . 
F 4 HOH 94  2194 56  HOH HOH A . 
F 4 HOH 95  2195 64  HOH HOH A . 
F 4 HOH 96  2196 18  HOH HOH A . 
F 4 HOH 97  2197 65  HOH HOH A . 
F 4 HOH 98  2198 8   HOH HOH A . 
F 4 HOH 99  2199 164 HOH HOH A . 
F 4 HOH 100 2200 59  HOH HOH A . 
F 4 HOH 101 2201 66  HOH HOH A . 
F 4 HOH 102 2202 172 HOH HOH A . 
F 4 HOH 103 2203 189 HOH HOH A . 
F 4 HOH 104 2204 171 HOH HOH A . 
F 4 HOH 105 2205 166 HOH HOH A . 
F 4 HOH 106 2206 33  HOH HOH A . 
F 4 HOH 107 2207 77  HOH HOH A . 
F 4 HOH 108 2208 182 HOH HOH A . 
F 4 HOH 109 2209 181 HOH HOH A . 
F 4 HOH 110 2210 178 HOH HOH A . 
F 4 HOH 111 2211 152 HOH HOH A . 
F 4 HOH 112 2212 103 HOH HOH A . 
F 4 HOH 113 2213 106 HOH HOH A . 
F 4 HOH 114 2214 3   HOH HOH A . 
F 4 HOH 115 2215 82  HOH HOH A . 
F 4 HOH 116 2216 95  HOH HOH A . 
F 4 HOH 117 2217 129 HOH HOH A . 
F 4 HOH 118 2218 85  HOH HOH A . 
F 4 HOH 119 2219 13  HOH HOH A . 
F 4 HOH 120 2220 147 HOH HOH A . 
F 4 HOH 121 2221 138 HOH HOH A . 
F 4 HOH 122 2222 22  HOH HOH A . 
F 4 HOH 123 2223 143 HOH HOH A . 
F 4 HOH 124 2224 168 HOH HOH A . 
F 4 HOH 125 2225 98  HOH HOH A . 
F 4 HOH 126 2226 83  HOH HOH A . 
F 4 HOH 127 2227 124 HOH HOH A . 
F 4 HOH 128 2228 49  HOH HOH A . 
F 4 HOH 129 2229 69  HOH HOH A . 
F 4 HOH 130 2230 99  HOH HOH A . 
F 4 HOH 131 2231 201 HOH HOH A . 
F 4 HOH 132 2232 132 HOH HOH A . 
F 4 HOH 133 2233 187 HOH HOH A . 
F 4 HOH 134 2234 157 HOH HOH A . 
F 4 HOH 135 2235 108 HOH HOH A . 
F 4 HOH 136 2236 153 HOH HOH A . 
F 4 HOH 137 2237 162 HOH HOH A . 
F 4 HOH 138 2238 188 HOH HOH A . 
F 4 HOH 139 2239 176 HOH HOH A . 
F 4 HOH 140 2240 185 HOH HOH A . 
F 4 HOH 141 2241 141 HOH HOH A . 
F 4 HOH 142 2242 127 HOH HOH A . 
F 4 HOH 143 2243 161 HOH HOH A . 
F 4 HOH 144 2244 194 HOH HOH A . 
F 4 HOH 145 2245 160 HOH HOH A . 
F 4 HOH 146 2246 97  HOH HOH A . 
F 4 HOH 147 2247 121 HOH HOH A . 
F 4 HOH 148 2248 130 HOH HOH A . 
F 4 HOH 149 2249 96  HOH HOH A . 
F 4 HOH 150 2250 119 HOH HOH A . 
F 4 HOH 151 2251 31  HOH HOH A . 
F 4 HOH 152 2252 112 HOH HOH A . 
F 4 HOH 153 2253 151 HOH HOH A . 
F 4 HOH 154 2254 184 HOH HOH A . 
F 4 HOH 155 2255 71  HOH HOH A . 
F 4 HOH 156 2256 198 HOH HOH A . 
F 4 HOH 157 2257 60  HOH HOH A . 
F 4 HOH 158 2258 192 HOH HOH A . 
F 4 HOH 159 2259 102 HOH HOH A . 
F 4 HOH 160 2260 199 HOH HOH A . 
F 4 HOH 161 2261 115 HOH HOH A . 
F 4 HOH 162 2262 134 HOH HOH A . 
F 4 HOH 163 2263 58  HOH HOH A . 
F 4 HOH 164 2264 177 HOH HOH A . 
F 4 HOH 165 2265 195 HOH HOH A . 
F 4 HOH 166 2266 183 HOH HOH A . 
F 4 HOH 167 2267 94  HOH HOH A . 
F 4 HOH 168 2268 123 HOH HOH A . 
F 4 HOH 169 2269 135 HOH HOH A . 
F 4 HOH 170 2270 86  HOH HOH A . 
F 4 HOH 171 2271 150 HOH HOH A . 
F 4 HOH 172 2272 110 HOH HOH A . 
F 4 HOH 173 2273 104 HOH HOH A . 
F 4 HOH 174 2274 42  HOH HOH A . 
F 4 HOH 175 2275 197 HOH HOH A . 
F 4 HOH 176 2276 79  HOH HOH A . 
F 4 HOH 177 2277 128 HOH HOH A . 
F 4 HOH 178 2278 202 HOH HOH A . 
F 4 HOH 179 2279 89  HOH HOH A . 
F 4 HOH 180 2280 55  HOH HOH A . 
F 4 HOH 181 2281 136 HOH HOH A . 
F 4 HOH 182 2282 78  HOH HOH A . 
F 4 HOH 183 2283 109 HOH HOH A . 
F 4 HOH 184 2284 118 HOH HOH A . 
F 4 HOH 185 2285 87  HOH HOH A . 
F 4 HOH 186 2286 155 HOH HOH A . 
F 4 HOH 187 2287 159 HOH HOH A . 
F 4 HOH 188 2288 111 HOH HOH A . 
F 4 HOH 189 2289 165 HOH HOH A . 
F 4 HOH 190 2290 180 HOH HOH A . 
F 4 HOH 191 2291 204 HOH HOH A . 
F 4 HOH 192 2292 131 HOH HOH A . 
F 4 HOH 193 2293 122 HOH HOH A . 
F 4 HOH 194 2294 67  HOH HOH A . 
F 4 HOH 195 2295 140 HOH HOH A . 
F 4 HOH 196 2296 142 HOH HOH A . 
F 4 HOH 197 2297 186 HOH HOH A . 
F 4 HOH 198 2298 179 HOH HOH A . 
F 4 HOH 199 2299 175 HOH HOH A . 
F 4 HOH 200 2300 203 HOH HOH A . 
F 4 HOH 201 2301 133 HOH HOH A . 
F 4 HOH 202 2302 125 HOH HOH A . 
# 
loop_
_pdbx_unobs_or_zero_occ_atoms.id 
_pdbx_unobs_or_zero_occ_atoms.PDB_model_num 
_pdbx_unobs_or_zero_occ_atoms.polymer_flag 
_pdbx_unobs_or_zero_occ_atoms.occupancy_flag 
_pdbx_unobs_or_zero_occ_atoms.auth_asym_id 
_pdbx_unobs_or_zero_occ_atoms.auth_comp_id 
_pdbx_unobs_or_zero_occ_atoms.auth_seq_id 
_pdbx_unobs_or_zero_occ_atoms.PDB_ins_code 
_pdbx_unobs_or_zero_occ_atoms.auth_atom_id 
_pdbx_unobs_or_zero_occ_atoms.label_alt_id 
_pdbx_unobs_or_zero_occ_atoms.label_asym_id 
_pdbx_unobs_or_zero_occ_atoms.label_comp_id 
_pdbx_unobs_or_zero_occ_atoms.label_seq_id 
_pdbx_unobs_or_zero_occ_atoms.label_atom_id 
1  1 Y 1 A LYS 1863 ? CG ? A LYS 29  CG 
2  1 Y 1 A LYS 1863 ? CD ? A LYS 29  CD 
3  1 Y 1 A LYS 1863 ? CE ? A LYS 29  CE 
4  1 Y 1 A LYS 1863 ? NZ ? A LYS 29  NZ 
5  1 Y 1 A LYS 1868 ? CE ? A LYS 34  CE 
6  1 Y 1 A LYS 1868 ? NZ ? A LYS 34  NZ 
7  1 Y 1 A LYS 1970 ? CG ? A LYS 136 CG 
8  1 Y 1 A LYS 1970 ? CD ? A LYS 136 CD 
9  1 Y 1 A LYS 1970 ? CE ? A LYS 136 CE 
10 1 Y 1 A LYS 1970 ? NZ ? A LYS 136 NZ 
# 
loop_
_software.pdbx_ordinal 
_software.name 
_software.version 
_software.date 
_software.type 
_software.contact_author 
_software.contact_author_email 
_software.classification 
_software.location 
_software.language 
_software.citation_id 
1 PHENIX      1.9_1682 ?               package 'Paul D. Adams' PDAdams@lbl.gov          refinement        
http://www.phenix-online.org/                       C++ ? 
2 Aimless     0.1.29   21/08/12        program 'Phil Evans'    ?                        'data scaling'    
http://www.mrc-lmb.cam.ac.uk/harry/pre/aimless.html ?   ? 
3 PDB_EXTRACT 3.23     'SEP. 23, 2016' package PDB             deposit@deposit.rcsb.org 'data extraction' 
http://sw-tools.pdb.org/apps/PDB_EXTRACT/           C++ ? 
4 XDS         .        ?               program ?               ?                        'data reduction'  ? ?   ? 
5 REFMAC      .        ?               program ?               ?                        phasing           ? ?   ? 
# 
_cell.entry_id           5PB9 
_cell.length_a           81.756 
_cell.length_b           96.541 
_cell.length_c           57.854 
_cell.angle_alpha        90.000 
_cell.angle_beta         90.000 
_cell.angle_gamma        90.000 
_cell.Z_PDB              8 
_cell.pdbx_unique_axis   ? 
# 
_symmetry.entry_id                         5PB9 
_symmetry.space_group_name_H-M             'C 2 2 21' 
_symmetry.pdbx_full_space_group_name_H-M   ? 
_symmetry.cell_setting                     ? 
_symmetry.Int_Tables_number                20 
# 
_exptl.crystals_number   1 
_exptl.entry_id          5PB9 
_exptl.method            'X-RAY DIFFRACTION' 
# 
_exptl_crystal.id                    1 
_exptl_crystal.pdbx_mosaicity        0.220 
_exptl_crystal.pdbx_mosaicity_esd    ? 
_exptl_crystal.density_Matthews      3.55 
_exptl_crystal.density_diffrn        ? 
_exptl_crystal.density_meas          ? 
_exptl_crystal.density_meas_temp     ? 
_exptl_crystal.density_percent_sol   65.33 
_exptl_crystal.size_max              ? 
_exptl_crystal.size_mid              ? 
_exptl_crystal.size_min              ? 
_exptl_crystal.size_rad              ? 
_exptl_crystal.description           ? 
# 
_exptl_crystal_grow.crystal_id      1 
_exptl_crystal_grow.method          'VAPOR DIFFUSION, SITTING DROP' 
_exptl_crystal_grow.pH              7 
_exptl_crystal_grow.temp            277 
_exptl_crystal_grow.pdbx_details    '30% PEG600 -- 0.1M MES pH 6.0' 
_exptl_crystal_grow.temp_details    ? 
_exptl_crystal_grow.pdbx_pH_range   ? 
# 
_diffrn.id                     1 
_diffrn.ambient_temp           100 
_diffrn.crystal_id             1 
_diffrn.ambient_temp_details   ? 
# 
_diffrn_detector.detector               PIXEL 
_diffrn_detector.type                   'DECTRIS PILATUS 2M' 
_diffrn_detector.pdbx_collection_date   2013-03-10 
_diffrn_detector.diffrn_id              1 
_diffrn_detector.details                ? 
# 
_diffrn_radiation.diffrn_id                        1 
_diffrn_radiation.wavelength_id                    1 
_diffrn_radiation.pdbx_diffrn_protocol             'SINGLE WAVELENGTH' 
_diffrn_radiation.pdbx_monochromatic_or_laue_m_l   ? 
_diffrn_radiation.monochromator                    ? 
_diffrn_radiation.pdbx_scattering_type             x-ray 
# 
_diffrn_radiation_wavelength.id           1 
_diffrn_radiation_wavelength.wavelength   0.9200 
_diffrn_radiation_wavelength.wt           1.0 
# 
_diffrn_source.diffrn_id                   1 
_diffrn_source.source                      SYNCHROTRON 
_diffrn_source.type                        'DIAMOND BEAMLINE I04-1' 
_diffrn_source.pdbx_wavelength_list        0.9200 
_diffrn_source.pdbx_synchrotron_site       Diamond 
_diffrn_source.pdbx_synchrotron_beamline   I04-1 
_diffrn_source.pdbx_wavelength             ? 
# 
_reflns.entry_id                     5PB9 
_reflns.pdbx_diffrn_id               1 
_reflns.pdbx_ordinal                 1 
_reflns.observed_criterion_sigma_I   ? 
_reflns.observed_criterion_sigma_F   ? 
_reflns.d_resolution_low             29.940 
_reflns.d_resolution_high            1.780 
_reflns.number_obs                   21809 
_reflns.number_all                   ? 
_reflns.percent_possible_obs         98.100 
_reflns.pdbx_Rmerge_I_obs            0.075 
_reflns.pdbx_Rsym_value              ? 
_reflns.pdbx_netI_over_sigmaI        12.800 
_reflns.B_iso_Wilson_estimate        29.970 
_reflns.pdbx_redundancy              6.400 
_reflns.pdbx_Rrim_I_all              0.082 
_reflns.pdbx_Rpim_I_all              0.032 
_reflns.pdbx_CC_half                 0.998 
_reflns.pdbx_netI_over_av_sigmaI     ? 
_reflns.pdbx_number_measured_all     139341 
_reflns.pdbx_scaling_rejects         18 
_reflns.pdbx_chi_squared             ? 
_reflns.Rmerge_F_all                 ? 
_reflns.Rmerge_F_obs                 ? 
_reflns.observed_criterion_F_max     ? 
_reflns.observed_criterion_F_min     ? 
_reflns.observed_criterion_I_max     ? 
_reflns.observed_criterion_I_min     ? 
_reflns.pdbx_d_res_high_opt          ? 
_reflns.pdbx_d_res_low_opt           ? 
_reflns.details                      ? 
# 
loop_
_reflns_shell.pdbx_diffrn_id 
_reflns_shell.pdbx_ordinal 
_reflns_shell.d_res_high 
_reflns_shell.d_res_low 
_reflns_shell.number_measured_obs 
_reflns_shell.number_measured_all 
_reflns_shell.number_unique_obs 
_reflns_shell.pdbx_rejects 
_reflns_shell.Rmerge_I_obs 
_reflns_shell.meanI_over_sigI_obs 
_reflns_shell.pdbx_Rsym_value 
_reflns_shell.pdbx_chi_squared 
_reflns_shell.pdbx_redundancy 
_reflns_shell.percent_possible_obs 
_reflns_shell.pdbx_netI_over_sigmaI_obs 
_reflns_shell.number_possible 
_reflns_shell.number_unique_all 
_reflns_shell.Rmerge_F_all 
_reflns_shell.Rmerge_F_obs 
_reflns_shell.Rmerge_I_all 
_reflns_shell.meanI_over_sigI_all 
_reflns_shell.percent_possible_all 
_reflns_shell.pdbx_Rrim_I_all 
_reflns_shell.pdbx_Rpim_I_all 
_reflns_shell.pdbx_CC_half 
1 1 1.780 1.820  ? 5165 ? ? 0.781 ? ? ? 5.200 ? 1.500  ? 996 ? ? ? ? 77.600 0.860 0.351 0.822 
1 2 8.910 29.940 ? 1285 ? ? 0.032 ? ? ? 6.100 ? 38.400 ? 211 ? ? ? ? 97.800 0.035 0.014 0.997 
# 
_refine.entry_id                                 5PB9 
_refine.pdbx_refine_id                           'X-RAY DIFFRACTION' 
_refine.ls_d_res_high                            1.7820 
_refine.ls_d_res_low                             29.940 
_refine.pdbx_ls_sigma_F                          1.340 
_refine.pdbx_data_cutoff_high_absF               ? 
_refine.pdbx_data_cutoff_low_absF                ? 
_refine.ls_percent_reflns_obs                    97.9300 
_refine.ls_number_reflns_obs                     21779 
_refine.ls_number_reflns_all                     ? 
_refine.pdbx_ls_cross_valid_method               THROUGHOUT 
_refine.ls_matrix_type                           ? 
_refine.pdbx_R_Free_selection_details            ? 
_refine.details                                  ? 
_refine.ls_R_factor_all                          ? 
_refine.ls_R_factor_obs                          0.1758 
_refine.ls_R_factor_R_work                       0.1742 
_refine.ls_wR_factor_R_work                      ? 
_refine.ls_R_factor_R_free                       0.2051 
_refine.ls_wR_factor_R_free                      ? 
_refine.ls_percent_reflns_R_free                 4.9600 
_refine.ls_number_reflns_R_free                  1080 
_refine.ls_number_reflns_R_work                  20699 
_refine.ls_R_factor_R_free_error                 ? 
_refine.B_iso_mean                               35.5729 
_refine.solvent_model_param_bsol                 ? 
_refine.solvent_model_param_ksol                 ? 
_refine.pdbx_isotropic_thermal_model             ? 
_refine.aniso_B[1][1]                            ? 
_refine.aniso_B[2][2]                            ? 
_refine.aniso_B[3][3]                            ? 
_refine.aniso_B[1][2]                            ? 
_refine.aniso_B[1][3]                            ? 
_refine.aniso_B[2][3]                            ? 
_refine.correlation_coeff_Fo_to_Fc               ? 
_refine.correlation_coeff_Fo_to_Fc_free          ? 
_refine.overall_SU_R_Cruickshank_DPI             ? 
_refine.pdbx_overall_SU_R_free_Cruickshank_DPI   ? 
_refine.pdbx_overall_SU_R_Blow_DPI               ? 
_refine.pdbx_overall_SU_R_free_Blow_DPI          ? 
_refine.overall_SU_R_free                        ? 
_refine.pdbx_overall_ESU_R                       ? 
_refine.pdbx_overall_ESU_R_Free                  ? 
_refine.overall_SU_ML                            0.2400 
_refine.overall_SU_B                             ? 
_refine.solvent_model_details                    'FLAT BULK SOLVENT MODEL' 
_refine.pdbx_solvent_vdw_probe_radii             1.1100 
_refine.pdbx_solvent_ion_probe_radii             ? 
_refine.pdbx_solvent_shrinkage_radii             0.9000 
_refine.ls_number_parameters                     ? 
_refine.ls_number_restraints                     ? 
_refine.pdbx_starting_model                      3G0L 
_refine.pdbx_method_to_determine_struct          'FOURIER SYNTHESIS' 
_refine.pdbx_stereochemistry_target_values       ML 
_refine.pdbx_stereochem_target_val_spec_case     ? 
_refine.overall_FOM_work_R_set                   ? 
_refine.B_iso_max                                102.880 
_refine.B_iso_min                                16.940 
_refine.pdbx_overall_phase_error                 23.6400 
_refine.occupancy_max                            ? 
_refine.occupancy_min                            ? 
_refine.pdbx_diffrn_id                           1 
_refine.pdbx_TLS_residual_ADP_flag               ? 
_refine.pdbx_ls_sigma_I                          ? 
_refine.pdbx_data_cutoff_high_rms_absF           ? 
_refine.ls_R_factor_R_free_error_details         ? 
# 
_refine_hist.cycle_id                         final 
_refine_hist.pdbx_refine_id                   'X-RAY DIFFRACTION' 
_refine_hist.d_res_high                       1.7820 
_refine_hist.d_res_low                        29.940 
_refine_hist.pdbx_number_atoms_ligand         30 
_refine_hist.number_atoms_solvent             203 
_refine_hist.number_atoms_total               1163 
_refine_hist.pdbx_number_residues_total       115 
_refine_hist.pdbx_B_iso_mean_ligand           38.30 
_refine_hist.pdbx_B_iso_mean_solvent          49.28 
_refine_hist.pdbx_number_atoms_protein        930 
_refine_hist.pdbx_number_atoms_nucleic_acid   0 
# 
loop_
_refine_ls_restr.pdbx_refine_id 
_refine_ls_restr.type 
_refine_ls_restr.number 
_refine_ls_restr.dev_ideal 
_refine_ls_restr.dev_ideal_target 
_refine_ls_restr.weight 
_refine_ls_restr.pdbx_restraint_function 
'X-RAY DIFFRACTION' f_bond_d           1056 0.008  ? ? ? 
'X-RAY DIFFRACTION' f_angle_d          1428 1.064  ? ? ? 
'X-RAY DIFFRACTION' f_chiral_restr     152  0.040  ? ? ? 
'X-RAY DIFFRACTION' f_plane_restr      185  0.005  ? ? ? 
'X-RAY DIFFRACTION' f_dihedral_angle_d 429  13.437 ? ? ? 
# 
loop_
_refine_ls_shell.d_res_high 
_refine_ls_shell.d_res_low 
_refine_ls_shell.pdbx_total_number_of_bins_used 
_refine_ls_shell.percent_reflns_obs 
_refine_ls_shell.number_reflns_R_work 
_refine_ls_shell.R_factor_all 
_refine_ls_shell.R_factor_R_work 
_refine_ls_shell.R_factor_R_free 
_refine_ls_shell.percent_reflns_R_free 
_refine_ls_shell.number_reflns_R_free 
_refine_ls_shell.R_factor_R_free_error 
_refine_ls_shell.number_reflns_all 
_refine_ls_shell.number_reflns_obs 
_refine_ls_shell.pdbx_refine_id 
1.7821 1.8632  8 89.0000  2333 . 0.3475 0.3762 . 117 . 2450 . 'X-RAY DIFFRACTION' 
1.8632 1.9614  8 99.0000  2556 . 0.2838 0.2907 . 147 . 2703 . 'X-RAY DIFFRACTION' 
1.9614 2.0843  8 100.0000 2620 . 0.2180 0.2633 . 124 . 2744 . 'X-RAY DIFFRACTION' 
2.0843 2.2452  8 99.0000  2608 . 0.1872 0.2181 . 131 . 2739 . 'X-RAY DIFFRACTION' 
2.2452 2.4710  8 98.0000  2578 . 0.1729 0.1958 . 129 . 2707 . 'X-RAY DIFFRACTION' 
2.4710 2.8284  8 100.0000 2630 . 0.1758 0.1950 . 129 . 2759 . 'X-RAY DIFFRACTION' 
2.8284 3.5625  8 100.0000 2645 . 0.1714 0.2186 . 163 . 2808 . 'X-RAY DIFFRACTION' 
3.5625 29.9484 8 98.0000  2729 . 0.1409 0.1687 . 140 . 2869 . 'X-RAY DIFFRACTION' 
# 
_struct.entry_id                  5PB9 
_struct.title                     'PanDDA analysis group deposition -- Crystal Structure of BAZ2B in complex with N09521a' 
_struct.pdbx_model_details        ? 
_struct.pdbx_CASP_flag            ? 
_struct.pdbx_model_type_details   ? 
# 
_struct_keywords.entry_id        5PB9 
_struct_keywords.text            'PanDDA, SGC - Diamond I04-1 fragment screening, bromodomain, epigenetics, DNA BINDING PROTEIN' 
_struct_keywords.pdbx_keywords   'DNA BINDING PROTEIN' 
# 
loop_
_struct_asym.id 
_struct_asym.pdbx_blank_PDB_chainid_flag 
_struct_asym.pdbx_modified 
_struct_asym.entity_id 
_struct_asym.details 
A N N 1 ? 
B N N 2 ? 
C N N 2 ? 
D N N 2 ? 
E N N 3 ? 
F N N 4 ? 
# 
_struct_ref.id                         1 
_struct_ref.db_name                    UNP 
_struct_ref.db_code                    BAZ2B_HUMAN 
_struct_ref.pdbx_db_accession          Q9UIF8 
_struct_ref.pdbx_db_isoform            Q9UIF8-2 
_struct_ref.entity_id                  1 
_struct_ref.pdbx_seq_one_letter_code   
;SVKKPKRDDSKDLALCSMILTEMETHEDAWPFLLPVNLKLVPGYKKVIKKPMDFSTIREKLSSGQYPNLETFALDVRLVF
DNCETFNEDDSDIGRAGHNMRKYFEKKWTDTFKVS
;
_struct_ref.pdbx_align_begin           1954 
# 
_struct_ref_seq.align_id                      1 
_struct_ref_seq.ref_id                        1 
_struct_ref_seq.pdbx_PDB_id_code              5PB9 
_struct_ref_seq.pdbx_strand_id                A 
_struct_ref_seq.seq_align_beg                 24 
_struct_ref_seq.pdbx_seq_align_beg_ins_code   ? 
_struct_ref_seq.seq_align_end                 138 
_struct_ref_seq.pdbx_seq_align_end_ins_code   ? 
_struct_ref_seq.pdbx_db_accession             Q9UIF8 
_struct_ref_seq.db_align_beg                  1954 
_struct_ref_seq.pdbx_db_align_beg_ins_code    ? 
_struct_ref_seq.db_align_end                  2068 
_struct_ref_seq.pdbx_db_align_end_ins_code    ? 
_struct_ref_seq.pdbx_auth_seq_align_beg       1858 
_struct_ref_seq.pdbx_auth_seq_align_end       1972 
# 
loop_
_struct_ref_seq_dif.align_id 
_struct_ref_seq_dif.pdbx_pdb_id_code 
_struct_ref_seq_dif.mon_id 
_struct_ref_seq_dif.pdbx_pdb_strand_id 
_struct_ref_seq_dif.seq_num 
_struct_ref_seq_dif.pdbx_pdb_ins_code 
_struct_ref_seq_dif.pdbx_seq_db_name 
_struct_ref_seq_dif.pdbx_seq_db_accession_code 
_struct_ref_seq_dif.db_mon_id 
_struct_ref_seq_dif.pdbx_seq_db_seq_num 
_struct_ref_seq_dif.details 
_struct_ref_seq_dif.pdbx_auth_seq_num 
_struct_ref_seq_dif.pdbx_ordinal 
1 5PB9 MET A 1  ? UNP Q9UIF8 ? ? 'expression tag' 1835 1  
1 5PB9 HIS A 2  ? UNP Q9UIF8 ? ? 'expression tag' 1836 2  
1 5PB9 HIS A 3  ? UNP Q9UIF8 ? ? 'expression tag' 1837 3  
1 5PB9 HIS A 4  ? UNP Q9UIF8 ? ? 'expression tag' 1838 4  
1 5PB9 HIS A 5  ? UNP Q9UIF8 ? ? 'expression tag' 1839 5  
1 5PB9 HIS A 6  ? UNP Q9UIF8 ? ? 'expression tag' 1840 6  
1 5PB9 HIS A 7  ? UNP Q9UIF8 ? ? 'expression tag' 1841 7  
1 5PB9 SER A 8  ? UNP Q9UIF8 ? ? 'expression tag' 1842 8  
1 5PB9 SER A 9  ? UNP Q9UIF8 ? ? 'expression tag' 1843 9  
1 5PB9 GLY A 10 ? UNP Q9UIF8 ? ? 'expression tag' 1844 10 
1 5PB9 VAL A 11 ? UNP Q9UIF8 ? ? 'expression tag' 1845 11 
1 5PB9 ASP A 12 ? UNP Q9UIF8 ? ? 'expression tag' 1846 12 
1 5PB9 LEU A 13 ? UNP Q9UIF8 ? ? 'expression tag' 1847 13 
1 5PB9 GLY A 14 ? UNP Q9UIF8 ? ? 'expression tag' 1848 14 
1 5PB9 THR A 15 ? UNP Q9UIF8 ? ? 'expression tag' 1849 15 
1 5PB9 GLU A 16 ? UNP Q9UIF8 ? ? 'expression tag' 1850 16 
1 5PB9 ASN A 17 ? UNP Q9UIF8 ? ? 'expression tag' 1851 17 
1 5PB9 LEU A 18 ? UNP Q9UIF8 ? ? 'expression tag' 1852 18 
1 5PB9 TYR A 19 ? UNP Q9UIF8 ? ? 'expression tag' 1853 19 
1 5PB9 PHE A 20 ? UNP Q9UIF8 ? ? 'expression tag' 1854 20 
1 5PB9 GLN A 21 ? UNP Q9UIF8 ? ? 'expression tag' 1855 21 
1 5PB9 SER A 22 ? UNP Q9UIF8 ? ? 'expression tag' 1856 22 
1 5PB9 MET A 23 ? UNP Q9UIF8 ? ? 'expression tag' 1857 23 
# 
_pdbx_struct_assembly.id                   1 
_pdbx_struct_assembly.details              author_defined_assembly 
_pdbx_struct_assembly.method_details       ? 
_pdbx_struct_assembly.oligomeric_details   monomeric 
_pdbx_struct_assembly.oligomeric_count     1 
# 
_pdbx_struct_assembly_gen.assembly_id       1 
_pdbx_struct_assembly_gen.oper_expression   1 
_pdbx_struct_assembly_gen.asym_id_list      A,B,C,D,E,F 
# 
_pdbx_struct_oper_list.id                   1 
_pdbx_struct_oper_list.type                 'identity operation' 
_pdbx_struct_oper_list.name                 1_555 
_pdbx_struct_oper_list.symmetry_operation   x,y,z 
_pdbx_struct_oper_list.matrix[1][1]         1.0000000000 
_pdbx_struct_oper_list.matrix[1][2]         0.0000000000 
_pdbx_struct_oper_list.matrix[1][3]         0.0000000000 
_pdbx_struct_oper_list.vector[1]            0.0000000000 
_pdbx_struct_oper_list.matrix[2][1]         0.0000000000 
_pdbx_struct_oper_list.matrix[2][2]         1.0000000000 
_pdbx_struct_oper_list.matrix[2][3]         0.0000000000 
_pdbx_struct_oper_list.vector[2]            0.0000000000 
_pdbx_struct_oper_list.matrix[3][1]         0.0000000000 
_pdbx_struct_oper_list.matrix[3][2]         0.0000000000 
_pdbx_struct_oper_list.matrix[3][3]         1.0000000000 
_pdbx_struct_oper_list.vector[3]            0.0000000000 
# 
loop_
_struct_conf.conf_type_id 
_struct_conf.id 
_struct_conf.pdbx_PDB_helix_id 
_struct_conf.beg_label_comp_id 
_struct_conf.beg_label_asym_id 
_struct_conf.beg_label_seq_id 
_struct_conf.pdbx_beg_PDB_ins_code 
_struct_conf.end_label_comp_id 
_struct_conf.end_label_asym_id 
_struct_conf.end_label_seq_id 
_struct_conf.pdbx_end_PDB_ins_code 
_struct_conf.beg_auth_comp_id 
_struct_conf.beg_auth_asym_id 
_struct_conf.beg_auth_seq_id 
_struct_conf.end_auth_comp_id 
_struct_conf.end_auth_asym_id 
_struct_conf.end_auth_seq_id 
_struct_conf.pdbx_PDB_helix_class 
_struct_conf.details 
_struct_conf.pdbx_PDB_helix_length 
HELX_P HELX_P1 AA1 LYS A 34  ? THR A 48  ? LYS A 1868 THR A 1882 1 ? 15 
HELX_P HELX_P2 AA2 HIS A 49  ? LEU A 56  ? HIS A 1883 LEU A 1890 5 ? 8  
HELX_P HELX_P3 AA3 GLY A 66  ? ILE A 71  ? GLY A 1900 ILE A 1905 1 ? 6  
HELX_P HELX_P4 AA4 ASP A 76  ? SER A 86  ? ASP A 1910 SER A 1920 1 ? 11 
HELX_P HELX_P5 AA5 ASN A 91  ? ASN A 110 ? ASN A 1925 ASN A 1944 1 ? 20 
HELX_P HELX_P6 AA6 SER A 114 ? LYS A 136 ? SER A 1948 LYS A 1970 1 ? 23 
# 
_struct_conf_type.id          HELX_P 
_struct_conf_type.criteria    ? 
_struct_conf_type.reference   ? 
# 
loop_
_struct_site.id 
_struct_site.pdbx_evidence_code 
_struct_site.pdbx_auth_asym_id 
_struct_site.pdbx_auth_comp_id 
_struct_site.pdbx_auth_seq_id 
_struct_site.pdbx_auth_ins_code 
_struct_site.pdbx_num_residues 
_struct_site.details 
AC1 Software A EDO 2001 ? 3  'binding site for residue EDO A 2001' 
AC2 Software A EDO 2002 ? 4  'binding site for residue EDO A 2002' 
AC3 Software A EDO 2003 ? 3  'binding site for residue EDO A 2003' 
AC4 Software A 53C 2004 ? 10 'binding site for residue 53C A 2004' 
# 
loop_
_struct_site_gen.id 
_struct_site_gen.site_id 
_struct_site_gen.pdbx_num_res 
_struct_site_gen.label_comp_id 
_struct_site_gen.label_asym_id 
_struct_site_gen.label_seq_id 
_struct_site_gen.pdbx_auth_ins_code 
_struct_site_gen.auth_comp_id 
_struct_site_gen.auth_asym_id 
_struct_site_gen.auth_seq_id 
_struct_site_gen.label_atom_id 
_struct_site_gen.label_alt_id 
_struct_site_gen.symmetry 
_struct_site_gen.details 
1  AC1 3  ASN A 110 ? ASN A 1944 . ? 1_555 ? 
2  AC1 3  53C E .   ? 53C A 2004 . ? 1_555 ? 
3  AC1 3  HOH F .   ? HOH A 2140 . ? 1_555 ? 
4  AC2 4  MET A 41  ? MET A 1875 . ? 1_555 ? 
5  AC2 4  GLU A 45  ? GLU A 1879 . ? 1_555 ? 
6  AC2 4  LYS A 130 ? LYS A 1964 . ? 1_555 ? 
7  AC2 4  THR A 134 ? THR A 1968 . ? 1_555 ? 
8  AC3 3  HIS A 49  ? HIS A 1883 . ? 1_555 ? 
9  AC3 3  GLU A 50  ? GLU A 1884 . ? 1_555 ? 
10 AC3 3  HOH F .   ? HOH A 2170 . ? 6_555 ? 
11 AC4 10 PRO A 54  ? PRO A 1888 . ? 1_555 ? 
12 AC4 10 ASN A 110 ? ASN A 1944 . ? 1_555 ? 
13 AC4 10 EDO B .   ? EDO A 2001 . ? 1_555 ? 
14 AC4 10 HOH F .   ? HOH A 2116 . ? 1_555 ? 
15 AC4 10 HOH F .   ? HOH A 2140 . ? 1_555 ? 
16 AC4 10 HOH F .   ? HOH A 2189 . ? 1_555 ? 
17 AC4 10 HOH F .   ? HOH A 2217 . ? 1_555 ? 
18 AC4 10 HOH F .   ? HOH A 2242 . ? 1_555 ? 
19 AC4 10 HOH F .   ? HOH A 2261 . ? 1_555 ? 
20 AC4 10 HOH F .   ? HOH A 2262 . ? 1_555 ? 
# 
loop_
_pdbx_validate_close_contact.id 
_pdbx_validate_close_contact.PDB_model_num 
_pdbx_validate_close_contact.auth_atom_id_1 
_pdbx_validate_close_contact.auth_asym_id_1 
_pdbx_validate_close_contact.auth_comp_id_1 
_pdbx_validate_close_contact.auth_seq_id_1 
_pdbx_validate_close_contact.PDB_ins_code_1 
_pdbx_validate_close_contact.label_alt_id_1 
_pdbx_validate_close_contact.auth_atom_id_2 
_pdbx_validate_close_contact.auth_asym_id_2 
_pdbx_validate_close_contact.auth_comp_id_2 
_pdbx_validate_close_contact.auth_seq_id_2 
_pdbx_validate_close_contact.PDB_ins_code_2 
_pdbx_validate_close_contact.label_alt_id_2 
_pdbx_validate_close_contact.dist 
1 1 O A HOH 2212 ? ? O A HOH 2222 ? ? 2.10 
2 1 O A HOH 2145 ? ? O A HOH 2245 ? ? 2.16 
3 1 O A HOH 2238 ? ? O A HOH 2243 ? ? 2.18 
4 1 O A HOH 2215 ? ? O A HOH 2286 ? ? 2.18 
# 
_pdbx_validate_torsion.id              1 
_pdbx_validate_torsion.PDB_model_num   1 
_pdbx_validate_torsion.auth_comp_id    ASP 
_pdbx_validate_torsion.auth_asym_id    A 
_pdbx_validate_torsion.auth_seq_id     1947 
_pdbx_validate_torsion.PDB_ins_code    ? 
_pdbx_validate_torsion.label_alt_id    A 
_pdbx_validate_torsion.phi             -98.15 
_pdbx_validate_torsion.psi             55.83 
# 
_phasing.method   MR 
# 
_pdbx_entry_details.nonpolymer_details       
;<BAZ2BA-x492>
<used_for_statistical_map>yes</used_for_statistical_map>
<smiles_of_compound_added>CC(c1cccc(c1)O)=O</smiles_of_compound_added>
<site1>
<label>None</label>
<coordinate>12.85 42.77 42.77</coordinate>
<smiles>CC(c1cccc(c1)O)=O</smiles>
<confidence>4 - High Confidence</confidence>
<comment>None</comment>
<occupancy>0.64</occupancy>
<B_average>34.153999999999996</B_average>
<B_ratio>1.162764433800568</B_ratio>
<RSCC>0.96999999999999997</RSCC>
<RSR>0.115</RSR>
<RSZD>1.8</RSZD>
<RMSD>0.17028153158813256</RMSD>
</site1>
</BAZ2BA-x492>
;
_pdbx_entry_details.entry_id                 5PB9 
_pdbx_entry_details.compound_details         ? 
_pdbx_entry_details.source_details           ? 
_pdbx_entry_details.sequence_details         ? 
_pdbx_entry_details.has_ligand_of_interest   ? 
# 
loop_
_pdbx_distant_solvent_atoms.id 
_pdbx_distant_solvent_atoms.PDB_model_num 
_pdbx_distant_solvent_atoms.auth_atom_id 
_pdbx_distant_solvent_atoms.label_alt_id 
_pdbx_distant_solvent_atoms.auth_asym_id 
_pdbx_distant_solvent_atoms.auth_comp_id 
_pdbx_distant_solvent_atoms.auth_seq_id 
_pdbx_distant_solvent_atoms.PDB_ins_code 
_pdbx_distant_solvent_atoms.neighbor_macromolecule_distance 
_pdbx_distant_solvent_atoms.neighbor_ligand_distance 
1 1 O ? A HOH 2298 ? 6.14 . 
2 1 O ? A HOH 2299 ? 6.34 . 
3 1 O ? A HOH 2300 ? 6.86 . 
4 1 O ? A HOH 2301 ? 7.51 . 
5 1 O ? A HOH 2302 ? 7.82 . 
# 
loop_
_pdbx_unobs_or_zero_occ_residues.id 
_pdbx_unobs_or_zero_occ_residues.PDB_model_num 
_pdbx_unobs_or_zero_occ_residues.polymer_flag 
_pdbx_unobs_or_zero_occ_residues.occupancy_flag 
_pdbx_unobs_or_zero_occ_residues.auth_asym_id 
_pdbx_unobs_or_zero_occ_residues.auth_comp_id 
_pdbx_unobs_or_zero_occ_residues.auth_seq_id 
_pdbx_unobs_or_zero_occ_residues.PDB_ins_code 
_pdbx_unobs_or_zero_occ_residues.label_asym_id 
_pdbx_unobs_or_zero_occ_residues.label_comp_id 
_pdbx_unobs_or_zero_occ_residues.label_seq_id 
1  1 Y 1 A MET 1835 ? A MET 1   
2  1 Y 1 A HIS 1836 ? A HIS 2   
3  1 Y 1 A HIS 1837 ? A HIS 3   
4  1 Y 1 A HIS 1838 ? A HIS 4   
5  1 Y 1 A HIS 1839 ? A HIS 5   
6  1 Y 1 A HIS 1840 ? A HIS 6   
7  1 Y 1 A HIS 1841 ? A HIS 7   
8  1 Y 1 A SER 1842 ? A SER 8   
9  1 Y 1 A SER 1843 ? A SER 9   
10 1 Y 1 A GLY 1844 ? A GLY 10  
11 1 Y 1 A VAL 1845 ? A VAL 11  
12 1 Y 1 A ASP 1846 ? A ASP 12  
13 1 Y 1 A LEU 1847 ? A LEU 13  
14 1 Y 1 A GLY 1848 ? A GLY 14  
15 1 Y 1 A THR 1849 ? A THR 15  
16 1 Y 1 A GLU 1850 ? A GLU 16  
17 1 Y 1 A ASN 1851 ? A ASN 17  
18 1 Y 1 A LEU 1852 ? A LEU 18  
19 1 Y 1 A TYR 1853 ? A TYR 19  
20 1 Y 1 A PHE 1854 ? A PHE 20  
21 1 Y 1 A GLN 1855 ? A GLN 21  
22 1 Y 1 A VAL 1971 ? A VAL 137 
23 1 Y 1 A SER 1972 ? A SER 138 
# 
loop_
_chem_comp_atom.comp_id 
_chem_comp_atom.atom_id 
_chem_comp_atom.type_symbol 
_chem_comp_atom.pdbx_aromatic_flag 
_chem_comp_atom.pdbx_stereo_config 
_chem_comp_atom.pdbx_ordinal 
53C C01  C N N 1   
53C C02  C N N 2   
53C C03  C Y N 3   
53C C04  C Y N 4   
53C C05  C Y N 5   
53C C06  C Y N 6   
53C C07  C Y N 7   
53C C08  C Y N 8   
53C O09  O N N 9   
53C O10  O N N 10  
53C H1   H N N 11  
53C H2   H N N 12  
53C H3   H N N 13  
53C H4   H N N 14  
53C H5   H N N 15  
53C H6   H N N 16  
53C H7   H N N 17  
53C H8   H N N 18  
ALA N    N N N 19  
ALA CA   C N S 20  
ALA C    C N N 21  
ALA O    O N N 22  
ALA CB   C N N 23  
ALA OXT  O N N 24  
ALA H    H N N 25  
ALA H2   H N N 26  
ALA HA   H N N 27  
ALA HB1  H N N 28  
ALA HB2  H N N 29  
ALA HB3  H N N 30  
ALA HXT  H N N 31  
ARG N    N N N 32  
ARG CA   C N S 33  
ARG C    C N N 34  
ARG O    O N N 35  
ARG CB   C N N 36  
ARG CG   C N N 37  
ARG CD   C N N 38  
ARG NE   N N N 39  
ARG CZ   C N N 40  
ARG NH1  N N N 41  
ARG NH2  N N N 42  
ARG OXT  O N N 43  
ARG H    H N N 44  
ARG H2   H N N 45  
ARG HA   H N N 46  
ARG HB2  H N N 47  
ARG HB3  H N N 48  
ARG HG2  H N N 49  
ARG HG3  H N N 50  
ARG HD2  H N N 51  
ARG HD3  H N N 52  
ARG HE   H N N 53  
ARG HH11 H N N 54  
ARG HH12 H N N 55  
ARG HH21 H N N 56  
ARG HH22 H N N 57  
ARG HXT  H N N 58  
ASN N    N N N 59  
ASN CA   C N S 60  
ASN C    C N N 61  
ASN O    O N N 62  
ASN CB   C N N 63  
ASN CG   C N N 64  
ASN OD1  O N N 65  
ASN ND2  N N N 66  
ASN OXT  O N N 67  
ASN H    H N N 68  
ASN H2   H N N 69  
ASN HA   H N N 70  
ASN HB2  H N N 71  
ASN HB3  H N N 72  
ASN HD21 H N N 73  
ASN HD22 H N N 74  
ASN HXT  H N N 75  
ASP N    N N N 76  
ASP CA   C N S 77  
ASP C    C N N 78  
ASP O    O N N 79  
ASP CB   C N N 80  
ASP CG   C N N 81  
ASP OD1  O N N 82  
ASP OD2  O N N 83  
ASP OXT  O N N 84  
ASP H    H N N 85  
ASP H2   H N N 86  
ASP HA   H N N 87  
ASP HB2  H N N 88  
ASP HB3  H N N 89  
ASP HD2  H N N 90  
ASP HXT  H N N 91  
CYS N    N N N 92  
CYS CA   C N R 93  
CYS C    C N N 94  
CYS O    O N N 95  
CYS CB   C N N 96  
CYS SG   S N N 97  
CYS OXT  O N N 98  
CYS H    H N N 99  
CYS H2   H N N 100 
CYS HA   H N N 101 
CYS HB2  H N N 102 
CYS HB3  H N N 103 
CYS HG   H N N 104 
CYS HXT  H N N 105 
EDO C1   C N N 106 
EDO O1   O N N 107 
EDO C2   C N N 108 
EDO O2   O N N 109 
EDO H11  H N N 110 
EDO H12  H N N 111 
EDO HO1  H N N 112 
EDO H21  H N N 113 
EDO H22  H N N 114 
EDO HO2  H N N 115 
GLN N    N N N 116 
GLN CA   C N S 117 
GLN C    C N N 118 
GLN O    O N N 119 
GLN CB   C N N 120 
GLN CG   C N N 121 
GLN CD   C N N 122 
GLN OE1  O N N 123 
GLN NE2  N N N 124 
GLN OXT  O N N 125 
GLN H    H N N 126 
GLN H2   H N N 127 
GLN HA   H N N 128 
GLN HB2  H N N 129 
GLN HB3  H N N 130 
GLN HG2  H N N 131 
GLN HG3  H N N 132 
GLN HE21 H N N 133 
GLN HE22 H N N 134 
GLN HXT  H N N 135 
GLU N    N N N 136 
GLU CA   C N S 137 
GLU C    C N N 138 
GLU O    O N N 139 
GLU CB   C N N 140 
GLU CG   C N N 141 
GLU CD   C N N 142 
GLU OE1  O N N 143 
GLU OE2  O N N 144 
GLU OXT  O N N 145 
GLU H    H N N 146 
GLU H2   H N N 147 
GLU HA   H N N 148 
GLU HB2  H N N 149 
GLU HB3  H N N 150 
GLU HG2  H N N 151 
GLU HG3  H N N 152 
GLU HE2  H N N 153 
GLU HXT  H N N 154 
GLY N    N N N 155 
GLY CA   C N N 156 
GLY C    C N N 157 
GLY O    O N N 158 
GLY OXT  O N N 159 
GLY H    H N N 160 
GLY H2   H N N 161 
GLY HA2  H N N 162 
GLY HA3  H N N 163 
GLY HXT  H N N 164 
HIS N    N N N 165 
HIS CA   C N S 166 
HIS C    C N N 167 
HIS O    O N N 168 
HIS CB   C N N 169 
HIS CG   C Y N 170 
HIS ND1  N Y N 171 
HIS CD2  C Y N 172 
HIS CE1  C Y N 173 
HIS NE2  N Y N 174 
HIS OXT  O N N 175 
HIS H    H N N 176 
HIS H2   H N N 177 
HIS HA   H N N 178 
HIS HB2  H N N 179 
HIS HB3  H N N 180 
HIS HD1  H N N 181 
HIS HD2  H N N 182 
HIS HE1  H N N 183 
HIS HE2  H N N 184 
HIS HXT  H N N 185 
HOH O    O N N 186 
HOH H1   H N N 187 
HOH H2   H N N 188 
ILE N    N N N 189 
ILE CA   C N S 190 
ILE C    C N N 191 
ILE O    O N N 192 
ILE CB   C N S 193 
ILE CG1  C N N 194 
ILE CG2  C N N 195 
ILE CD1  C N N 196 
ILE OXT  O N N 197 
ILE H    H N N 198 
ILE H2   H N N 199 
ILE HA   H N N 200 
ILE HB   H N N 201 
ILE HG12 H N N 202 
ILE HG13 H N N 203 
ILE HG21 H N N 204 
ILE HG22 H N N 205 
ILE HG23 H N N 206 
ILE HD11 H N N 207 
ILE HD12 H N N 208 
ILE HD13 H N N 209 
ILE HXT  H N N 210 
LEU N    N N N 211 
LEU CA   C N S 212 
LEU C    C N N 213 
LEU O    O N N 214 
LEU CB   C N N 215 
LEU CG   C N N 216 
LEU CD1  C N N 217 
LEU CD2  C N N 218 
LEU OXT  O N N 219 
LEU H    H N N 220 
LEU H2   H N N 221 
LEU HA   H N N 222 
LEU HB2  H N N 223 
LEU HB3  H N N 224 
LEU HG   H N N 225 
LEU HD11 H N N 226 
LEU HD12 H N N 227 
LEU HD13 H N N 228 
LEU HD21 H N N 229 
LEU HD22 H N N 230 
LEU HD23 H N N 231 
LEU HXT  H N N 232 
LYS N    N N N 233 
LYS CA   C N S 234 
LYS C    C N N 235 
LYS O    O N N 236 
LYS CB   C N N 237 
LYS CG   C N N 238 
LYS CD   C N N 239 
LYS CE   C N N 240 
LYS NZ   N N N 241 
LYS OXT  O N N 242 
LYS H    H N N 243 
LYS H2   H N N 244 
LYS HA   H N N 245 
LYS HB2  H N N 246 
LYS HB3  H N N 247 
LYS HG2  H N N 248 
LYS HG3  H N N 249 
LYS HD2  H N N 250 
LYS HD3  H N N 251 
LYS HE2  H N N 252 
LYS HE3  H N N 253 
LYS HZ1  H N N 254 
LYS HZ2  H N N 255 
LYS HZ3  H N N 256 
LYS HXT  H N N 257 
MET N    N N N 258 
MET CA   C N S 259 
MET C    C N N 260 
MET O    O N N 261 
MET CB   C N N 262 
MET CG   C N N 263 
MET SD   S N N 264 
MET CE   C N N 265 
MET OXT  O N N 266 
MET H    H N N 267 
MET H2   H N N 268 
MET HA   H N N 269 
MET HB2  H N N 270 
MET HB3  H N N 271 
MET HG2  H N N 272 
MET HG3  H N N 273 
MET HE1  H N N 274 
MET HE2  H N N 275 
MET HE3  H N N 276 
MET HXT  H N N 277 
PHE N    N N N 278 
PHE CA   C N S 279 
PHE C    C N N 280 
PHE O    O N N 281 
PHE CB   C N N 282 
PHE CG   C Y N 283 
PHE CD1  C Y N 284 
PHE CD2  C Y N 285 
PHE CE1  C Y N 286 
PHE CE2  C Y N 287 
PHE CZ   C Y N 288 
PHE OXT  O N N 289 
PHE H    H N N 290 
PHE H2   H N N 291 
PHE HA   H N N 292 
PHE HB2  H N N 293 
PHE HB3  H N N 294 
PHE HD1  H N N 295 
PHE HD2  H N N 296 
PHE HE1  H N N 297 
PHE HE2  H N N 298 
PHE HZ   H N N 299 
PHE HXT  H N N 300 
PRO N    N N N 301 
PRO CA   C N S 302 
PRO C    C N N 303 
PRO O    O N N 304 
PRO CB   C N N 305 
PRO CG   C N N 306 
PRO CD   C N N 307 
PRO OXT  O N N 308 
PRO H    H N N 309 
PRO HA   H N N 310 
PRO HB2  H N N 311 
PRO HB3  H N N 312 
PRO HG2  H N N 313 
PRO HG3  H N N 314 
PRO HD2  H N N 315 
PRO HD3  H N N 316 
PRO HXT  H N N 317 
SER N    N N N 318 
SER CA   C N S 319 
SER C    C N N 320 
SER O    O N N 321 
SER CB   C N N 322 
SER OG   O N N 323 
SER OXT  O N N 324 
SER H    H N N 325 
SER H2   H N N 326 
SER HA   H N N 327 
SER HB2  H N N 328 
SER HB3  H N N 329 
SER HG   H N N 330 
SER HXT  H N N 331 
THR N    N N N 332 
THR CA   C N S 333 
THR C    C N N 334 
THR O    O N N 335 
THR CB   C N R 336 
THR OG1  O N N 337 
THR CG2  C N N 338 
THR OXT  O N N 339 
THR H    H N N 340 
THR H2   H N N 341 
THR HA   H N N 342 
THR HB   H N N 343 
THR HG1  H N N 344 
THR HG21 H N N 345 
THR HG22 H N N 346 
THR HG23 H N N 347 
THR HXT  H N N 348 
TRP N    N N N 349 
TRP CA   C N S 350 
TRP C    C N N 351 
TRP O    O N N 352 
TRP CB   C N N 353 
TRP CG   C Y N 354 
TRP CD1  C Y N 355 
TRP CD2  C Y N 356 
TRP NE1  N Y N 357 
TRP CE2  C Y N 358 
TRP CE3  C Y N 359 
TRP CZ2  C Y N 360 
TRP CZ3  C Y N 361 
TRP CH2  C Y N 362 
TRP OXT  O N N 363 
TRP H    H N N 364 
TRP H2   H N N 365 
TRP HA   H N N 366 
TRP HB2  H N N 367 
TRP HB3  H N N 368 
TRP HD1  H N N 369 
TRP HE1  H N N 370 
TRP HE3  H N N 371 
TRP HZ2  H N N 372 
TRP HZ3  H N N 373 
TRP HH2  H N N 374 
TRP HXT  H N N 375 
TYR N    N N N 376 
TYR CA   C N S 377 
TYR C    C N N 378 
TYR O    O N N 379 
TYR CB   C N N 380 
TYR CG   C Y N 381 
TYR CD1  C Y N 382 
TYR CD2  C Y N 383 
TYR CE1  C Y N 384 
TYR CE2  C Y N 385 
TYR CZ   C Y N 386 
TYR OH   O N N 387 
TYR OXT  O N N 388 
TYR H    H N N 389 
TYR H2   H N N 390 
TYR HA   H N N 391 
TYR HB2  H N N 392 
TYR HB3  H N N 393 
TYR HD1  H N N 394 
TYR HD2  H N N 395 
TYR HE1  H N N 396 
TYR HE2  H N N 397 
TYR HH   H N N 398 
TYR HXT  H N N 399 
VAL N    N N N 400 
VAL CA   C N S 401 
VAL C    C N N 402 
VAL O    O N N 403 
VAL CB   C N N 404 
VAL CG1  C N N 405 
VAL CG2  C N N 406 
VAL OXT  O N N 407 
VAL H    H N N 408 
VAL H2   H N N 409 
VAL HA   H N N 410 
VAL HB   H N N 411 
VAL HG11 H N N 412 
VAL HG12 H N N 413 
VAL HG13 H N N 414 
VAL HG21 H N N 415 
VAL HG22 H N N 416 
VAL HG23 H N N 417 
VAL HXT  H N N 418 
# 
loop_
_chem_comp_bond.comp_id 
_chem_comp_bond.atom_id_1 
_chem_comp_bond.atom_id_2 
_chem_comp_bond.value_order 
_chem_comp_bond.pdbx_aromatic_flag 
_chem_comp_bond.pdbx_stereo_config 
_chem_comp_bond.pdbx_ordinal 
53C C05 C04  doub Y N 1   
53C C05 C06  sing Y N 2   
53C C04 C03  sing Y N 3   
53C C01 C02  sing N N 4   
53C C06 C07  doub Y N 5   
53C C03 C02  sing N N 6   
53C C03 C08  doub Y N 7   
53C C02 O10  doub N N 8   
53C C07 C08  sing Y N 9   
53C C07 O09  sing N N 10  
53C C01 H1   sing N N 11  
53C C01 H2   sing N N 12  
53C C01 H3   sing N N 13  
53C C04 H4   sing N N 14  
53C C05 H5   sing N N 15  
53C C06 H6   sing N N 16  
53C C08 H7   sing N N 17  
53C O09 H8   sing N N 18  
ALA N   CA   sing N N 19  
ALA N   H    sing N N 20  
ALA N   H2   sing N N 21  
ALA CA  C    sing N N 22  
ALA CA  CB   sing N N 23  
ALA CA  HA   sing N N 24  
ALA C   O    doub N N 25  
ALA C   OXT  sing N N 26  
ALA CB  HB1  sing N N 27  
ALA CB  HB2  sing N N 28  
ALA CB  HB3  sing N N 29  
ALA OXT HXT  sing N N 30  
ARG N   CA   sing N N 31  
ARG N   H    sing N N 32  
ARG N   H2   sing N N 33  
ARG CA  C    sing N N 34  
ARG CA  CB   sing N N 35  
ARG CA  HA   sing N N 36  
ARG C   O    doub N N 37  
ARG C   OXT  sing N N 38  
ARG CB  CG   sing N N 39  
ARG CB  HB2  sing N N 40  
ARG CB  HB3  sing N N 41  
ARG CG  CD   sing N N 42  
ARG CG  HG2  sing N N 43  
ARG CG  HG3  sing N N 44  
ARG CD  NE   sing N N 45  
ARG CD  HD2  sing N N 46  
ARG CD  HD3  sing N N 47  
ARG NE  CZ   sing N N 48  
ARG NE  HE   sing N N 49  
ARG CZ  NH1  sing N N 50  
ARG CZ  NH2  doub N N 51  
ARG NH1 HH11 sing N N 52  
ARG NH1 HH12 sing N N 53  
ARG NH2 HH21 sing N N 54  
ARG NH2 HH22 sing N N 55  
ARG OXT HXT  sing N N 56  
ASN N   CA   sing N N 57  
ASN N   H    sing N N 58  
ASN N   H2   sing N N 59  
ASN CA  C    sing N N 60  
ASN CA  CB   sing N N 61  
ASN CA  HA   sing N N 62  
ASN C   O    doub N N 63  
ASN C   OXT  sing N N 64  
ASN CB  CG   sing N N 65  
ASN CB  HB2  sing N N 66  
ASN CB  HB3  sing N N 67  
ASN CG  OD1  doub N N 68  
ASN CG  ND2  sing N N 69  
ASN ND2 HD21 sing N N 70  
ASN ND2 HD22 sing N N 71  
ASN OXT HXT  sing N N 72  
ASP N   CA   sing N N 73  
ASP N   H    sing N N 74  
ASP N   H2   sing N N 75  
ASP CA  C    sing N N 76  
ASP CA  CB   sing N N 77  
ASP CA  HA   sing N N 78  
ASP C   O    doub N N 79  
ASP C   OXT  sing N N 80  
ASP CB  CG   sing N N 81  
ASP CB  HB2  sing N N 82  
ASP CB  HB3  sing N N 83  
ASP CG  OD1  doub N N 84  
ASP CG  OD2  sing N N 85  
ASP OD2 HD2  sing N N 86  
ASP OXT HXT  sing N N 87  
CYS N   CA   sing N N 88  
CYS N   H    sing N N 89  
CYS N   H2   sing N N 90  
CYS CA  C    sing N N 91  
CYS CA  CB   sing N N 92  
CYS CA  HA   sing N N 93  
CYS C   O    doub N N 94  
CYS C   OXT  sing N N 95  
CYS CB  SG   sing N N 96  
CYS CB  HB2  sing N N 97  
CYS CB  HB3  sing N N 98  
CYS SG  HG   sing N N 99  
CYS OXT HXT  sing N N 100 
EDO C1  O1   sing N N 101 
EDO C1  C2   sing N N 102 
EDO C1  H11  sing N N 103 
EDO C1  H12  sing N N 104 
EDO O1  HO1  sing N N 105 
EDO C2  O2   sing N N 106 
EDO C2  H21  sing N N 107 
EDO C2  H22  sing N N 108 
EDO O2  HO2  sing N N 109 
GLN N   CA   sing N N 110 
GLN N   H    sing N N 111 
GLN N   H2   sing N N 112 
GLN CA  C    sing N N 113 
GLN CA  CB   sing N N 114 
GLN CA  HA   sing N N 115 
GLN C   O    doub N N 116 
GLN C   OXT  sing N N 117 
GLN CB  CG   sing N N 118 
GLN CB  HB2  sing N N 119 
GLN CB  HB3  sing N N 120 
GLN CG  CD   sing N N 121 
GLN CG  HG2  sing N N 122 
GLN CG  HG3  sing N N 123 
GLN CD  OE1  doub N N 124 
GLN CD  NE2  sing N N 125 
GLN NE2 HE21 sing N N 126 
GLN NE2 HE22 sing N N 127 
GLN OXT HXT  sing N N 128 
GLU N   CA   sing N N 129 
GLU N   H    sing N N 130 
GLU N   H2   sing N N 131 
GLU CA  C    sing N N 132 
GLU CA  CB   sing N N 133 
GLU CA  HA   sing N N 134 
GLU C   O    doub N N 135 
GLU C   OXT  sing N N 136 
GLU CB  CG   sing N N 137 
GLU CB  HB2  sing N N 138 
GLU CB  HB3  sing N N 139 
GLU CG  CD   sing N N 140 
GLU CG  HG2  sing N N 141 
GLU CG  HG3  sing N N 142 
GLU CD  OE1  doub N N 143 
GLU CD  OE2  sing N N 144 
GLU OE2 HE2  sing N N 145 
GLU OXT HXT  sing N N 146 
GLY N   CA   sing N N 147 
GLY N   H    sing N N 148 
GLY N   H2   sing N N 149 
GLY CA  C    sing N N 150 
GLY CA  HA2  sing N N 151 
GLY CA  HA3  sing N N 152 
GLY C   O    doub N N 153 
GLY C   OXT  sing N N 154 
GLY OXT HXT  sing N N 155 
HIS N   CA   sing N N 156 
HIS N   H    sing N N 157 
HIS N   H2   sing N N 158 
HIS CA  C    sing N N 159 
HIS CA  CB   sing N N 160 
HIS CA  HA   sing N N 161 
HIS C   O    doub N N 162 
HIS C   OXT  sing N N 163 
HIS CB  CG   sing N N 164 
HIS CB  HB2  sing N N 165 
HIS CB  HB3  sing N N 166 
HIS CG  ND1  sing Y N 167 
HIS CG  CD2  doub Y N 168 
HIS ND1 CE1  doub Y N 169 
HIS ND1 HD1  sing N N 170 
HIS CD2 NE2  sing Y N 171 
HIS CD2 HD2  sing N N 172 
HIS CE1 NE2  sing Y N 173 
HIS CE1 HE1  sing N N 174 
HIS NE2 HE2  sing N N 175 
HIS OXT HXT  sing N N 176 
HOH O   H1   sing N N 177 
HOH O   H2   sing N N 178 
ILE N   CA   sing N N 179 
ILE N   H    sing N N 180 
ILE N   H2   sing N N 181 
ILE CA  C    sing N N 182 
ILE CA  CB   sing N N 183 
ILE CA  HA   sing N N 184 
ILE C   O    doub N N 185 
ILE C   OXT  sing N N 186 
ILE CB  CG1  sing N N 187 
ILE CB  CG2  sing N N 188 
ILE CB  HB   sing N N 189 
ILE CG1 CD1  sing N N 190 
ILE CG1 HG12 sing N N 191 
ILE CG1 HG13 sing N N 192 
ILE CG2 HG21 sing N N 193 
ILE CG2 HG22 sing N N 194 
ILE CG2 HG23 sing N N 195 
ILE CD1 HD11 sing N N 196 
ILE CD1 HD12 sing N N 197 
ILE CD1 HD13 sing N N 198 
ILE OXT HXT  sing N N 199 
LEU N   CA   sing N N 200 
LEU N   H    sing N N 201 
LEU N   H2   sing N N 202 
LEU CA  C    sing N N 203 
LEU CA  CB   sing N N 204 
LEU CA  HA   sing N N 205 
LEU C   O    doub N N 206 
LEU C   OXT  sing N N 207 
LEU CB  CG   sing N N 208 
LEU CB  HB2  sing N N 209 
LEU CB  HB3  sing N N 210 
LEU CG  CD1  sing N N 211 
LEU CG  CD2  sing N N 212 
LEU CG  HG   sing N N 213 
LEU CD1 HD11 sing N N 214 
LEU CD1 HD12 sing N N 215 
LEU CD1 HD13 sing N N 216 
LEU CD2 HD21 sing N N 217 
LEU CD2 HD22 sing N N 218 
LEU CD2 HD23 sing N N 219 
LEU OXT HXT  sing N N 220 
LYS N   CA   sing N N 221 
LYS N   H    sing N N 222 
LYS N   H2   sing N N 223 
LYS CA  C    sing N N 224 
LYS CA  CB   sing N N 225 
LYS CA  HA   sing N N 226 
LYS C   O    doub N N 227 
LYS C   OXT  sing N N 228 
LYS CB  CG   sing N N 229 
LYS CB  HB2  sing N N 230 
LYS CB  HB3  sing N N 231 
LYS CG  CD   sing N N 232 
LYS CG  HG2  sing N N 233 
LYS CG  HG3  sing N N 234 
LYS CD  CE   sing N N 235 
LYS CD  HD2  sing N N 236 
LYS CD  HD3  sing N N 237 
LYS CE  NZ   sing N N 238 
LYS CE  HE2  sing N N 239 
LYS CE  HE3  sing N N 240 
LYS NZ  HZ1  sing N N 241 
LYS NZ  HZ2  sing N N 242 
LYS NZ  HZ3  sing N N 243 
LYS OXT HXT  sing N N 244 
MET N   CA   sing N N 245 
MET N   H    sing N N 246 
MET N   H2   sing N N 247 
MET CA  C    sing N N 248 
MET CA  CB   sing N N 249 
MET CA  HA   sing N N 250 
MET C   O    doub N N 251 
MET C   OXT  sing N N 252 
MET CB  CG   sing N N 253 
MET CB  HB2  sing N N 254 
MET CB  HB3  sing N N 255 
MET CG  SD   sing N N 256 
MET CG  HG2  sing N N 257 
MET CG  HG3  sing N N 258 
MET SD  CE   sing N N 259 
MET CE  HE1  sing N N 260 
MET CE  HE2  sing N N 261 
MET CE  HE3  sing N N 262 
MET OXT HXT  sing N N 263 
PHE N   CA   sing N N 264 
PHE N   H    sing N N 265 
PHE N   H2   sing N N 266 
PHE CA  C    sing N N 267 
PHE CA  CB   sing N N 268 
PHE CA  HA   sing N N 269 
PHE C   O    doub N N 270 
PHE C   OXT  sing N N 271 
PHE CB  CG   sing N N 272 
PHE CB  HB2  sing N N 273 
PHE CB  HB3  sing N N 274 
PHE CG  CD1  doub Y N 275 
PHE CG  CD2  sing Y N 276 
PHE CD1 CE1  sing Y N 277 
PHE CD1 HD1  sing N N 278 
PHE CD2 CE2  doub Y N 279 
PHE CD2 HD2  sing N N 280 
PHE CE1 CZ   doub Y N 281 
PHE CE1 HE1  sing N N 282 
PHE CE2 CZ   sing Y N 283 
PHE CE2 HE2  sing N N 284 
PHE CZ  HZ   sing N N 285 
PHE OXT HXT  sing N N 286 
PRO N   CA   sing N N 287 
PRO N   CD   sing N N 288 
PRO N   H    sing N N 289 
PRO CA  C    sing N N 290 
PRO CA  CB   sing N N 291 
PRO CA  HA   sing N N 292 
PRO C   O    doub N N 293 
PRO C   OXT  sing N N 294 
PRO CB  CG   sing N N 295 
PRO CB  HB2  sing N N 296 
PRO CB  HB3  sing N N 297 
PRO CG  CD   sing N N 298 
PRO CG  HG2  sing N N 299 
PRO CG  HG3  sing N N 300 
PRO CD  HD2  sing N N 301 
PRO CD  HD3  sing N N 302 
PRO OXT HXT  sing N N 303 
SER N   CA   sing N N 304 
SER N   H    sing N N 305 
SER N   H2   sing N N 306 
SER CA  C    sing N N 307 
SER CA  CB   sing N N 308 
SER CA  HA   sing N N 309 
SER C   O    doub N N 310 
SER C   OXT  sing N N 311 
SER CB  OG   sing N N 312 
SER CB  HB2  sing N N 313 
SER CB  HB3  sing N N 314 
SER OG  HG   sing N N 315 
SER OXT HXT  sing N N 316 
THR N   CA   sing N N 317 
THR N   H    sing N N 318 
THR N   H2   sing N N 319 
THR CA  C    sing N N 320 
THR CA  CB   sing N N 321 
THR CA  HA   sing N N 322 
THR C   O    doub N N 323 
THR C   OXT  sing N N 324 
THR CB  OG1  sing N N 325 
THR CB  CG2  sing N N 326 
THR CB  HB   sing N N 327 
THR OG1 HG1  sing N N 328 
THR CG2 HG21 sing N N 329 
THR CG2 HG22 sing N N 330 
THR CG2 HG23 sing N N 331 
THR OXT HXT  sing N N 332 
TRP N   CA   sing N N 333 
TRP N   H    sing N N 334 
TRP N   H2   sing N N 335 
TRP CA  C    sing N N 336 
TRP CA  CB   sing N N 337 
TRP CA  HA   sing N N 338 
TRP C   O    doub N N 339 
TRP C   OXT  sing N N 340 
TRP CB  CG   sing N N 341 
TRP CB  HB2  sing N N 342 
TRP CB  HB3  sing N N 343 
TRP CG  CD1  doub Y N 344 
TRP CG  CD2  sing Y N 345 
TRP CD1 NE1  sing Y N 346 
TRP CD1 HD1  sing N N 347 
TRP CD2 CE2  doub Y N 348 
TRP CD2 CE3  sing Y N 349 
TRP NE1 CE2  sing Y N 350 
TRP NE1 HE1  sing N N 351 
TRP CE2 CZ2  sing Y N 352 
TRP CE3 CZ3  doub Y N 353 
TRP CE3 HE3  sing N N 354 
TRP CZ2 CH2  doub Y N 355 
TRP CZ2 HZ2  sing N N 356 
TRP CZ3 CH2  sing Y N 357 
TRP CZ3 HZ3  sing N N 358 
TRP CH2 HH2  sing N N 359 
TRP OXT HXT  sing N N 360 
TYR N   CA   sing N N 361 
TYR N   H    sing N N 362 
TYR N   H2   sing N N 363 
TYR CA  C    sing N N 364 
TYR CA  CB   sing N N 365 
TYR CA  HA   sing N N 366 
TYR C   O    doub N N 367 
TYR C   OXT  sing N N 368 
TYR CB  CG   sing N N 369 
TYR CB  HB2  sing N N 370 
TYR CB  HB3  sing N N 371 
TYR CG  CD1  doub Y N 372 
TYR CG  CD2  sing Y N 373 
TYR CD1 CE1  sing Y N 374 
TYR CD1 HD1  sing N N 375 
TYR CD2 CE2  doub Y N 376 
TYR CD2 HD2  sing N N 377 
TYR CE1 CZ   doub Y N 378 
TYR CE1 HE1  sing N N 379 
TYR CE2 CZ   sing Y N 380 
TYR CE2 HE2  sing N N 381 
TYR CZ  OH   sing N N 382 
TYR OH  HH   sing N N 383 
TYR OXT HXT  sing N N 384 
VAL N   CA   sing N N 385 
VAL N   H    sing N N 386 
VAL N   H2   sing N N 387 
VAL CA  C    sing N N 388 
VAL CA  CB   sing N N 389 
VAL CA  HA   sing N N 390 
VAL C   O    doub N N 391 
VAL C   OXT  sing N N 392 
VAL CB  CG1  sing N N 393 
VAL CB  CG2  sing N N 394 
VAL CB  HB   sing N N 395 
VAL CG1 HG11 sing N N 396 
VAL CG1 HG12 sing N N 397 
VAL CG1 HG13 sing N N 398 
VAL CG2 HG21 sing N N 399 
VAL CG2 HG22 sing N N 400 
VAL CG2 HG23 sing N N 401 
VAL OXT HXT  sing N N 402 
# 
_pdbx_deposit_group.group_id            G_1002018 
_pdbx_deposit_group.group_description   
;bromodomain of human BAZ2B screened against the ZENOBIA Fragment Library by X-ray Crystallography at the XChem
facility of Diamond Light Source beamline I04-1. Check out the PanDDA event maps at
https://zenodo.org/record/290199/files/0_index.html
;
_pdbx_deposit_group.group_title         'PanDDA analysis group deposition of models with modelled events (e.g. bound ligands)' 
_pdbx_deposit_group.group_type          'changed state' 
# 
_atom_sites.entry_id                    5PB9 
_atom_sites.fract_transf_matrix[1][1]   0.01130732 
_atom_sites.fract_transf_matrix[1][2]   0.00431033 
_atom_sites.fract_transf_matrix[1][3]   -0.00178535 
_atom_sites.fract_transf_matrix[2][1]   0.00365179 
_atom_sites.fract_transf_matrix[2][2]   -0.00666450 
_atom_sites.fract_transf_matrix[2][3]   0.00703826 
_atom_sites.fract_transf_matrix[3][1]   0.00251551 
_atom_sites.fract_transf_matrix[3][2]   -0.01174673 
_atom_sites.fract_transf_matrix[3][3]   -0.01242810 
_atom_sites.fract_transf_vector[1]      0.287541 
_atom_sites.fract_transf_vector[2]      0.289117 
_atom_sites.fract_transf_vector[3]      0.469194 
# 
loop_
_atom_type.symbol 
C 
H 
N 
O 
S 
# 
loop_
_atom_site.group_PDB 
_atom_site.id 
_atom_site.type_symbol 
_atom_site.label_atom_id 
_atom_site.label_alt_id 
_atom_site.label_comp_id 
_atom_site.label_asym_id 
_atom_site.label_entity_id 
_atom_site.label_seq_id 
_atom_site.pdbx_PDB_ins_code 
_atom_site.Cartn_x 
_atom_site.Cartn_y 
_atom_site.Cartn_z 
_atom_site.occupancy 
_atom_site.B_iso_or_equiv 
_atom_site.pdbx_formal_charge 
_atom_site.auth_seq_id 
_atom_site.auth_comp_id 
_atom_site.auth_asym_id 
_atom_site.auth_atom_id 
_atom_site.pdbx_PDB_model_num 
ATOM   1    N N   . SER A 1 22  ? 21.307  22.509  -2.715  1.00 32.83  ? 1856 SER A N   1 
ATOM   2    C CA  . SER A 1 22  ? 21.825  23.085  -1.473  1.00 39.50  ? 1856 SER A CA  1 
ATOM   3    C C   . SER A 1 22  ? 21.240  24.484  -1.298  1.00 40.01  ? 1856 SER A C   1 
ATOM   4    O O   . SER A 1 22  ? 20.403  24.902  -2.093  1.00 32.69  ? 1856 SER A O   1 
ATOM   5    C CB  . SER A 1 22  ? 23.355  23.122  -1.495  1.00 24.05  ? 1856 SER A CB  1 
ATOM   6    O OG  . SER A 1 22  ? 23.809  24.082  -2.435  1.00 29.49  ? 1856 SER A OG  1 
ATOM   7    N N   . MET A 1 23  ? 21.681  25.208  -0.271  1.00 33.82  ? 1857 MET A N   1 
ATOM   8    C CA  . MET A 1 23  ? 21.094  26.507  0.060   1.00 33.15  ? 1857 MET A CA  1 
ATOM   9    C C   . MET A 1 23  ? 21.023  27.459  -1.132  1.00 37.14  ? 1857 MET A C   1 
ATOM   10   O O   . MET A 1 23  ? 22.046  27.823  -1.711  1.00 30.39  ? 1857 MET A O   1 
ATOM   11   C CB  . MET A 1 23  ? 21.879  27.170  1.200   1.00 34.01  ? 1857 MET A CB  1 
ATOM   12   C CG  . MET A 1 23  ? 21.163  28.344  1.824   1.00 27.68  ? 1857 MET A CG  1 
ATOM   13   S SD  . MET A 1 23  ? 22.154  29.259  3.046   1.00 30.23  ? 1857 MET A SD  1 
ATOM   14   C CE  . MET A 1 23  ? 23.078  27.954  3.853   1.00 30.65  ? 1857 MET A CE  1 
ATOM   15   N N   . SER A 1 24  ? 19.802  27.858  -1.492  1.00 32.06  ? 1858 SER A N   1 
ATOM   16   C CA  . SER A 1 24  ? 19.564  28.763  -2.624  1.00 31.22  ? 1858 SER A CA  1 
ATOM   17   C C   . SER A 1 24  ? 19.944  28.137  -3.977  1.00 36.42  ? 1858 SER A C   1 
ATOM   18   O O   . SER A 1 24  ? 20.172  28.847  -4.961  1.00 41.09  ? 1858 SER A O   1 
ATOM   19   C CB  . SER A 1 24  ? 20.333  30.077  -2.434  1.00 37.18  ? 1858 SER A CB  1 
ATOM   20   O OG  . SER A 1 24  ? 19.961  30.721  -1.225  1.00 35.44  ? 1858 SER A OG  1 
ATOM   21   N N   . VAL A 1 25  ? 20.034  26.816  -4.019  1.00 34.54  ? 1859 VAL A N   1 
ATOM   22   C CA  . VAL A 1 25  ? 20.311  26.104  -5.266  1.00 37.79  ? 1859 VAL A CA  1 
ATOM   23   C C   . VAL A 1 25  ? 19.258  25.022  -5.414  1.00 41.74  ? 1859 VAL A C   1 
ATOM   24   O O   . VAL A 1 25  ? 19.394  23.937  -4.851  1.00 41.16  ? 1859 VAL A O   1 
ATOM   25   C CB  . VAL A 1 25  ? 21.726  25.475  -5.295  1.00 39.75  ? 1859 VAL A CB  1 
ATOM   26   C CG1 . VAL A 1 25  ? 21.938  24.672  -6.584  1.00 36.97  ? 1859 VAL A CG1 1 
ATOM   27   C CG2 . VAL A 1 25  ? 22.777  26.543  -5.169  1.00 29.91  ? 1859 VAL A CG2 1 
ATOM   28   N N   . LYS A 1 26  ? 18.198  25.327  -6.157  1.00 44.54  ? 1860 LYS A N   1 
ATOM   29   C CA  . LYS A 1 26  ? 17.045  24.435  -6.221  1.00 50.19  ? 1860 LYS A CA  1 
ATOM   30   C C   . LYS A 1 26  ? 16.983  23.612  -7.496  1.00 40.59  ? 1860 LYS A C   1 
ATOM   31   O O   . LYS A 1 26  ? 17.169  24.123  -8.597  1.00 34.25  ? 1860 LYS A O   1 
ATOM   32   C CB  . LYS A 1 26  ? 15.747  25.239  -6.068  1.00 52.54  ? 1860 LYS A CB  1 
ATOM   33   C CG  . LYS A 1 26  ? 15.601  26.384  -7.053  1.00 60.75  ? 1860 LYS A CG  1 
ATOM   34   C CD  . LYS A 1 26  ? 15.299  27.704  -6.342  1.00 72.73  ? 1860 LYS A CD  1 
ATOM   35   C CE  . LYS A 1 26  ? 16.468  28.161  -5.467  1.00 62.11  ? 1860 LYS A CE  1 
ATOM   36   N NZ  . LYS A 1 26  ? 16.825  29.602  -5.686  1.00 64.87  ? 1860 LYS A NZ  1 
ATOM   37   N N   . LYS A 1 27  ? 16.725  22.324  -7.313  1.00 38.53  ? 1861 LYS A N   1 
ATOM   38   C CA  . LYS A 1 27  ? 16.444  21.397  -8.393  1.00 41.97  ? 1861 LYS A CA  1 
ATOM   39   C C   . LYS A 1 27  ? 15.066  21.717  -8.973  1.00 44.67  ? 1861 LYS A C   1 
ATOM   40   O O   . LYS A 1 27  ? 14.193  22.191  -8.250  1.00 45.86  ? 1861 LYS A O   1 
ATOM   41   C CB  . LYS A 1 27  ? 16.479  19.963  -7.856  1.00 54.16  ? 1861 LYS A CB  1 
ATOM   42   C CG  . LYS A 1 27  ? 17.150  18.937  -8.745  1.00 55.88  ? 1861 LYS A CG  1 
ATOM   43   C CD  . LYS A 1 27  ? 16.529  17.555  -8.537  1.00 59.32  ? 1861 LYS A CD  1 
ATOM   44   C CE  . LYS A 1 27  ? 17.580  16.456  -8.402  1.00 55.36  ? 1861 LYS A CE  1 
ATOM   45   N NZ  . LYS A 1 27  ? 18.052  16.315  -6.998  1.00 62.46  ? 1861 LYS A NZ  1 
ATOM   46   N N   A PRO A 1 28  ? 14.862  21.478  -10.279 0.43 45.65  ? 1862 PRO A N   1 
ATOM   47   N N   B PRO A 1 28  ? 14.886  21.478  -10.277 0.57 45.66  ? 1862 PRO A N   1 
ATOM   48   C CA  A PRO A 1 28  ? 13.586  21.814  -10.939 0.43 46.25  ? 1862 PRO A CA  1 
ATOM   49   C CA  B PRO A 1 28  ? 13.509  21.383  -10.759 0.57 48.35  ? 1862 PRO A CA  1 
ATOM   50   C C   A PRO A 1 28  ? 12.359  21.237  -10.220 0.43 47.18  ? 1862 PRO A C   1 
ATOM   51   C C   B PRO A 1 28  ? 12.862  20.181  -10.077 0.57 43.80  ? 1862 PRO A C   1 
ATOM   52   O O   A PRO A 1 28  ? 12.421  20.114  -9.724  0.43 43.58  ? 1862 PRO A O   1 
ATOM   53   O O   B PRO A 1 28  ? 13.568  19.211  -9.789  0.57 37.23  ? 1862 PRO A O   1 
ATOM   54   C CB  A PRO A 1 28  ? 13.743  21.193  -12.329 0.43 47.76  ? 1862 PRO A CB  1 
ATOM   55   C CB  B PRO A 1 28  ? 13.666  21.178  -12.268 0.57 47.75  ? 1862 PRO A CB  1 
ATOM   56   C CG  A PRO A 1 28  ? 15.223  21.197  -12.566 0.43 47.81  ? 1862 PRO A CG  1 
ATOM   57   C CG  B PRO A 1 28  ? 15.040  21.730  -12.581 0.57 47.01  ? 1862 PRO A CG  1 
ATOM   58   C CD  A PRO A 1 28  ? 15.847  20.922  -11.225 0.43 47.13  ? 1862 PRO A CD  1 
ATOM   59   C CD  B PRO A 1 28  ? 15.870  21.411  -11.372 0.57 47.15  ? 1862 PRO A CD  1 
ATOM   60   N N   A LYS A 1 29  ? 11.266  21.997  -10.171 0.43 41.30  ? 1863 LYS A N   1 
ATOM   61   N N   B LYS A 1 29  ? 11.564  20.249  -9.801  0.57 44.22  ? 1863 LYS A N   1 
ATOM   62   C CA  A LYS A 1 29  ? 10.100  21.620  -9.370  0.43 49.82  ? 1863 LYS A CA  1 
ATOM   63   C CA  B LYS A 1 29  ? 10.889  19.178  -9.068  0.57 45.78  ? 1863 LYS A CA  1 
ATOM   64   C C   A LYS A 1 29  ? 9.120   20.684  -10.089 0.43 44.43  ? 1863 LYS A C   1 
ATOM   65   C C   B LYS A 1 29  ? 9.564   18.801  -9.720  0.57 44.27  ? 1863 LYS A C   1 
ATOM   66   O O   A LYS A 1 29  ? 8.361   21.121  -10.953 0.43 48.28  ? 1863 LYS A O   1 
ATOM   67   O O   B LYS A 1 29  ? 8.995   19.584  -10.482 0.57 42.66  ? 1863 LYS A O   1 
ATOM   68   C CB  A LYS A 1 29  ? 9.356   22.877  -8.916  0.43 48.29  ? 1863 LYS A CB  1 
ATOM   69   C CB  B LYS A 1 29  ? 10.653  19.592  -7.612  0.57 41.21  ? 1863 LYS A CB  1 
ATOM   70   N N   A ARG A 1 30  ? 9.137   19.403  -9.718  0.43 44.70  ? 1864 ARG A N   1 
ATOM   71   N N   B ARG A 1 30  ? 9.084   17.598  -9.410  0.57 47.93  ? 1864 ARG A N   1 
ATOM   72   C CA  A ARG A 1 30  ? 8.174   18.428  -10.243 0.43 51.75  ? 1864 ARG A CA  1 
ATOM   73   C CA  B ARG A 1 30  ? 7.777   17.127  -9.870  0.57 45.62  ? 1864 ARG A CA  1 
ATOM   74   C C   A ARG A 1 30  ? 6.769   18.769  -9.755  0.43 48.46  ? 1864 ARG A C   1 
ATOM   75   C C   B ARG A 1 30  ? 6.646   18.084  -9.524  0.57 42.46  ? 1864 ARG A C   1 
ATOM   76   O O   A ARG A 1 30  ? 6.608   19.429  -8.727  0.43 49.71  ? 1864 ARG A O   1 
ATOM   77   O O   B ARG A 1 30  ? 6.592   18.602  -8.411  0.57 44.96  ? 1864 ARG A O   1 
ATOM   78   C CB  A ARG A 1 30  ? 8.543   17.003  -9.822  0.43 49.18  ? 1864 ARG A CB  1 
ATOM   79   C CB  B ARG A 1 30  ? 7.438   15.766  -9.246  0.57 48.30  ? 1864 ARG A CB  1 
ATOM   80   C CG  A ARG A 1 30  ? 7.511   15.956  -10.227 0.43 44.36  ? 1864 ARG A CG  1 
ATOM   81   C CG  B ARG A 1 30  ? 8.316   14.599  -9.641  0.57 51.10  ? 1864 ARG A CG  1 
ATOM   82   C CD  A ARG A 1 30  ? 7.436   14.814  -9.214  0.43 44.43  ? 1864 ARG A CD  1 
ATOM   83   C CD  B ARG A 1 30  ? 7.737   13.299  -9.072  0.57 45.76  ? 1864 ARG A CD  1 
ATOM   84   N NE  A ARG A 1 30  ? 6.305   13.926  -9.479  0.43 47.35  ? 1864 ARG A NE  1 
ATOM   85   N NE  B ARG A 1 30  ? 6.353   13.087  -9.503  0.57 40.12  ? 1864 ARG A NE  1 
ATOM   86   C CZ  A ARG A 1 30  ? 5.225   13.832  -8.706  0.43 42.05  ? 1864 ARG A CZ  1 
ATOM   87   C CZ  B ARG A 1 30  ? 5.280   13.280  -8.736  0.57 40.91  ? 1864 ARG A CZ  1 
ATOM   88   N NH1 A ARG A 1 30  ? 5.124   14.564  -7.603  0.43 37.06  ? 1864 ARG A NH1 1 
ATOM   89   N NH1 B ARG A 1 30  ? 4.067   13.066  -9.232  0.57 38.58  ? 1864 ARG A NH1 1 
ATOM   90   N NH2 A ARG A 1 30  ? 4.246   12.998  -9.033  0.43 38.97  ? 1864 ARG A NH2 1 
ATOM   91   N NH2 B ARG A 1 30  ? 5.411   13.682  -7.474  0.57 31.43  ? 1864 ARG A NH2 1 
ATOM   92   N N   . ASP A 1 31  ? 5.751   18.318  -10.483 1.00 49.35  ? 1865 ASP A N   1 
ATOM   93   C CA  . ASP A 1 31  ? 4.394   18.758  -10.174 1.00 52.60  ? 1865 ASP A CA  1 
ATOM   94   C C   . ASP A 1 31  ? 3.721   17.697  -9.304  1.00 45.38  ? 1865 ASP A C   1 
ATOM   95   O O   . ASP A 1 31  ? 3.436   16.593  -9.780  1.00 40.39  ? 1865 ASP A O   1 
ATOM   96   C CB  . ASP A 1 31  ? 3.580   18.994  -11.450 1.00 50.36  ? 1865 ASP A CB  1 
ATOM   97   C CG  . ASP A 1 31  ? 2.226   19.638  -11.175 1.00 53.05  ? 1865 ASP A CG  1 
ATOM   98   O OD1 . ASP A 1 31  ? 1.841   19.768  -9.991  1.00 49.44  ? 1865 ASP A OD1 1 
ATOM   99   O OD2 . ASP A 1 31  ? 1.536   20.011  -12.150 1.00 58.93  ? 1865 ASP A OD2 1 
ATOM   100  N N   . ASP A 1 32  ? 3.473   18.020  -8.036  1.00 43.50  ? 1866 ASP A N   1 
ATOM   101  C CA  . ASP A 1 32  ? 2.888   17.046  -7.112  1.00 39.99  ? 1866 ASP A CA  1 
ATOM   102  C C   . ASP A 1 32  ? 1.432   17.349  -6.767  1.00 40.92  ? 1866 ASP A C   1 
ATOM   103  O O   . ASP A 1 32  ? 0.865   16.737  -5.862  1.00 35.65  ? 1866 ASP A O   1 
ATOM   104  C CB  . ASP A 1 32  ? 3.719   16.975  -5.823  1.00 37.13  ? 1866 ASP A CB  1 
ATOM   105  C CG  . ASP A 1 32  ? 3.733   18.288  -5.058  1.00 44.46  ? 1866 ASP A CG  1 
ATOM   106  O OD1 . ASP A 1 32  ? 3.279   19.314  -5.608  1.00 44.98  ? 1866 ASP A OD1 1 
ATOM   107  O OD2 . ASP A 1 32  ? 4.215   18.295  -3.906  1.00 45.53  ? 1866 ASP A OD2 1 
ATOM   108  N N   . SER A 1 33  ? 0.823   18.280  -7.492  1.00 35.38  ? 1867 SER A N   1 
ATOM   109  C CA  . SER A 1 33  ? -0.494  18.784  -7.112  1.00 40.33  ? 1867 SER A CA  1 
ATOM   110  C C   . SER A 1 33  ? -1.596  17.735  -7.277  1.00 33.16  ? 1867 SER A C   1 
ATOM   111  O O   . SER A 1 33  ? -2.635  17.816  -6.618  1.00 42.54  ? 1867 SER A O   1 
ATOM   112  C CB  . SER A 1 33  ? -0.840  20.034  -7.925  1.00 45.72  ? 1867 SER A CB  1 
ATOM   113  O OG  . SER A 1 33  ? -0.936  19.735  -9.305  1.00 46.27  ? 1867 SER A OG  1 
ATOM   114  N N   . LYS A 1 34  ? -1.370  16.758  -8.149  1.00 35.75  ? 1868 LYS A N   1 
ATOM   115  C CA  . LYS A 1 34  ? -2.370  15.720  -8.385  1.00 33.62  ? 1868 LYS A CA  1 
ATOM   116  C C   . LYS A 1 34  ? -2.081  14.425  -7.624  1.00 31.88  ? 1868 LYS A C   1 
ATOM   117  O O   . LYS A 1 34  ? -2.802  13.452  -7.790  1.00 28.56  ? 1868 LYS A O   1 
ATOM   118  C CB  . LYS A 1 34  ? -2.471  15.411  -9.875  1.00 36.08  ? 1868 LYS A CB  1 
ATOM   119  C CG  . LYS A 1 34  ? -3.031  16.563  -10.708 1.00 43.73  ? 1868 LYS A CG  1 
ATOM   120  C CD  . LYS A 1 34  ? -3.038  16.200  -12.182 1.00 52.66  ? 1868 LYS A CD  1 
ATOM   121  N N   . ASP A 1 35  ? -1.025  14.412  -6.812  1.00 30.40  ? 1869 ASP A N   1 
ATOM   122  C CA  . ASP A 1 35  ? -0.580  13.175  -6.142  1.00 29.42  ? 1869 ASP A CA  1 
ATOM   123  C C   . ASP A 1 35  ? -1.646  12.586  -5.216  1.00 29.99  ? 1869 ASP A C   1 
ATOM   124  O O   . ASP A 1 35  ? -1.907  11.375  -5.234  1.00 28.38  ? 1869 ASP A O   1 
ATOM   125  C CB  . ASP A 1 35  ? 0.716   13.433  -5.354  1.00 28.14  ? 1869 ASP A CB  1 
ATOM   126  C CG  . ASP A 1 35  ? 1.927   13.588  -6.260  1.00 34.87  ? 1869 ASP A CG  1 
ATOM   127  O OD1 . ASP A 1 35  ? 1.742   13.523  -7.493  1.00 31.49  ? 1869 ASP A OD1 1 
ATOM   128  O OD2 . ASP A 1 35  ? 3.055   13.778  -5.744  1.00 31.63  ? 1869 ASP A OD2 1 
ATOM   129  N N   . LEU A 1 36  ? -2.268  13.444  -4.416  1.00 27.17  ? 1870 LEU A N   1 
ATOM   130  C CA  . LEU A 1 36  ? -3.299  13.000  -3.477  1.00 30.29  ? 1870 LEU A CA  1 
ATOM   131  C C   . LEU A 1 36  ? -4.433  12.262  -4.200  1.00 33.36  ? 1870 LEU A C   1 
ATOM   132  O O   . LEU A 1 36  ? -4.787  11.140  -3.835  1.00 31.47  ? 1870 LEU A O   1 
ATOM   133  C CB  . LEU A 1 36  ? -3.857  14.184  -2.685  1.00 32.06  ? 1870 LEU A CB  1 
ATOM   134  C CG  . LEU A 1 36  ? -4.907  13.801  -1.633  1.00 40.96  ? 1870 LEU A CG  1 
ATOM   135  C CD1 . LEU A 1 36  ? -4.283  12.922  -0.552  1.00 29.10  ? 1870 LEU A CD1 1 
ATOM   136  C CD2 . LEU A 1 36  ? -5.556  15.041  -1.025  1.00 39.98  ? 1870 LEU A CD2 1 
ATOM   137  N N   . ALA A 1 37  ? -4.975  12.888  -5.238  1.00 29.59  ? 1871 ALA A N   1 
ATOM   138  C CA  . ALA A 1 37  ? -6.059  12.310  -6.028  1.00 29.31  ? 1871 ALA A CA  1 
ATOM   139  C C   . ALA A 1 37  ? -5.670  11.022  -6.751  1.00 33.65  ? 1871 ALA A C   1 
ATOM   140  O O   . ALA A 1 37  ? -6.477  10.097  -6.862  1.00 32.88  ? 1871 ALA A O   1 
ATOM   141  C CB  . ALA A 1 37  ? -6.567  13.343  -7.047  1.00 32.75  ? 1871 ALA A CB  1 
ATOM   142  N N   . LEU A 1 38  ? -4.450  10.971  -7.279  1.00 29.40  ? 1872 LEU A N   1 
ATOM   143  C CA  . LEU A 1 38  ? -3.986  9.770   -7.965  1.00 31.31  ? 1872 LEU A CA  1 
ATOM   144  C C   . LEU A 1 38  ? -3.753  8.595   -6.993  1.00 28.95  ? 1872 LEU A C   1 
ATOM   145  O O   . LEU A 1 38  ? -4.110  7.445   -7.298  1.00 26.82  ? 1872 LEU A O   1 
ATOM   146  C CB  . LEU A 1 38  ? -2.708  10.077  -8.753  1.00 26.71  ? 1872 LEU A CB  1 
ATOM   147  C CG  . LEU A 1 38  ? -2.938  11.017  -9.947  1.00 33.56  ? 1872 LEU A CG  1 
ATOM   148  C CD1 . LEU A 1 38  ? -1.620  11.588  -10.468 1.00 35.77  ? 1872 LEU A CD1 1 
ATOM   149  C CD2 . LEU A 1 38  ? -3.681  10.275  -11.047 1.00 34.14  ? 1872 LEU A CD2 1 
ATOM   150  N N   . CYS A 1 39  ? -3.168  8.873   -5.833  1.00 21.89  ? 1873 CYS A N   1 
ATOM   151  C CA  . CYS A 1 39  ? -3.028  7.825   -4.816  1.00 25.18  ? 1873 CYS A CA  1 
ATOM   152  C C   . CYS A 1 39  ? -4.394  7.291   -4.358  1.00 24.76  ? 1873 CYS A C   1 
ATOM   153  O O   . CYS A 1 39  ? -4.554  6.093   -4.117  1.00 25.78  ? 1873 CYS A O   1 
ATOM   154  C CB  . CYS A 1 39  ? -2.265  8.334   -3.602  1.00 22.17  ? 1873 CYS A CB  1 
ATOM   155  S SG  . CYS A 1 39  ? -0.487  8.530   -3.907  1.00 25.78  ? 1873 CYS A SG  1 
ATOM   156  N N   . SER A 1 40  ? -5.358  8.195   -4.229  1.00 26.72  ? 1874 SER A N   1 
ATOM   157  C CA  . SER A 1 40  ? -6.708  7.794   -3.838  1.00 25.25  ? 1874 SER A CA  1 
ATOM   158  C C   . SER A 1 40  ? -7.326  6.884   -4.902  1.00 27.65  ? 1874 SER A C   1 
ATOM   159  O O   . SER A 1 40  ? -8.001  5.901   -4.573  1.00 29.31  ? 1874 SER A O   1 
ATOM   160  C CB  . SER A 1 40  ? -7.593  9.023   -3.599  1.00 31.83  ? 1874 SER A CB  1 
ATOM   161  O OG  . SER A 1 40  ? -8.925  8.630   -3.313  1.00 34.81  ? 1874 SER A OG  1 
ATOM   162  N N   . MET A 1 41  ? -7.121  7.221   -6.176  1.00 27.51  ? 1875 MET A N   1 
ATOM   163  C CA  A MET A 1 41  ? -7.630  6.384   -7.259  0.66 29.60  ? 1875 MET A CA  1 
ATOM   164  C CA  B MET A 1 41  ? -7.592  6.395   -7.290  0.34 29.67  ? 1875 MET A CA  1 
ATOM   165  C C   . MET A 1 41  ? -6.958  5.009   -7.259  1.00 31.85  ? 1875 MET A C   1 
ATOM   166  O O   . MET A 1 41  ? -7.625  3.994   -7.426  1.00 28.52  ? 1875 MET A O   1 
ATOM   167  C CB  A MET A 1 41  ? -7.443  7.077   -8.618  0.66 30.21  ? 1875 MET A CB  1 
ATOM   168  C CB  B MET A 1 41  ? -7.286  7.073   -8.634  0.34 30.32  ? 1875 MET A CB  1 
ATOM   169  C CG  A MET A 1 41  ? -8.371  8.273   -8.832  0.66 30.72  ? 1875 MET A CG  1 
ATOM   170  C CG  B MET A 1 41  ? -7.580  6.210   -9.854  0.34 33.02  ? 1875 MET A CG  1 
ATOM   171  S SD  A MET A 1 41  ? -8.018  9.180   -10.355 0.66 40.52  ? 1875 MET A SD  1 
ATOM   172  S SD  B MET A 1 41  ? -6.116  5.448   -10.597 0.34 46.12  ? 1875 MET A SD  1 
ATOM   173  C CE  A MET A 1 41  ? -8.240  7.888   -11.573 0.66 29.61  ? 1875 MET A CE  1 
ATOM   174  C CE  B MET A 1 41  ? -5.355  6.862   -11.400 0.34 33.87  ? 1875 MET A CE  1 
ATOM   175  N N   . ILE A 1 42  ? -5.645  4.969   -7.065  1.00 23.09  ? 1876 ILE A N   1 
ATOM   176  C CA  . ILE A 1 42  ? -4.950  3.688   -6.995  1.00 25.63  ? 1876 ILE A CA  1 
ATOM   177  C C   . ILE A 1 42  ? -5.506  2.848   -5.823  1.00 25.09  ? 1876 ILE A C   1 
ATOM   178  O O   . ILE A 1 42  ? -5.741  1.638   -5.959  1.00 24.94  ? 1876 ILE A O   1 
ATOM   179  C CB  . ILE A 1 42  ? -3.423  3.893   -6.857  1.00 26.23  ? 1876 ILE A CB  1 
ATOM   180  C CG1 . ILE A 1 42  ? -2.872  4.565   -8.120  1.00 24.85  ? 1876 ILE A CG1 1 
ATOM   181  C CG2 . ILE A 1 42  ? -2.703  2.553   -6.643  1.00 26.92  ? 1876 ILE A CG2 1 
ATOM   182  C CD1 . ILE A 1 42  ? -1.343  4.830   -8.070  1.00 25.55  ? 1876 ILE A CD1 1 
ATOM   183  N N   . LEU A 1 43  ? -5.731  3.496   -4.691  1.00 23.96  ? 1877 LEU A N   1 
ATOM   184  C CA  . LEU A 1 43  ? -6.161  2.787   -3.491  1.00 24.32  ? 1877 LEU A CA  1 
ATOM   185  C C   . LEU A 1 43  ? -7.564  2.239   -3.727  1.00 24.16  ? 1877 LEU A C   1 
ATOM   186  O O   . LEU A 1 43  ? -7.868  1.118   -3.324  1.00 26.39  ? 1877 LEU A O   1 
ATOM   187  C CB  . LEU A 1 43  ? -6.125  3.700   -2.269  1.00 24.39  ? 1877 LEU A CB  1 
ATOM   188  C CG  . LEU A 1 43  ? -6.448  3.080   -0.908  1.00 26.91  ? 1877 LEU A CG  1 
ATOM   189  C CD1 . LEU A 1 43  ? -5.583  1.862   -0.647  1.00 25.38  ? 1877 LEU A CD1 1 
ATOM   190  C CD2 . LEU A 1 43  ? -6.265  4.121   0.210   1.00 26.40  ? 1877 LEU A CD2 1 
ATOM   191  N N   . THR A 1 44  ? -8.398  3.018   -4.421  1.00 22.94  ? 1878 THR A N   1 
ATOM   192  C CA  . THR A 1 44  ? -9.746  2.540   -4.780  1.00 25.07  ? 1878 THR A CA  1 
ATOM   193  C C   . THR A 1 44  ? -9.657  1.294   -5.644  1.00 27.14  ? 1878 THR A C   1 
ATOM   194  O O   . THR A 1 44  ? -10.384 0.325   -5.425  1.00 27.87  ? 1878 THR A O   1 
ATOM   195  C CB  . THR A 1 44  ? -10.561 3.607   -5.518  1.00 31.97  ? 1878 THR A CB  1 
ATOM   196  O OG1 . THR A 1 44  ? -10.835 4.681   -4.622  1.00 30.14  ? 1878 THR A OG1 1 
ATOM   197  C CG2 . THR A 1 44  ? -11.886 3.017   -6.026  1.00 32.04  ? 1878 THR A CG2 1 
ATOM   198  N N   . GLU A 1 45  ? -8.743  1.297   -6.609  1.00 27.13  ? 1879 GLU A N   1 
ATOM   199  C CA  . GLU A 1 45  ? -8.586  0.130   -7.467  1.00 28.05  ? 1879 GLU A CA  1 
ATOM   200  C C   . GLU A 1 45  ? -8.102  -1.067  -6.662  1.00 28.15  ? 1879 GLU A C   1 
ATOM   201  O O   . GLU A 1 45  ? -8.472  -2.200  -6.948  1.00 27.74  ? 1879 GLU A O   1 
ATOM   202  C CB  . GLU A 1 45  ? -7.636  0.439   -8.630  1.00 26.59  ? 1879 GLU A CB  1 
ATOM   203  C CG  . GLU A 1 45  ? -8.253  1.476   -9.578  1.00 34.02  ? 1879 GLU A CG  1 
ATOM   204  C CD  . GLU A 1 45  ? -7.274  2.056   -10.593 1.00 47.02  ? 1879 GLU A CD  1 
ATOM   205  O OE1 . GLU A 1 45  ? -6.084  1.679   -10.580 1.00 54.36  ? 1879 GLU A OE1 1 
ATOM   206  O OE2 . GLU A 1 45  ? -7.707  2.905   -11.399 1.00 61.28  ? 1879 GLU A OE2 1 
ATOM   207  N N   . MET A 1 46  ? -7.283  -0.829  -5.647  1.00 22.74  ? 1880 MET A N   1 
ATOM   208  C CA  A MET A 1 46  ? -6.839  -1.954  -4.835  0.54 21.77  ? 1880 MET A CA  1 
ATOM   209  C CA  B MET A 1 46  ? -6.821  -1.894  -4.759  0.46 21.88  ? 1880 MET A CA  1 
ATOM   210  C C   . MET A 1 46  ? -7.975  -2.444  -3.943  1.00 26.07  ? 1880 MET A C   1 
ATOM   211  O O   . MET A 1 46  ? -8.158  -3.658  -3.809  1.00 25.06  ? 1880 MET A O   1 
ATOM   212  C CB  A MET A 1 46  ? -5.612  -1.584  -4.004  0.54 27.05  ? 1880 MET A CB  1 
ATOM   213  C CB  B MET A 1 46  ? -5.735  -1.372  -3.815  0.46 26.50  ? 1880 MET A CB  1 
ATOM   214  C CG  A MET A 1 46  ? -4.360  -1.394  -4.856  0.54 23.79  ? 1880 MET A CG  1 
ATOM   215  C CG  B MET A 1 46  ? -4.535  -0.796  -4.533  0.46 26.24  ? 1880 MET A CG  1 
ATOM   216  S SD  A MET A 1 46  ? -2.857  -1.334  -3.874  0.54 25.28  ? 1880 MET A SD  1 
ATOM   217  S SD  B MET A 1 46  ? -3.657  -2.097  -5.401  0.46 21.17  ? 1880 MET A SD  1 
ATOM   218  C CE  A MET A 1 46  ? -3.110  0.181   -2.959  0.54 20.60  ? 1880 MET A CE  1 
ATOM   219  C CE  B MET A 1 46  ? -2.724  -2.833  -4.057  0.46 29.54  ? 1880 MET A CE  1 
ATOM   220  N N   . GLU A 1 47  ? -8.737  -1.512  -3.367  1.00 22.37  ? 1881 GLU A N   1 
ATOM   221  C CA  . GLU A 1 47  ? -9.862  -1.851  -2.481  1.00 28.30  ? 1881 GLU A CA  1 
ATOM   222  C C   . GLU A 1 47  ? -10.909 -2.722  -3.178  1.00 31.55  ? 1881 GLU A C   1 
ATOM   223  O O   . GLU A 1 47  ? -11.576 -3.549  -2.534  1.00 26.18  ? 1881 GLU A O   1 
ATOM   224  C CB  . GLU A 1 47  ? -10.518 -0.566  -1.935  1.00 26.42  ? 1881 GLU A CB  1 
ATOM   225  C CG  . GLU A 1 47  ? -9.708  0.135   -0.833  1.00 24.79  ? 1881 GLU A CG  1 
ATOM   226  C CD  . GLU A 1 47  ? -10.115 1.590   -0.623  1.00 29.69  ? 1881 GLU A CD  1 
ATOM   227  O OE1 . GLU A 1 47  ? -10.715 2.186   -1.538  1.00 31.28  ? 1881 GLU A OE1 1 
ATOM   228  O OE2 . GLU A 1 47  ? -9.816  2.152   0.454   1.00 30.48  ? 1881 GLU A OE2 1 
ATOM   229  N N   . THR A 1 48  ? -11.044 -2.550  -4.491  1.00 27.33  ? 1882 THR A N   1 
ATOM   230  C CA  . THR A 1 48  ? -12.099 -3.233  -5.249  1.00 27.96  ? 1882 THR A CA  1 
ATOM   231  C C   . THR A 1 48  ? -11.614 -4.470  -6.007  1.00 32.37  ? 1882 THR A C   1 
ATOM   232  O O   . THR A 1 48  ? -12.403 -5.159  -6.652  1.00 36.12  ? 1882 THR A O   1 
ATOM   233  C CB  . THR A 1 48  ? -12.780 -2.258  -6.246  1.00 30.56  ? 1882 THR A CB  1 
ATOM   234  O OG1 . THR A 1 48  ? -11.798 -1.677  -7.108  1.00 34.26  ? 1882 THR A OG1 1 
ATOM   235  C CG2 . THR A 1 48  ? -13.482 -1.142  -5.496  1.00 33.61  ? 1882 THR A CG2 1 
ATOM   236  N N   . HIS A 1 49  ? -10.323 -4.770  -5.913  1.00 24.38  ? 1883 HIS A N   1 
ATOM   237  C CA  . HIS A 1 49  ? -9.767  -5.982  -6.502  1.00 25.40  ? 1883 HIS A CA  1 
ATOM   238  C C   . HIS A 1 49  ? -10.338 -7.216  -5.786  1.00 31.01  ? 1883 HIS A C   1 
ATOM   239  O O   . HIS A 1 49  ? -10.513 -7.205  -4.566  1.00 30.24  ? 1883 HIS A O   1 
ATOM   240  C CB  . HIS A 1 49  ? -8.243  -5.928  -6.401  1.00 24.90  ? 1883 HIS A CB  1 
ATOM   241  C CG  . HIS A 1 49  ? -7.528  -6.979  -7.189  1.00 27.42  ? 1883 HIS A CG  1 
ATOM   242  N ND1 . HIS A 1 49  ? -7.686  -8.327  -6.950  1.00 26.10  ? 1883 HIS A ND1 1 
ATOM   243  C CD2 . HIS A 1 49  ? -6.608  -6.876  -8.178  1.00 24.43  ? 1883 HIS A CD2 1 
ATOM   244  C CE1 . HIS A 1 49  ? -6.914  -9.012  -7.774  1.00 26.69  ? 1883 HIS A CE1 1 
ATOM   245  N NE2 . HIS A 1 49  ? -6.239  -8.156  -8.523  1.00 34.19  ? 1883 HIS A NE2 1 
ATOM   246  N N   . GLU A 1 50  ? -10.634 -8.276  -6.532  1.00 32.53  ? 1884 GLU A N   1 
ATOM   247  C CA  A GLU A 1 50  ? -11.259 -9.440  -5.916  0.51 29.84  ? 1884 GLU A CA  1 
ATOM   248  C CA  B GLU A 1 50  ? -11.224 -9.481  -5.961  0.49 29.82  ? 1884 GLU A CA  1 
ATOM   249  C C   . GLU A 1 50  ? -10.333 -10.111 -4.899  1.00 31.03  ? 1884 GLU A C   1 
ATOM   250  O O   . GLU A 1 50  ? -10.812 -10.735 -3.954  1.00 34.24  ? 1884 GLU A O   1 
ATOM   251  C CB  A GLU A 1 50  ? -11.722 -10.455 -6.978  0.51 35.00  ? 1884 GLU A CB  1 
ATOM   252  C CB  B GLU A 1 50  ? -11.513 -10.504 -7.064  0.49 34.55  ? 1884 GLU A CB  1 
ATOM   253  C CG  A GLU A 1 50  ? -10.631 -11.264 -7.653  0.51 27.13  ? 1884 GLU A CG  1 
ATOM   254  C CG  B GLU A 1 50  ? -12.050 -11.826 -6.549  0.49 34.65  ? 1884 GLU A CG  1 
ATOM   255  C CD  A GLU A 1 50  ? -11.183 -12.469 -8.411  0.51 38.30  ? 1884 GLU A CD  1 
ATOM   256  C CD  B GLU A 1 50  ? -12.234 -12.845 -7.657  0.49 36.62  ? 1884 GLU A CD  1 
ATOM   257  O OE1 A GLU A 1 50  ? -11.404 -13.522 -7.777  0.51 41.13  ? 1884 GLU A OE1 1 
ATOM   258  O OE1 B GLU A 1 50  ? -11.870 -14.020 -7.446  0.49 44.03  ? 1884 GLU A OE1 1 
ATOM   259  O OE2 A GLU A 1 50  ? -11.402 -12.367 -9.636  0.51 36.81  ? 1884 GLU A OE2 1 
ATOM   260  O OE2 B GLU A 1 50  ? -12.734 -12.467 -8.738  0.49 40.62  ? 1884 GLU A OE2 1 
ATOM   261  N N   . ASP A 1 51  ? -9.019  -9.963  -5.061  1.00 26.34  ? 1885 ASP A N   1 
ATOM   262  C CA  . ASP A 1 51  ? -8.107  -10.582 -4.104  1.00 25.69  ? 1885 ASP A CA  1 
ATOM   263  C C   . ASP A 1 51  ? -7.743  -9.646  -2.943  1.00 22.93  ? 1885 ASP A C   1 
ATOM   264  O O   . ASP A 1 51  ? -6.830  -9.947  -2.189  1.00 23.81  ? 1885 ASP A O   1 
ATOM   265  C CB  . ASP A 1 51  ? -6.826  -11.061 -4.793  1.00 25.84  ? 1885 ASP A CB  1 
ATOM   266  C CG  . ASP A 1 51  ? -7.072  -12.204 -5.784  1.00 32.40  ? 1885 ASP A CG  1 
ATOM   267  O OD1 . ASP A 1 51  ? -8.116  -12.889 -5.695  1.00 28.54  ? 1885 ASP A OD1 1 
ATOM   268  O OD2 . ASP A 1 51  ? -6.204  -12.429 -6.648  1.00 28.61  ? 1885 ASP A OD2 1 
ATOM   269  N N   . ALA A 1 52  ? -8.473  -8.544  -2.776  1.00 20.53  ? 1886 ALA A N   1 
ATOM   270  C CA  . ALA A 1 52  ? -8.176  -7.598  -1.685  1.00 23.03  ? 1886 ALA A CA  1 
ATOM   271  C C   . ALA A 1 52  ? -8.649  -8.063  -0.300  1.00 26.07  ? 1886 ALA A C   1 
ATOM   272  O O   . ALA A 1 52  ? -8.289  -7.462  0.707   1.00 24.23  ? 1886 ALA A O   1 
ATOM   273  C CB  . ALA A 1 52  ? -8.791  -6.238  -1.980  1.00 24.85  ? 1886 ALA A CB  1 
ATOM   274  N N   . TRP A 1 53  ? -9.469  -9.105  -0.248  1.00 27.44  ? 1887 TRP A N   1 
ATOM   275  C CA  . TRP A 1 53  ? -10.195 -9.411  0.989   1.00 29.68  ? 1887 TRP A CA  1 
ATOM   276  C C   . TRP A 1 53  ? -9.325  -9.666  2.235   1.00 24.12  ? 1887 TRP A C   1 
ATOM   277  O O   . TRP A 1 53  ? -9.774  -9.375  3.348   1.00 26.78  ? 1887 TRP A O   1 
ATOM   278  C CB  . TRP A 1 53  ? -11.147 -10.604 0.773   1.00 33.41  ? 1887 TRP A CB  1 
ATOM   279  C CG  . TRP A 1 53  ? -10.485 -11.826 0.271   1.00 28.18  ? 1887 TRP A CG  1 
ATOM   280  C CD1 . TRP A 1 53  ? -10.346 -12.203 -1.035  1.00 28.32  ? 1887 TRP A CD1 1 
ATOM   281  C CD2 . TRP A 1 53  ? -9.870  -12.856 1.057   1.00 30.26  ? 1887 TRP A CD2 1 
ATOM   282  N NE1 . TRP A 1 53  ? -9.667  -13.395 -1.108  1.00 30.96  ? 1887 TRP A NE1 1 
ATOM   283  C CE2 . TRP A 1 53  ? -9.365  -13.819 0.161   1.00 33.10  ? 1887 TRP A CE2 1 
ATOM   284  C CE3 . TRP A 1 53  ? -9.689  -13.050 2.433   1.00 30.04  ? 1887 TRP A CE3 1 
ATOM   285  C CZ2 . TRP A 1 53  ? -8.689  -14.964 0.593   1.00 38.27  ? 1887 TRP A CZ2 1 
ATOM   286  C CZ3 . TRP A 1 53  ? -9.016  -14.187 2.861   1.00 32.16  ? 1887 TRP A CZ3 1 
ATOM   287  C CH2 . TRP A 1 53  ? -8.529  -15.132 1.942   1.00 37.37  ? 1887 TRP A CH2 1 
ATOM   288  N N   . PRO A 1 54  ? -8.095  -10.203 2.082   1.00 20.56  ? 1888 PRO A N   1 
ATOM   289  C CA  . PRO A 1 54  ? -7.316  -10.379 3.318   1.00 22.51  ? 1888 PRO A CA  1 
ATOM   290  C C   . PRO A 1 54  ? -6.798  -9.062  3.891   1.00 26.33  ? 1888 PRO A C   1 
ATOM   291  O O   . PRO A 1 54  ? -6.341  -9.057  5.031   1.00 22.58  ? 1888 PRO A O   1 
ATOM   292  C CB  . PRO A 1 54  ? -6.120  -11.255 2.884   1.00 23.22  ? 1888 PRO A CB  1 
ATOM   293  C CG  . PRO A 1 54  ? -6.484  -11.787 1.499   1.00 28.44  ? 1888 PRO A CG  1 
ATOM   294  C CD  . PRO A 1 54  ? -7.388  -10.742 0.902   1.00 24.65  ? 1888 PRO A CD  1 
ATOM   295  N N   . PHE A 1 55  ? -6.873  -7.981  3.110   1.00 22.14  ? 1889 PHE A N   1 
ATOM   296  C CA  . PHE A 1 55  ? -6.151  -6.734  3.409   1.00 23.22  ? 1889 PHE A CA  1 
ATOM   297  C C   . PHE A 1 55  ? -7.059  -5.527  3.681   1.00 25.55  ? 1889 PHE A C   1 
ATOM   298  O O   . PHE A 1 55  ? -6.580  -4.414  3.916   1.00 23.26  ? 1889 PHE A O   1 
ATOM   299  C CB  . PHE A 1 55  ? -5.202  -6.417  2.235   1.00 22.94  ? 1889 PHE A CB  1 
ATOM   300  C CG  . PHE A 1 55  ? -4.399  -7.613  1.776   1.00 22.40  ? 1889 PHE A CG  1 
ATOM   301  C CD1 . PHE A 1 55  ? -3.459  -8.202  2.623   1.00 22.95  ? 1889 PHE A CD1 1 
ATOM   302  C CD2 . PHE A 1 55  ? -4.593  -8.158  0.515   1.00 22.07  ? 1889 PHE A CD2 1 
ATOM   303  C CE1 . PHE A 1 55  ? -2.733  -9.312  2.226   1.00 22.00  ? 1889 PHE A CE1 1 
ATOM   304  C CE2 . PHE A 1 55  ? -3.865  -9.272  0.103   1.00 23.05  ? 1889 PHE A CE2 1 
ATOM   305  C CZ  . PHE A 1 55  ? -2.937  -9.849  0.960   1.00 23.78  ? 1889 PHE A CZ  1 
ATOM   306  N N   . LEU A 1 56  ? -8.375  -5.740  3.638   1.00 22.36  ? 1890 LEU A N   1 
ATOM   307  C CA  . LEU A 1 56  ? -9.316  -4.630  3.734   1.00 24.83  ? 1890 LEU A CA  1 
ATOM   308  C C   . LEU A 1 56  ? -9.389  -4.037  5.137   1.00 28.78  ? 1890 LEU A C   1 
ATOM   309  O O   . LEU A 1 56  ? -9.563  -2.831  5.289   1.00 29.19  ? 1890 LEU A O   1 
ATOM   310  C CB  . LEU A 1 56  ? -10.709 -5.077  3.295   1.00 25.40  ? 1890 LEU A CB  1 
ATOM   311  C CG  . LEU A 1 56  ? -10.810 -5.436  1.818   1.00 33.72  ? 1890 LEU A CG  1 
ATOM   312  C CD1 . LEU A 1 56  ? -12.203 -5.948  1.501   1.00 30.20  ? 1890 LEU A CD1 1 
ATOM   313  C CD2 . LEU A 1 56  ? -10.453 -4.227  0.938   1.00 29.01  ? 1890 LEU A CD2 1 
ATOM   314  N N   . LEU A 1 57  ? -9.261  -4.887  6.152   1.00 26.03  ? 1891 LEU A N   1 
ATOM   315  C CA  . LEU A 1 57  ? -9.302  -4.458  7.548   1.00 26.69  ? 1891 LEU A CA  1 
ATOM   316  C C   . LEU A 1 57  ? -8.071  -4.921  8.323   1.00 25.96  ? 1891 LEU A C   1 
ATOM   317  O O   . LEU A 1 57  ? -7.381  -5.856  7.909   1.00 24.48  ? 1891 LEU A O   1 
ATOM   318  C CB  . LEU A 1 57  ? -10.567 -4.999  8.227   1.00 29.02  ? 1891 LEU A CB  1 
ATOM   319  C CG  . LEU A 1 57  ? -11.905 -4.633  7.589   1.00 32.54  ? 1891 LEU A CG  1 
ATOM   320  C CD1 . LEU A 1 57  ? -13.042 -5.394  8.291   1.00 35.99  ? 1891 LEU A CD1 1 
ATOM   321  C CD2 . LEU A 1 57  ? -12.157 -3.146  7.637   1.00 30.64  ? 1891 LEU A CD2 1 
ATOM   322  N N   . PRO A 1 58  ? -7.803  -4.289  9.471   1.00 27.02  ? 1892 PRO A N   1 
ATOM   323  C CA  . PRO A 1 58  ? -6.668  -4.734  10.279  1.00 27.09  ? 1892 PRO A CA  1 
ATOM   324  C C   . PRO A 1 58  ? -6.857  -6.189  10.677  1.00 30.74  ? 1892 PRO A C   1 
ATOM   325  O O   . PRO A 1 58  ? -7.992  -6.603  10.925  1.00 28.81  ? 1892 PRO A O   1 
ATOM   326  C CB  . PRO A 1 58  ? -6.715  -3.825  11.515  1.00 27.19  ? 1892 PRO A CB  1 
ATOM   327  C CG  . PRO A 1 58  ? -7.651  -2.714  11.164  1.00 30.09  ? 1892 PRO A CG  1 
ATOM   328  C CD  . PRO A 1 58  ? -8.610  -3.268  10.161  1.00 30.05  ? 1892 PRO A CD  1 
ATOM   329  N N   . VAL A 1 59  ? -5.777  -6.955  10.689  1.00 28.85  ? 1893 VAL A N   1 
ATOM   330  C CA  . VAL A 1 59  ? -5.818  -8.308  11.228  1.00 30.48  ? 1893 VAL A CA  1 
ATOM   331  C C   . VAL A 1 59  ? -6.232  -8.205  12.687  1.00 34.81  ? 1893 VAL A C   1 
ATOM   332  O O   . VAL A 1 59  ? -5.741  -7.337  13.414  1.00 30.00  ? 1893 VAL A O   1 
ATOM   333  C CB  . VAL A 1 59  ? -4.456  -9.019  11.109  1.00 33.73  ? 1893 VAL A CB  1 
ATOM   334  C CG1 . VAL A 1 59  ? -4.471  -10.357 11.866  1.00 34.52  ? 1893 VAL A CG1 1 
ATOM   335  C CG2 . VAL A 1 59  ? -4.080  -9.214  9.635   1.00 29.61  ? 1893 VAL A CG2 1 
ATOM   336  N N   . ASN A 1 60  ? -7.155  -9.071  13.099  1.00 34.22  ? 1894 ASN A N   1 
ATOM   337  C CA  . ASN A 1 60  ? -7.663  -9.076  14.467  1.00 38.14  ? 1894 ASN A CA  1 
ATOM   338  C C   . ASN A 1 60  ? -6.636  -9.684  15.414  1.00 36.13  ? 1894 ASN A C   1 
ATOM   339  O O   . ASN A 1 60  ? -6.446  -10.901 15.437  1.00 34.88  ? 1894 ASN A O   1 
ATOM   340  C CB  . ASN A 1 60  ? -8.987  -9.851  14.530  1.00 39.52  ? 1894 ASN A CB  1 
ATOM   341  C CG  . ASN A 1 60  ? -9.664  -9.757  15.890  1.00 55.79  ? 1894 ASN A CG  1 
ATOM   342  O OD1 . ASN A 1 60  ? -9.005  -9.730  16.935  1.00 48.70  ? 1894 ASN A OD1 1 
ATOM   343  N ND2 . ASN A 1 60  ? -10.995 -9.714  15.880  1.00 50.64  ? 1894 ASN A ND2 1 
ATOM   344  N N   . LEU A 1 61  ? -5.961  -8.841  16.185  1.00 31.41  ? 1895 LEU A N   1 
ATOM   345  C CA  . LEU A 1 61  ? -4.827  -9.317  16.969  1.00 39.95  ? 1895 LEU A CA  1 
ATOM   346  C C   . LEU A 1 61  ? -5.253  -10.217 18.130  1.00 45.67  ? 1895 LEU A C   1 
ATOM   347  O O   . LEU A 1 61  ? -4.423  -10.924 18.714  1.00 45.75  ? 1895 LEU A O   1 
ATOM   348  C CB  . LEU A 1 61  ? -4.000  -8.135  17.483  1.00 35.85  ? 1895 LEU A CB  1 
ATOM   349  C CG  . LEU A 1 61  ? -3.386  -7.234  16.406  1.00 41.60  ? 1895 LEU A CG  1 
ATOM   350  C CD1 . LEU A 1 61  ? -2.573  -6.096  17.028  1.00 39.99  ? 1895 LEU A CD1 1 
ATOM   351  C CD2 . LEU A 1 61  ? -2.524  -8.042  15.419  1.00 33.36  ? 1895 LEU A CD2 1 
ATOM   352  N N   . LYS A 1 62  ? -6.539  -10.207 18.461  1.00 53.95  ? 1896 LYS A N   1 
ATOM   353  C CA  . LYS A 1 62  ? -7.046  -11.070 19.526  1.00 56.35  ? 1896 LYS A CA  1 
ATOM   354  C C   . LYS A 1 62  ? -7.341  -12.470 19.003  1.00 55.84  ? 1896 LYS A C   1 
ATOM   355  O O   . LYS A 1 62  ? -7.261  -13.445 19.747  1.00 60.27  ? 1896 LYS A O   1 
ATOM   356  C CB  . LYS A 1 62  ? -8.313  -10.485 20.155  1.00 53.70  ? 1896 LYS A CB  1 
ATOM   357  C CG  . LYS A 1 62  ? -8.121  -9.195  20.930  1.00 61.52  ? 1896 LYS A CG  1 
ATOM   358  C CD  . LYS A 1 62  ? -9.480  -8.562  21.209  1.00 75.50  ? 1896 LYS A CD  1 
ATOM   359  C CE  . LYS A 1 62  ? -9.362  -7.249  21.963  1.00 90.86  ? 1896 LYS A CE  1 
ATOM   360  N NZ  . LYS A 1 62  ? -8.929  -7.448  23.374  1.00 102.88 ? 1896 LYS A NZ  1 
ATOM   361  N N   . LEU A 1 63  ? -7.679  -12.569 17.721  1.00 45.51  ? 1897 LEU A N   1 
ATOM   362  C CA  . LEU A 1 63  ? -8.147  -13.832 17.164  1.00 43.72  ? 1897 LEU A CA  1 
ATOM   363  C C   . LEU A 1 63  ? -7.106  -14.567 16.333  1.00 48.54  ? 1897 LEU A C   1 
ATOM   364  O O   . LEU A 1 63  ? -7.264  -15.752 16.050  1.00 53.83  ? 1897 LEU A O   1 
ATOM   365  C CB  . LEU A 1 63  ? -9.390  -13.601 16.305  1.00 46.67  ? 1897 LEU A CB  1 
ATOM   366  C CG  . LEU A 1 63  ? -10.600 -12.985 17.008  1.00 63.12  ? 1897 LEU A CG  1 
ATOM   367  C CD1 . LEU A 1 63  ? -11.726 -12.770 16.017  1.00 51.75  ? 1897 LEU A CD1 1 
ATOM   368  C CD2 . LEU A 1 63  ? -11.061 -13.852 18.177  1.00 58.08  ? 1897 LEU A CD2 1 
ATOM   369  N N   . VAL A 1 64  ? -6.051  -13.879 15.923  1.00 38.73  ? 1898 VAL A N   1 
ATOM   370  C CA  . VAL A 1 64  ? -5.085  -14.513 15.040  1.00 28.70  ? 1898 VAL A CA  1 
ATOM   371  C C   . VAL A 1 64  ? -3.787  -14.723 15.800  1.00 45.95  ? 1898 VAL A C   1 
ATOM   372  O O   . VAL A 1 64  ? -3.015  -13.784 15.991  1.00 35.97  ? 1898 VAL A O   1 
ATOM   373  C CB  . VAL A 1 64  ? -4.836  -13.678 13.763  1.00 38.85  ? 1898 VAL A CB  1 
ATOM   374  C CG1 . VAL A 1 64  ? -3.735  -14.299 12.919  1.00 30.22  ? 1898 VAL A CG1 1 
ATOM   375  C CG2 . VAL A 1 64  ? -6.126  -13.547 12.956  1.00 34.82  ? 1898 VAL A CG2 1 
ATOM   376  N N   . PRO A 1 65  ? -3.563  -15.960 16.266  1.00 43.78  ? 1899 PRO A N   1 
ATOM   377  C CA  . PRO A 1 65  ? -2.367  -16.332 17.029  1.00 43.49  ? 1899 PRO A CA  1 
ATOM   378  C C   . PRO A 1 65  ? -1.066  -15.929 16.347  1.00 36.18  ? 1899 PRO A C   1 
ATOM   379  O O   . PRO A 1 65  ? -0.872  -16.147 15.146  1.00 40.46  ? 1899 PRO A O   1 
ATOM   380  C CB  . PRO A 1 65  ? -2.473  -17.858 17.121  1.00 47.45  ? 1899 PRO A CB  1 
ATOM   381  C CG  . PRO A 1 65  ? -3.937  -18.116 17.100  1.00 49.30  ? 1899 PRO A CG  1 
ATOM   382  C CD  . PRO A 1 65  ? -4.515  -17.081 16.161  1.00 52.00  ? 1899 PRO A CD  1 
ATOM   383  N N   . GLY A 1 66  ? -0.171  -15.345 17.127  1.00 30.90  ? 1900 GLY A N   1 
ATOM   384  C CA  . GLY A 1 66  ? 1.155   -15.037 16.634  1.00 33.82  ? 1900 GLY A CA  1 
ATOM   385  C C   . GLY A 1 66  ? 1.285   -13.710 15.908  1.00 38.62  ? 1900 GLY A C   1 
ATOM   386  O O   . GLY A 1 66  ? 2.390   -13.184 15.811  1.00 30.27  ? 1900 GLY A O   1 
ATOM   387  N N   . TYR A 1 67  ? 0.183   -13.158 15.398  1.00 32.77  ? 1901 TYR A N   1 
ATOM   388  C CA  . TYR A 1 67  ? 0.306   -11.951 14.555  1.00 30.83  ? 1901 TYR A CA  1 
ATOM   389  C C   . TYR A 1 67  ? 0.884   -10.767 15.323  1.00 29.63  ? 1901 TYR A C   1 
ATOM   390  O O   . TYR A 1 67  ? 1.780   -10.071 14.830  1.00 28.24  ? 1901 TYR A O   1 
ATOM   391  C CB  . TYR A 1 67  ? -1.044  -11.556 13.934  1.00 34.17  ? 1901 TYR A CB  1 
ATOM   392  C CG  . TYR A 1 67  ? -0.853  -10.770 12.647  1.00 31.69  ? 1901 TYR A CG  1 
ATOM   393  C CD1 . TYR A 1 67  ? -0.724  -11.425 11.430  1.00 30.27  ? 1901 TYR A CD1 1 
ATOM   394  C CD2 . TYR A 1 67  ? -0.737  -9.379  12.661  1.00 30.89  ? 1901 TYR A CD2 1 
ATOM   395  C CE1 . TYR A 1 67  ? -0.513  -10.714 10.247  1.00 35.01  ? 1901 TYR A CE1 1 
ATOM   396  C CE2 . TYR A 1 67  ? -0.533  -8.657  11.483  1.00 26.30  ? 1901 TYR A CE2 1 
ATOM   397  C CZ  . TYR A 1 67  ? -0.419  -9.332  10.281  1.00 29.38  ? 1901 TYR A CZ  1 
ATOM   398  O OH  . TYR A 1 67  ? -0.209  -8.635  9.099   1.00 32.04  ? 1901 TYR A OH  1 
ATOM   399  N N   . LYS A 1 68  ? 0.397   -10.544 16.541  1.00 33.34  ? 1902 LYS A N   1 
ATOM   400  C CA  . LYS A 1 68  ? 0.822   -9.373  17.306  1.00 37.40  ? 1902 LYS A CA  1 
ATOM   401  C C   . LYS A 1 68  ? 2.325   -9.384  17.590  1.00 34.74  ? 1902 LYS A C   1 
ATOM   402  O O   . LYS A 1 68  ? 2.988   -8.347  17.512  1.00 31.78  ? 1902 LYS A O   1 
ATOM   403  C CB  . LYS A 1 68  ? 0.040   -9.269  18.624  1.00 39.58  ? 1902 LYS A CB  1 
ATOM   404  C CG  . LYS A 1 68  ? 0.169   -7.901  19.310  1.00 45.87  ? 1902 LYS A CG  1 
ATOM   405  C CD  . LYS A 1 68  ? -0.579  -7.863  20.641  1.00 50.20  ? 1902 LYS A CD  1 
ATOM   406  C CE  . LYS A 1 68  ? -0.741  -6.438  21.161  1.00 57.35  ? 1902 LYS A CE  1 
ATOM   407  N NZ  . LYS A 1 68  ? 0.553   -5.715  21.292  1.00 55.85  ? 1902 LYS A NZ  1 
ATOM   408  N N   . LYS A 1 69  ? 2.870   -10.551 17.912  1.00 35.51  ? 1903 LYS A N   1 
ATOM   409  C CA  . LYS A 1 69  ? 4.280   -10.620 18.294  1.00 33.78  ? 1903 LYS A CA  1 
ATOM   410  C C   . LYS A 1 69  ? 5.207   -10.579 17.085  1.00 31.99  ? 1903 LYS A C   1 
ATOM   411  O O   . LYS A 1 69  ? 6.277   -9.979  17.130  1.00 37.98  ? 1903 LYS A O   1 
ATOM   412  C CB  . LYS A 1 69  ? 4.548   -11.893 19.117  1.00 36.16  ? 1903 LYS A CB  1 
ATOM   413  C CG  . LYS A 1 69  ? 6.007   -12.078 19.505  1.00 32.83  ? 1903 LYS A CG  1 
ATOM   414  C CD  . LYS A 1 69  ? 6.533   -10.874 20.284  1.00 36.86  ? 1903 LYS A CD  1 
ATOM   415  C CE  . LYS A 1 69  ? 7.922   -11.131 20.871  1.00 35.22  ? 1903 LYS A CE  1 
ATOM   416  N NZ  . LYS A 1 69  ? 7.856   -12.042 22.050  1.00 36.92  ? 1903 LYS A NZ  1 
ATOM   417  N N   . VAL A 1 70  ? 4.790   -11.232 16.006  1.00 28.93  ? 1904 VAL A N   1 
ATOM   418  C CA  . VAL A 1 70  ? 5.619   -11.383 14.821  1.00 25.60  ? 1904 VAL A CA  1 
ATOM   419  C C   . VAL A 1 70  ? 5.645   -10.126 13.945  1.00 34.90  ? 1904 VAL A C   1 
ATOM   420  O O   . VAL A 1 70  ? 6.706   -9.719  13.473  1.00 28.68  ? 1904 VAL A O   1 
ATOM   421  C CB  . VAL A 1 70  ? 5.138   -12.590 13.978  1.00 29.70  ? 1904 VAL A CB  1 
ATOM   422  C CG1 . VAL A 1 70  ? 5.829   -12.630 12.623  1.00 31.07  ? 1904 VAL A CG1 1 
ATOM   423  C CG2 . VAL A 1 70  ? 5.380   -13.889 14.750  1.00 34.62  ? 1904 VAL A CG2 1 
ATOM   424  N N   . ILE A 1 71  ? 4.488   -9.506  13.737  1.00 32.12  ? 1905 ILE A N   1 
ATOM   425  C CA  . ILE A 1 71  ? 4.395   -8.395  12.781  1.00 33.37  ? 1905 ILE A CA  1 
ATOM   426  C C   . ILE A 1 71  ? 4.468   -7.062  13.508  1.00 29.05  ? 1905 ILE A C   1 
ATOM   427  O O   . ILE A 1 71  ? 3.481   -6.607  14.087  1.00 30.02  ? 1905 ILE A O   1 
ATOM   428  C CB  . ILE A 1 71  ? 3.081   -8.462  11.948  1.00 34.20  ? 1905 ILE A CB  1 
ATOM   429  C CG1 . ILE A 1 71  ? 2.983   -9.795  11.195  1.00 28.52  ? 1905 ILE A CG1 1 
ATOM   430  C CG2 . ILE A 1 71  ? 2.986   -7.251  10.983  1.00 28.91  ? 1905 ILE A CG2 1 
ATOM   431  C CD1 . ILE A 1 71  ? 4.117   -10.045 10.167  1.00 29.58  ? 1905 ILE A CD1 1 
ATOM   432  N N   . LYS A 1 72  ? 5.641   -6.439  13.479  1.00 30.15  ? 1906 LYS A N   1 
ATOM   433  C CA  . LYS A 1 72  ? 5.890   -5.260  14.307  1.00 41.00  ? 1906 LYS A CA  1 
ATOM   434  C C   . LYS A 1 72  ? 5.093   -4.025  13.886  1.00 37.17  ? 1906 LYS A C   1 
ATOM   435  O O   . LYS A 1 72  ? 4.790   -3.171  14.720  1.00 30.14  ? 1906 LYS A O   1 
ATOM   436  C CB  . LYS A 1 72  ? 7.382   -4.929  14.309  1.00 38.49  ? 1906 LYS A CB  1 
ATOM   437  C CG  . LYS A 1 72  ? 8.267   -6.078  14.805  1.00 43.49  ? 1906 LYS A CG  1 
ATOM   438  C CD  . LYS A 1 72  ? 7.724   -6.709  16.085  1.00 41.41  ? 1906 LYS A CD  1 
ATOM   439  C CE  . LYS A 1 72  ? 8.588   -7.893  16.522  1.00 51.27  ? 1906 LYS A CE  1 
ATOM   440  N NZ  . LYS A 1 72  ? 8.143   -8.482  17.821  1.00 54.34  ? 1906 LYS A NZ  1 
ATOM   441  N N   . LYS A 1 73  ? 4.769   -3.929  12.598  1.00 30.46  ? 1907 LYS A N   1 
ATOM   442  C CA  . LYS A 1 73  ? 4.013   -2.797  12.075  1.00 29.49  ? 1907 LYS A CA  1 
ATOM   443  C C   . LYS A 1 73  ? 2.867   -3.269  11.188  1.00 24.28  ? 1907 LYS A C   1 
ATOM   444  O O   . LYS A 1 73  ? 3.001   -3.294  9.962   1.00 25.92  ? 1907 LYS A O   1 
ATOM   445  C CB  . LYS A 1 73  ? 4.923   -1.864  11.282  1.00 27.91  ? 1907 LYS A CB  1 
ATOM   446  C CG  . LYS A 1 73  ? 6.100   -1.331  12.085  1.00 40.73  ? 1907 LYS A CG  1 
ATOM   447  C CD  . LYS A 1 73  ? 7.183   -0.732  11.188  1.00 51.70  ? 1907 LYS A CD  1 
ATOM   448  C CE  . LYS A 1 73  ? 6.731   0.578   10.554  1.00 71.94  ? 1907 LYS A CE  1 
ATOM   449  N NZ  . LYS A 1 73  ? 7.809   1.194   9.725   1.00 72.62  ? 1907 LYS A NZ  1 
ATOM   450  N N   . PRO A 1 74  ? 1.741   -3.656  11.803  1.00 26.48  ? 1908 PRO A N   1 
ATOM   451  C CA  . PRO A 1 74  ? 0.583   -4.028  10.983  1.00 29.17  ? 1908 PRO A CA  1 
ATOM   452  C C   . PRO A 1 74  ? 0.139   -2.876  10.093  1.00 26.93  ? 1908 PRO A C   1 
ATOM   453  O O   . PRO A 1 74  ? 0.260   -1.702  10.476  1.00 22.24  ? 1908 PRO A O   1 
ATOM   454  C CB  . PRO A 1 74  ? -0.502  -4.342  12.016  1.00 24.13  ? 1908 PRO A CB  1 
ATOM   455  C CG  . PRO A 1 74  ? 0.257   -4.664  13.278  1.00 31.26  ? 1908 PRO A CG  1 
ATOM   456  C CD  . PRO A 1 74  ? 1.456   -3.756  13.245  1.00 28.09  ? 1908 PRO A CD  1 
ATOM   457  N N   . MET A 1 75  ? -0.387  -3.209  8.922   1.00 22.77  ? 1909 MET A N   1 
ATOM   458  C CA  . MET A 1 75  ? -0.941  -2.191  8.030   1.00 22.40  ? 1909 MET A CA  1 
ATOM   459  C C   . MET A 1 75  ? -1.996  -2.878  7.160   1.00 22.71  ? 1909 MET A C   1 
ATOM   460  O O   . MET A 1 75  ? -1.884  -4.079  6.861   1.00 22.68  ? 1909 MET A O   1 
ATOM   461  C CB  . MET A 1 75  ? 0.174   -1.526  7.199   1.00 19.89  ? 1909 MET A CB  1 
ATOM   462  C CG  . MET A 1 75  ? -0.257  -0.305  6.344   1.00 21.89  ? 1909 MET A CG  1 
ATOM   463  S SD  . MET A 1 75  ? -1.183  0.932   7.282   1.00 24.37  ? 1909 MET A SD  1 
ATOM   464  C CE  . MET A 1 75  ? -0.017  1.354   8.578   1.00 26.50  ? 1909 MET A CE  1 
ATOM   465  N N   . ASP A 1 76  ? -3.034  -2.132  6.794   1.00 20.44  ? 1910 ASP A N   1 
ATOM   466  C CA  . ASP A 1 76  ? -4.112  -2.652  5.960   1.00 19.85  ? 1910 ASP A CA  1 
ATOM   467  C C   . ASP A 1 76  ? -4.721  -1.521  5.139   1.00 23.19  ? 1910 ASP A C   1 
ATOM   468  O O   . ASP A 1 76  ? -4.470  -0.350  5.418   1.00 23.49  ? 1910 ASP A O   1 
ATOM   469  C CB  . ASP A 1 76  ? -5.210  -3.294  6.821   1.00 19.33  ? 1910 ASP A CB  1 
ATOM   470  C CG  . ASP A 1 76  ? -5.956  -2.256  7.642   1.00 24.04  ? 1910 ASP A CG  1 
ATOM   471  O OD1 . ASP A 1 76  ? -5.407  -1.807  8.673   1.00 25.01  ? 1910 ASP A OD1 1 
ATOM   472  O OD2 . ASP A 1 76  ? -7.078  -1.882  7.248   1.00 29.62  ? 1910 ASP A OD2 1 
ATOM   473  N N   . PHE A 1 77  ? -5.554  -1.860  4.153   1.00 17.53  ? 1911 PHE A N   1 
ATOM   474  C CA  . PHE A 1 77  ? -6.071  -0.848  3.235   1.00 17.93  ? 1911 PHE A CA  1 
ATOM   475  C C   . PHE A 1 77  ? -6.959  0.178   3.936   1.00 24.25  ? 1911 PHE A C   1 
ATOM   476  O O   . PHE A 1 77  ? -6.931  1.345   3.578   1.00 22.27  ? 1911 PHE A O   1 
ATOM   477  C CB  . PHE A 1 77  ? -6.855  -1.489  2.075   1.00 20.28  ? 1911 PHE A CB  1 
ATOM   478  C CG  . PHE A 1 77  ? -6.007  -2.302  1.113   1.00 25.45  ? 1911 PHE A CG  1 
ATOM   479  C CD1 . PHE A 1 77  ? -4.614  -2.231  1.130   1.00 20.08  ? 1911 PHE A CD1 1 
ATOM   480  C CD2 . PHE A 1 77  ? -6.615  -3.124  0.171   1.00 26.42  ? 1911 PHE A CD2 1 
ATOM   481  C CE1 . PHE A 1 77  ? -3.851  -3.007  0.230   1.00 20.95  ? 1911 PHE A CE1 1 
ATOM   482  C CE2 . PHE A 1 77  ? -5.864  -3.885  -0.716  1.00 22.26  ? 1911 PHE A CE2 1 
ATOM   483  C CZ  . PHE A 1 77  ? -4.473  -3.817  -0.692  1.00 24.17  ? 1911 PHE A CZ  1 
ATOM   484  N N   . SER A 1 78  ? -7.745  -0.232  4.930   1.00 19.59  ? 1912 SER A N   1 
ATOM   485  C CA  . SER A 1 78  ? -8.634  0.744   5.575   1.00 24.04  ? 1912 SER A CA  1 
ATOM   486  C C   . SER A 1 78  ? -7.861  1.773   6.399   1.00 28.80  ? 1912 SER A C   1 
ATOM   487  O O   . SER A 1 78  ? -8.294  2.925   6.517   1.00 25.15  ? 1912 SER A O   1 
ATOM   488  C CB  . SER A 1 78  ? -9.691  0.040   6.458   1.00 27.47  ? 1912 SER A CB  1 
ATOM   489  O OG  . SER A 1 78  ? -9.124  -0.465  7.655   1.00 28.23  ? 1912 SER A OG  1 
ATOM   490  N N   . THR A 1 79  ? -6.707  1.368   6.933   1.00 21.61  ? 1913 THR A N   1 
ATOM   491  C CA  . THR A 1 79  ? -5.848  2.242   7.729   1.00 23.76  ? 1913 THR A CA  1 
ATOM   492  C C   . THR A 1 79  ? -5.104  3.219   6.807   1.00 24.05  ? 1913 THR A C   1 
ATOM   493  O O   . THR A 1 79  ? -4.976  4.407   7.106   1.00 22.15  ? 1913 THR A O   1 
ATOM   494  C CB  . THR A 1 79  ? -4.843  1.431   8.568   1.00 27.41  ? 1913 THR A CB  1 
ATOM   495  O OG1 . THR A 1 79  ? -5.551  0.609   9.514   1.00 25.59  ? 1913 THR A OG1 1 
ATOM   496  C CG2 . THR A 1 79  ? -3.898  2.365   9.327   1.00 26.01  ? 1913 THR A CG2 1 
ATOM   497  N N   . ILE A 1 80  ? -4.651  2.716   5.664   1.00 20.87  ? 1914 ILE A N   1 
ATOM   498  C CA  . ILE A 1 80  ? -4.092  3.579   4.618   1.00 23.21  ? 1914 ILE A CA  1 
ATOM   499  C C   . ILE A 1 80  ? -5.106  4.612   4.128   1.00 23.75  ? 1914 ILE A C   1 
ATOM   500  O O   . ILE A 1 80  ? -4.781  5.794   3.991   1.00 22.68  ? 1914 ILE A O   1 
ATOM   501  C CB  . ILE A 1 80  ? -3.605  2.730   3.428   1.00 21.51  ? 1914 ILE A CB  1 
ATOM   502  C CG1 . ILE A 1 80  ? -2.543  1.734   3.917   1.00 19.51  ? 1914 ILE A CG1 1 
ATOM   503  C CG2 . ILE A 1 80  ? -3.134  3.632   2.280   1.00 20.40  ? 1914 ILE A CG2 1 
ATOM   504  C CD1 . ILE A 1 80  ? -2.104  0.697   2.865   1.00 20.89  ? 1914 ILE A CD1 1 
ATOM   505  N N   . ARG A 1 81  ? -6.340  4.178   3.873   1.00 21.74  ? 1915 ARG A N   1 
ATOM   506  C CA  . ARG A 1 81  ? -7.406  5.094   3.449   1.00 24.35  ? 1915 ARG A CA  1 
ATOM   507  C C   . ARG A 1 81  ? -7.681  6.193   4.486   1.00 28.95  ? 1915 ARG A C   1 
ATOM   508  O O   . ARG A 1 81  ? -7.818  7.370   4.138   1.00 25.23  ? 1915 ARG A O   1 
ATOM   509  C CB  . ARG A 1 81  ? -8.683  4.301   3.165   1.00 23.81  ? 1915 ARG A CB  1 
ATOM   510  C CG  . ARG A 1 81  ? -9.937  5.134   2.901   1.00 25.56  ? 1915 ARG A CG  1 
ATOM   511  C CD  . ARG A 1 81  ? -9.868  5.927   1.607   1.00 23.74  ? 1915 ARG A CD  1 
ATOM   512  N NE  . ARG A 1 81  ? -9.911  5.106   0.394   1.00 24.38  ? 1915 ARG A NE  1 
ATOM   513  C CZ  . ARG A 1 81  ? -9.654  5.586   -0.824  1.00 28.60  ? 1915 ARG A CZ  1 
ATOM   514  N NH1 . ARG A 1 81  ? -9.316  6.860   -0.981  1.00 28.04  ? 1915 ARG A NH1 1 
ATOM   515  N NH2 . ARG A 1 81  ? -9.716  4.802   -1.886  1.00 28.60  ? 1915 ARG A NH2 1 
ATOM   516  N N   . GLU A 1 82  ? -7.784  5.805   5.755   1.00 23.55  ? 1916 GLU A N   1 
ATOM   517  C CA  . GLU A 1 82  ? -7.971  6.778   6.834   1.00 25.63  ? 1916 GLU A CA  1 
ATOM   518  C C   . GLU A 1 82  ? -6.811  7.790   6.876   1.00 28.14  ? 1916 GLU A C   1 
ATOM   519  O O   . GLU A 1 82  ? -7.031  8.997   7.000   1.00 26.14  ? 1916 GLU A O   1 
ATOM   520  C CB  . GLU A 1 82  ? -8.084  6.069   8.183   1.00 27.25  ? 1916 GLU A CB  1 
ATOM   521  C CG  . GLU A 1 82  ? -8.399  7.002   9.358   1.00 37.95  ? 1916 GLU A CG  1 
ATOM   522  C CD  . GLU A 1 82  ? -9.708  7.767   9.186   1.00 40.61  ? 1916 GLU A CD  1 
ATOM   523  O OE1 . GLU A 1 82  ? -10.671 7.207   8.616   1.00 40.38  ? 1916 GLU A OE1 1 
ATOM   524  O OE2 . GLU A 1 82  ? -9.774  8.941   9.618   1.00 40.52  ? 1916 GLU A OE2 1 
ATOM   525  N N   . LYS A 1 83  ? -5.584  7.283   6.793   1.00 29.22  ? 1917 LYS A N   1 
ATOM   526  C CA  . LYS A 1 83  ? -4.401  8.141   6.807   1.00 23.28  ? 1917 LYS A CA  1 
ATOM   527  C C   . LYS A 1 83  ? -4.369  9.094   5.602   1.00 27.22  ? 1917 LYS A C   1 
ATOM   528  O O   . LYS A 1 83  ? -3.997  10.277  5.740   1.00 27.69  ? 1917 LYS A O   1 
ATOM   529  C CB  . LYS A 1 83  ? -3.113  7.297   6.848   1.00 28.36  ? 1917 LYS A CB  1 
ATOM   530  C CG  . LYS A 1 83  ? -2.826  6.656   8.200   1.00 24.31  ? 1917 LYS A CG  1 
ATOM   531  C CD  . LYS A 1 83  ? -1.567  5.785   8.180   1.00 23.38  ? 1917 LYS A CD  1 
ATOM   532  C CE  . LYS A 1 83  ? -0.276  6.618   8.100   1.00 27.93  ? 1917 LYS A CE  1 
ATOM   533  N NZ  . LYS A 1 83  ? 0.897   5.729   8.361   1.00 25.64  ? 1917 LYS A NZ  1 
ATOM   534  N N   . LEU A 1 84  ? -4.753  8.594   4.426   1.00 26.99  ? 1918 LEU A N   1 
ATOM   535  C CA  . LEU A 1 84  ? -4.757  9.421   3.213   1.00 25.79  ? 1918 LEU A CA  1 
ATOM   536  C C   . LEU A 1 84  ? -5.823  10.517  3.314   1.00 30.71  ? 1918 LEU A C   1 
ATOM   537  O O   . LEU A 1 84  ? -5.612  11.643  2.869   1.00 35.68  ? 1918 LEU A O   1 
ATOM   538  C CB  . LEU A 1 84  ? -4.986  8.569   1.960   1.00 23.13  ? 1918 LEU A CB  1 
ATOM   539  C CG  . LEU A 1 84  ? -4.811  9.195   0.570   1.00 26.64  ? 1918 LEU A CG  1 
ATOM   540  C CD1 . LEU A 1 84  ? -3.369  9.628   0.341   1.00 22.84  ? 1918 LEU A CD1 1 
ATOM   541  C CD2 . LEU A 1 84  ? -5.259  8.229   -0.539  1.00 27.59  ? 1918 LEU A CD2 1 
ATOM   542  N N   . SER A 1 85  ? -6.959  10.184  3.917   1.00 27.53  ? 1919 SER A N   1 
ATOM   543  C CA  . SER A 1 85  ? -8.083  11.109  4.038   1.00 28.06  ? 1919 SER A CA  1 
ATOM   544  C C   . SER A 1 85  ? -7.882  12.181  5.111   1.00 26.82  ? 1919 SER A C   1 
ATOM   545  O O   . SER A 1 85  ? -8.681  13.121  5.205   1.00 29.51  ? 1919 SER A O   1 
ATOM   546  C CB  . SER A 1 85  ? -9.379  10.327  4.343   1.00 27.17  ? 1919 SER A CB  1 
ATOM   547  O OG  . SER A 1 85  ? -9.794  9.587   3.206   1.00 33.46  ? 1919 SER A OG  1 
ATOM   548  N N   . SER A 1 86  ? -6.831  12.042  5.916   1.00 26.30  ? 1920 SER A N   1 
ATOM   549  C CA  . SER A 1 86  ? -6.630  12.914  7.064   1.00 26.37  ? 1920 SER A CA  1 
ATOM   550  C C   . SER A 1 86  ? -5.261  13.574  7.048   1.00 27.72  ? 1920 SER A C   1 
ATOM   551  O O   . SER A 1 86  ? -4.789  14.015  8.079   1.00 26.97  ? 1920 SER A O   1 
ATOM   552  C CB  . SER A 1 86  ? -6.817  12.135  8.379   1.00 29.90  ? 1920 SER A CB  1 
ATOM   553  O OG  . SER A 1 86  ? -5.916  11.038  8.487   1.00 28.97  ? 1920 SER A OG  1 
ATOM   554  N N   . GLY A 1 87  ? -4.630  13.632  5.874   1.00 24.06  ? 1921 GLY A N   1 
ATOM   555  C CA  . GLY A 1 87  ? -3.356  14.337  5.731   1.00 26.08  ? 1921 GLY A CA  1 
ATOM   556  C C   . GLY A 1 87  ? -2.178  13.732  6.465   1.00 29.06  ? 1921 GLY A C   1 
ATOM   557  O O   . GLY A 1 87  ? -1.223  14.438  6.838   1.00 28.06  ? 1921 GLY A O   1 
ATOM   558  N N   . GLN A 1 88  ? -2.197  12.417  6.661   1.00 24.85  ? 1922 GLN A N   1 
ATOM   559  C CA  . GLN A 1 88  ? -1.096  11.794  7.391   1.00 30.44  ? 1922 GLN A CA  1 
ATOM   560  C C   . GLN A 1 88  ? 0.049   11.249  6.502   1.00 27.02  ? 1922 GLN A C   1 
ATOM   561  O O   . GLN A 1 88  ? 1.051   10.747  7.028   1.00 26.98  ? 1922 GLN A O   1 
ATOM   562  C CB  . GLN A 1 88  ? -1.641  10.685  8.291   1.00 30.45  ? 1922 GLN A CB  1 
ATOM   563  C CG  . GLN A 1 88  ? -2.547  11.209  9.418   1.00 30.69  ? 1922 GLN A CG  1 
ATOM   564  C CD  . GLN A 1 88  ? -2.947  10.119  10.396  1.00 35.10  ? 1922 GLN A CD  1 
ATOM   565  O OE1 . GLN A 1 88  ? -2.100  9.529   11.057  1.00 35.92  ? 1922 GLN A OE1 1 
ATOM   566  N NE2 . GLN A 1 88  ? -4.241  9.832   10.472  1.00 30.24  ? 1922 GLN A NE2 1 
ATOM   567  N N   . TYR A 1 89  ? -0.086  11.357  5.178   1.00 24.45  ? 1923 TYR A N   1 
ATOM   568  C CA  . TYR A 1 89  ? 1.056   11.117  4.275   1.00 25.40  ? 1923 TYR A CA  1 
ATOM   569  C C   . TYR A 1 89  ? 1.658   12.443  3.799   1.00 24.44  ? 1923 TYR A C   1 
ATOM   570  O O   . TYR A 1 89  ? 0.990   13.224  3.119   1.00 26.28  ? 1923 TYR A O   1 
ATOM   571  C CB  . TYR A 1 89  ? 0.646   10.273  3.057   1.00 22.62  ? 1923 TYR A CB  1 
ATOM   572  C CG  . TYR A 1 89  ? 0.237   8.874   3.461   1.00 23.11  ? 1923 TYR A CG  1 
ATOM   573  C CD1 . TYR A 1 89  ? 1.152   8.010   4.045   1.00 26.22  ? 1923 TYR A CD1 1 
ATOM   574  C CD2 . TYR A 1 89  ? -1.069  8.432   3.286   1.00 22.95  ? 1923 TYR A CD2 1 
ATOM   575  C CE1 . TYR A 1 89  ? 0.782   6.720   4.451   1.00 24.99  ? 1923 TYR A CE1 1 
ATOM   576  C CE2 . TYR A 1 89  ? -1.449  7.149   3.678   1.00 24.95  ? 1923 TYR A CE2 1 
ATOM   577  C CZ  . TYR A 1 89  ? -0.519  6.301   4.263   1.00 24.80  ? 1923 TYR A CZ  1 
ATOM   578  O OH  . TYR A 1 89  ? -0.884  5.036   4.674   1.00 24.56  ? 1923 TYR A OH  1 
ATOM   579  N N   . PRO A 1 90  ? 2.931   12.703  4.144   1.00 26.49  ? 1924 PRO A N   1 
ATOM   580  C CA  . PRO A 1 90  ? 3.479   13.981  3.686   1.00 34.84  ? 1924 PRO A CA  1 
ATOM   581  C C   . PRO A 1 90  ? 3.837   13.974  2.203   1.00 38.08  ? 1924 PRO A C   1 
ATOM   582  O O   . PRO A 1 90  ? 3.932   15.041  1.612   1.00 33.85  ? 1924 PRO A O   1 
ATOM   583  C CB  . PRO A 1 90  ? 4.731   14.167  4.556   1.00 36.88  ? 1924 PRO A CB  1 
ATOM   584  C CG  . PRO A 1 90  ? 5.079   12.816  5.050   1.00 37.67  ? 1924 PRO A CG  1 
ATOM   585  C CD  . PRO A 1 90  ? 3.801   12.032  5.125   1.00 26.00  ? 1924 PRO A CD  1 
ATOM   586  N N   . ASN A 1 91  ? 4.017   12.801  1.602   1.00 30.11  ? 1925 ASN A N   1 
ATOM   587  C CA  . ASN A 1 91  ? 4.332   12.742  0.169   1.00 30.43  ? 1925 ASN A CA  1 
ATOM   588  C C   . ASN A 1 91  ? 3.975   11.380  -0.414  1.00 32.93  ? 1925 ASN A C   1 
ATOM   589  O O   . ASN A 1 91  ? 3.643   10.455  0.333   1.00 28.98  ? 1925 ASN A O   1 
ATOM   590  C CB  . ASN A 1 91  ? 5.814   13.050  -0.063  1.00 32.31  ? 1925 ASN A CB  1 
ATOM   591  C CG  . ASN A 1 91  ? 6.725   12.117  0.701   1.00 37.54  ? 1925 ASN A CG  1 
ATOM   592  O OD1 . ASN A 1 91  ? 6.587   10.897  0.623   1.00 36.20  ? 1925 ASN A OD1 1 
ATOM   593  N ND2 . ASN A 1 91  ? 7.646   12.686  1.468   1.00 34.20  ? 1925 ASN A ND2 1 
ATOM   594  N N   A LEU A 1 92  ? 4.028   11.284  -1.741  0.19 29.53  ? 1926 LEU A N   1 
ATOM   595  N N   B LEU A 1 92  ? 4.052   11.226  -1.732  0.81 29.39  ? 1926 LEU A N   1 
ATOM   596  C CA  A LEU A 1 92  ? 3.736   10.046  -2.460  0.19 32.10  ? 1926 LEU A CA  1 
ATOM   597  C CA  B LEU A 1 92  ? 3.583   9.973   -2.333  0.81 32.26  ? 1926 LEU A CA  1 
ATOM   598  C C   A LEU A 1 92  ? 4.447   8.859   -1.845  0.19 31.17  ? 1926 LEU A C   1 
ATOM   599  C C   B LEU A 1 92  ? 4.477   8.787   -1.963  0.81 31.32  ? 1926 LEU A C   1 
ATOM   600  O O   A LEU A 1 92  ? 3.848   7.816   -1.587  0.19 29.37  ? 1926 LEU A O   1 
ATOM   601  O O   B LEU A 1 92  ? 4.026   7.640   -1.988  0.81 29.16  ? 1926 LEU A O   1 
ATOM   602  C CB  A LEU A 1 92  ? 4.153   10.160  -3.929  0.19 34.03  ? 1926 LEU A CB  1 
ATOM   603  C CB  B LEU A 1 92  ? 3.467   10.094  -3.865  0.81 34.42  ? 1926 LEU A CB  1 
ATOM   604  C CG  A LEU A 1 92  ? 3.281   10.951  -4.896  0.19 31.05  ? 1926 LEU A CG  1 
ATOM   605  C CG  B LEU A 1 92  ? 4.764   10.139  -4.676  0.81 30.56  ? 1926 LEU A CG  1 
ATOM   606  C CD1 A LEU A 1 92  ? 3.927   10.963  -6.272  0.19 32.81  ? 1926 LEU A CD1 1 
ATOM   607  C CD1 B LEU A 1 92  ? 4.459   10.042  -6.162  0.81 31.66  ? 1926 LEU A CD1 1 
ATOM   608  C CD2 A LEU A 1 92  ? 1.901   10.347  -4.960  0.19 31.17  ? 1926 LEU A CD2 1 
ATOM   609  C CD2 B LEU A 1 92  ? 5.503   11.425  -4.376  0.81 32.66  ? 1926 LEU A CD2 1 
ATOM   610  N N   . GLU A 1 93  ? 5.742   9.037   -1.614  1.00 26.89  ? 1927 GLU A N   1 
ATOM   611  C CA  . GLU A 1 93  ? 6.607   7.934   -1.226  1.00 34.75  ? 1927 GLU A CA  1 
ATOM   612  C C   . GLU A 1 93  ? 6.242   7.305   0.124   1.00 33.44  ? 1927 GLU A C   1 
ATOM   613  O O   . GLU A 1 93  ? 6.438   6.102   0.315   1.00 29.54  ? 1927 GLU A O   1 
ATOM   614  C CB  . GLU A 1 93  ? 8.066   8.390   -1.211  1.00 36.02  ? 1927 GLU A CB  1 
ATOM   615  C CG  . GLU A 1 93  ? 8.555   8.899   -2.579  1.00 44.61  ? 1927 GLU A CG  1 
ATOM   616  C CD  . GLU A 1 93  ? 8.400   7.871   -3.715  1.00 58.09  ? 1927 GLU A CD  1 
ATOM   617  O OE1 . GLU A 1 93  ? 8.319   6.646   -3.436  1.00 52.12  ? 1927 GLU A OE1 1 
ATOM   618  O OE2 . GLU A 1 93  ? 8.363   8.290   -4.895  1.00 53.40  ? 1927 GLU A OE2 1 
ATOM   619  N N   . THR A 1 94  ? 5.723   8.095   1.060   1.00 27.03  ? 1928 THR A N   1 
ATOM   620  C CA  . THR A 1 94  ? 5.303   7.514   2.336   1.00 27.69  ? 1928 THR A CA  1 
ATOM   621  C C   . THR A 1 94  ? 4.035   6.695   2.140   1.00 25.37  ? 1928 THR A C   1 
ATOM   622  O O   . THR A 1 94  ? 3.799   5.731   2.859   1.00 25.28  ? 1928 THR A O   1 
ATOM   623  C CB  . THR A 1 94  ? 5.069   8.592   3.418   1.00 30.93  ? 1928 THR A CB  1 
ATOM   624  O OG1 . THR A 1 94  ? 4.156   9.575   2.921   1.00 29.63  ? 1928 THR A OG1 1 
ATOM   625  C CG2 . THR A 1 94  ? 6.394   9.280   3.777   1.00 31.55  ? 1928 THR A CG2 1 
ATOM   626  N N   . PHE A 1 95  ? 3.218   7.084   1.167   1.00 24.67  ? 1929 PHE A N   1 
ATOM   627  C CA  . PHE A 1 95  ? 2.015   6.307   0.837   1.00 26.95  ? 1929 PHE A CA  1 
ATOM   628  C C   . PHE A 1 95  ? 2.426   4.932   0.291   1.00 25.83  ? 1929 PHE A C   1 
ATOM   629  O O   . PHE A 1 95  ? 1.953   3.892   0.757   1.00 23.08  ? 1929 PHE A O   1 
ATOM   630  C CB  . PHE A 1 95  ? 1.154   7.080   -0.164  1.00 20.94  ? 1929 PHE A CB  1 
ATOM   631  C CG  . PHE A 1 95  ? 0.059   6.260   -0.798  1.00 21.69  ? 1929 PHE A CG  1 
ATOM   632  C CD1 . PHE A 1 95  ? -1.155  6.069   -0.143  1.00 23.42  ? 1929 PHE A CD1 1 
ATOM   633  C CD2 . PHE A 1 95  ? 0.246   5.696   -2.053  1.00 21.36  ? 1929 PHE A CD2 1 
ATOM   634  C CE1 . PHE A 1 95  ? -2.174  5.318   -0.737  1.00 21.04  ? 1929 PHE A CE1 1 
ATOM   635  C CE2 . PHE A 1 95  ? -0.763  4.950   -2.663  1.00 23.79  ? 1929 PHE A CE2 1 
ATOM   636  C CZ  . PHE A 1 95  ? -1.987  4.760   -1.994  1.00 24.48  ? 1929 PHE A CZ  1 
ATOM   637  N N   . ALA A 1 96  ? 3.341   4.920   -0.670  1.00 23.92  ? 1930 ALA A N   1 
ATOM   638  C CA  . ALA A 1 96  ? 3.830   3.661   -1.241  1.00 25.39  ? 1930 ALA A CA  1 
ATOM   639  C C   . ALA A 1 96  ? 4.529   2.765   -0.212  1.00 23.46  ? 1930 ALA A C   1 
ATOM   640  O O   . ALA A 1 96  ? 4.442   1.534   -0.308  1.00 22.29  ? 1930 ALA A O   1 
ATOM   641  C CB  . ALA A 1 96  ? 4.770   3.949   -2.411  1.00 21.50  ? 1930 ALA A CB  1 
ATOM   642  N N   . LEU A 1 97  ? 5.224   3.360   0.764   1.00 20.90  ? 1931 LEU A N   1 
ATOM   643  C CA  . LEU A 1 97  ? 5.832   2.558   1.829   1.00 22.81  ? 1931 LEU A CA  1 
ATOM   644  C C   . LEU A 1 97  ? 4.784   1.774   2.635   1.00 23.76  ? 1931 LEU A C   1 
ATOM   645  O O   . LEU A 1 97  ? 5.011   0.610   2.977   1.00 23.67  ? 1931 LEU A O   1 
ATOM   646  C CB  . LEU A 1 97  ? 6.658   3.434   2.784   1.00 30.13  ? 1931 LEU A CB  1 
ATOM   647  C CG  . LEU A 1 97  ? 7.977   3.953   2.200   1.00 38.94  ? 1931 LEU A CG  1 
ATOM   648  C CD1 . LEU A 1 97  ? 8.629   4.957   3.151   1.00 38.24  ? 1931 LEU A CD1 1 
ATOM   649  C CD2 . LEU A 1 97  ? 8.916   2.784   1.917   1.00 39.49  ? 1931 LEU A CD2 1 
ATOM   650  N N   . ASP A 1 98  ? 3.650   2.413   2.941   1.00 23.32  ? 1932 ASP A N   1 
ATOM   651  C CA  . ASP A 1 98  ? 2.586   1.733   3.696   1.00 23.44  ? 1932 ASP A CA  1 
ATOM   652  C C   . ASP A 1 98  ? 1.914   0.653   2.855   1.00 22.65  ? 1932 ASP A C   1 
ATOM   653  O O   . ASP A 1 98  ? 1.547   -0.403  3.373   1.00 21.32  ? 1932 ASP A O   1 
ATOM   654  C CB  . ASP A 1 98  ? 1.526   2.728   4.189   1.00 23.53  ? 1932 ASP A CB  1 
ATOM   655  C CG  . ASP A 1 98  ? 1.778   3.189   5.619   1.00 26.91  ? 1932 ASP A CG  1 
ATOM   656  O OD1 . ASP A 1 98  ? 2.806   2.786   6.228   1.00 26.16  ? 1932 ASP A OD1 1 
ATOM   657  O OD2 . ASP A 1 98  ? 0.953   3.973   6.135   1.00 22.43  ? 1932 ASP A OD2 1 
ATOM   658  N N   . VAL A 1 99  ? 1.714   0.929   1.569   1.00 18.78  ? 1933 VAL A N   1 
ATOM   659  C CA  . VAL A 1 99  ? 1.156   -0.088  0.686   1.00 18.64  ? 1933 VAL A CA  1 
ATOM   660  C C   . VAL A 1 99  ? 2.082   -1.310  0.650   1.00 23.48  ? 1933 VAL A C   1 
ATOM   661  O O   . VAL A 1 99  ? 1.650   -2.446  0.817   1.00 22.48  ? 1933 VAL A O   1 
ATOM   662  C CB  . VAL A 1 99  ? 0.926   0.446   -0.753  1.00 16.94  ? 1933 VAL A CB  1 
ATOM   663  C CG1 . VAL A 1 99  ? 0.509   -0.683  -1.681  1.00 21.65  ? 1933 VAL A CG1 1 
ATOM   664  C CG2 . VAL A 1 99  ? -0.123  1.577   -0.765  1.00 20.52  ? 1933 VAL A CG2 1 
ATOM   665  N N   . ARG A 1 100 ? 3.369   -1.070  0.439   1.00 21.93  ? 1934 ARG A N   1 
ATOM   666  C CA  . ARG A 1 100 ? 4.318   -2.167  0.337   1.00 23.64  ? 1934 ARG A CA  1 
ATOM   667  C C   . ARG A 1 100 ? 4.394   -2.951  1.649   1.00 23.89  ? 1934 ARG A C   1 
ATOM   668  O O   . ARG A 1 100 ? 4.509   -4.182  1.635   1.00 22.49  ? 1934 ARG A O   1 
ATOM   669  C CB  . ARG A 1 100 ? 5.691   -1.613  -0.072  1.00 22.88  ? 1934 ARG A CB  1 
ATOM   670  C CG  . ARG A 1 100 ? 5.734   -1.244  -1.559  1.00 25.66  ? 1934 ARG A CG  1 
ATOM   671  C CD  . ARG A 1 100 ? 6.904   -0.344  -1.961  1.00 31.13  ? 1934 ARG A CD  1 
ATOM   672  N NE  . ARG A 1 100 ? 6.743   0.029   -3.368  1.00 32.18  ? 1934 ARG A NE  1 
ATOM   673  C CZ  . ARG A 1 100 ? 7.260   1.112   -3.936  1.00 37.83  ? 1934 ARG A CZ  1 
ATOM   674  N NH1 . ARG A 1 100 ? 8.000   1.954   -3.221  1.00 29.76  ? 1934 ARG A NH1 1 
ATOM   675  N NH2 . ARG A 1 100 ? 7.032   1.352   -5.224  1.00 36.43  ? 1934 ARG A NH2 1 
ATOM   676  N N   . LEU A 1 101 ? 4.301   -2.235  2.771   1.00 27.47  ? 1935 LEU A N   1 
ATOM   677  C CA  . LEU A 1 101 ? 4.292   -2.844  4.103   1.00 24.07  ? 1935 LEU A CA  1 
ATOM   678  C C   . LEU A 1 101 ? 3.184   -3.882  4.239   1.00 24.99  ? 1935 LEU A C   1 
ATOM   679  O O   . LEU A 1 101 ? 3.394   -4.952  4.823   1.00 21.79  ? 1935 LEU A O   1 
ATOM   680  C CB  . LEU A 1 101 ? 4.145   -1.757  5.178   1.00 24.90  ? 1935 LEU A CB  1 
ATOM   681  C CG  . LEU A 1 101 ? 4.049   -2.173  6.649   1.00 27.16  ? 1935 LEU A CG  1 
ATOM   682  C CD1 . LEU A 1 101 ? 5.284   -2.993  7.116   1.00 24.04  ? 1935 LEU A CD1 1 
ATOM   683  C CD2 . LEU A 1 101 ? 3.827   -0.930  7.526   1.00 24.51  ? 1935 LEU A CD2 1 
ATOM   684  N N   . VAL A 1 102 ? 2.006   -3.580  3.691   1.00 22.11  ? 1936 VAL A N   1 
ATOM   685  C CA  . VAL A 1 102 ? 0.917   -4.565  3.686   1.00 19.73  ? 1936 VAL A CA  1 
ATOM   686  C C   . VAL A 1 102 ? 1.409   -5.892  3.073   1.00 28.89  ? 1936 VAL A C   1 
ATOM   687  O O   . VAL A 1 102 ? 1.224   -6.967  3.647   1.00 26.93  ? 1936 VAL A O   1 
ATOM   688  C CB  . VAL A 1 102 ? -0.306  -4.057  2.895   1.00 20.13  ? 1936 VAL A CB  1 
ATOM   689  C CG1 . VAL A 1 102 ? -1.360  -5.185  2.724   1.00 21.44  ? 1936 VAL A CG1 1 
ATOM   690  C CG2 . VAL A 1 102 ? -0.951  -2.838  3.584   1.00 22.20  ? 1936 VAL A CG2 1 
ATOM   691  N N   . PHE A 1 103 ? 2.066   -5.818  1.917   1.00 22.21  ? 1937 PHE A N   1 
ATOM   692  C CA  . PHE A 1 103 ? 2.444   -7.043  1.221   1.00 24.23  ? 1937 PHE A CA  1 
ATOM   693  C C   . PHE A 1 103 ? 3.699   -7.676  1.817   1.00 26.32  ? 1937 PHE A C   1 
ATOM   694  O O   . PHE A 1 103 ? 3.840   -8.905  1.825   1.00 28.46  ? 1937 PHE A O   1 
ATOM   695  C CB  . PHE A 1 103 ? 2.599   -6.746  -0.279  1.00 24.50  ? 1937 PHE A CB  1 
ATOM   696  C CG  . PHE A 1 103 ? 1.377   -6.088  -0.868  1.00 22.06  ? 1937 PHE A CG  1 
ATOM   697  C CD1 . PHE A 1 103 ? 0.108   -6.579  -0.560  1.00 24.55  ? 1937 PHE A CD1 1 
ATOM   698  C CD2 . PHE A 1 103 ? 1.483   -4.956  -1.664  1.00 26.85  ? 1937 PHE A CD2 1 
ATOM   699  C CE1 . PHE A 1 103 ? -1.029  -5.977  -1.057  1.00 23.05  ? 1937 PHE A CE1 1 
ATOM   700  C CE2 . PHE A 1 103 ? 0.336   -4.340  -2.187  1.00 24.18  ? 1937 PHE A CE2 1 
ATOM   701  C CZ  . PHE A 1 103 ? -0.927  -4.854  -1.874  1.00 23.26  ? 1937 PHE A CZ  1 
ATOM   702  N N   . ASP A 1 104 ? 4.578   -6.851  2.375   1.00 24.26  ? 1938 ASP A N   1 
ATOM   703  C CA  . ASP A 1 104 ? 5.751   -7.373  3.070   1.00 27.53  ? 1938 ASP A CA  1 
ATOM   704  C C   . ASP A 1 104 ? 5.330   -8.149  4.316   1.00 32.17  ? 1938 ASP A C   1 
ATOM   705  O O   . ASP A 1 104 ? 5.872   -9.222  4.600   1.00 27.14  ? 1938 ASP A O   1 
ATOM   706  C CB  . ASP A 1 104 ? 6.712   -6.244  3.445   1.00 27.18  ? 1938 ASP A CB  1 
ATOM   707  C CG  . ASP A 1 104 ? 7.476   -5.710  2.250   1.00 29.04  ? 1938 ASP A CG  1 
ATOM   708  O OD1 . ASP A 1 104 ? 7.483   -6.372  1.194   1.00 28.45  ? 1938 ASP A OD1 1 
ATOM   709  O OD2 . ASP A 1 104 ? 8.069   -4.619  2.370   1.00 30.53  ? 1938 ASP A OD2 1 
ATOM   710  N N   . ASN A 1 105 ? 4.353   -7.612  5.049   1.00 30.18  ? 1939 ASN A N   1 
ATOM   711  C CA  . ASN A 1 105 ? 3.793   -8.310  6.200   1.00 26.70  ? 1939 ASN A CA  1 
ATOM   712  C C   . ASN A 1 105 ? 3.163   -9.635  5.785   1.00 32.46  ? 1939 ASN A C   1 
ATOM   713  O O   . ASN A 1 105 ? 3.359   -10.666 6.447   1.00 28.44  ? 1939 ASN A O   1 
ATOM   714  C CB  . ASN A 1 105 ? 2.733   -7.460  6.911   1.00 23.86  ? 1939 ASN A CB  1 
ATOM   715  C CG  . ASN A 1 105 ? 3.325   -6.300  7.692   1.00 26.01  ? 1939 ASN A CG  1 
ATOM   716  O OD1 . ASN A 1 105 ? 4.519   -6.265  7.969   1.00 27.38  ? 1939 ASN A OD1 1 
ATOM   717  N ND2 . ASN A 1 105 ? 2.470   -5.344  8.068   1.00 24.82  ? 1939 ASN A ND2 1 
ATOM   718  N N   . CYS A 1 106 ? 2.385   -9.596  4.701   1.00 22.96  ? 1940 CYS A N   1 
ATOM   719  C CA  . CYS A 1 106 ? 1.735   -10.797 4.181   1.00 24.54  ? 1940 CYS A CA  1 
ATOM   720  C C   . CYS A 1 106 ? 2.748   -11.901 3.882   1.00 24.19  ? 1940 CYS A C   1 
ATOM   721  O O   . CYS A 1 106 ? 2.527   -13.068 4.229   1.00 31.36  ? 1940 CYS A O   1 
ATOM   722  C CB  . CYS A 1 106 ? 0.927   -10.469 2.915   1.00 23.85  ? 1940 CYS A CB  1 
ATOM   723  S SG  . CYS A 1 106 ? -0.049  -11.866 2.231   1.00 25.46  ? 1940 CYS A SG  1 
ATOM   724  N N   . GLU A 1 107 ? 3.854   -11.533 3.240   1.00 26.50  ? 1941 GLU A N   1 
ATOM   725  C CA  . GLU A 1 107 ? 4.882   -12.529 2.924   1.00 33.46  ? 1941 GLU A CA  1 
ATOM   726  C C   . GLU A 1 107 ? 5.539   -13.090 4.172   1.00 32.87  ? 1941 GLU A C   1 
ATOM   727  O O   . GLU A 1 107 ? 5.932   -14.261 4.209   1.00 34.50  ? 1941 GLU A O   1 
ATOM   728  C CB  . GLU A 1 107 ? 5.951   -11.937 2.018   1.00 29.94  ? 1941 GLU A CB  1 
ATOM   729  C CG  . GLU A 1 107 ? 5.593   -11.972 0.563   1.00 38.32  ? 1941 GLU A CG  1 
ATOM   730  C CD  . GLU A 1 107 ? 6.804   -11.758 -0.322  1.00 42.84  ? 1941 GLU A CD  1 
ATOM   731  O OE1 . GLU A 1 107 ? 7.770   -12.546 -0.206  1.00 47.76  ? 1941 GLU A OE1 1 
ATOM   732  O OE2 . GLU A 1 107 ? 6.788   -10.805 -1.126  1.00 45.66  ? 1941 GLU A OE2 1 
ATOM   733  N N   . THR A 1 108 ? 5.664   -12.256 5.197   1.00 28.51  ? 1942 THR A N   1 
ATOM   734  C CA  . THR A 1 108 ? 6.285   -12.678 6.450   1.00 32.36  ? 1942 THR A CA  1 
ATOM   735  C C   . THR A 1 108 ? 5.468   -13.754 7.154   1.00 40.17  ? 1942 THR A C   1 
ATOM   736  O O   . THR A 1 108 ? 6.023   -14.711 7.703   1.00 30.80  ? 1942 THR A O   1 
ATOM   737  C CB  . THR A 1 108 ? 6.475   -11.488 7.404   1.00 33.83  ? 1942 THR A CB  1 
ATOM   738  O OG1 . THR A 1 108 ? 7.528   -10.655 6.902   1.00 31.63  ? 1942 THR A OG1 1 
ATOM   739  C CG2 . THR A 1 108 ? 6.860   -11.972 8.798   1.00 33.39  ? 1942 THR A CG2 1 
ATOM   740  N N   . PHE A 1 109 ? 4.148   -13.604 7.109   1.00 26.82  ? 1943 PHE A N   1 
ATOM   741  C CA  . PHE A 1 109 ? 3.240   -14.425 7.910   1.00 31.20  ? 1943 PHE A CA  1 
ATOM   742  C C   . PHE A 1 109 ? 2.567   -15.574 7.146   1.00 36.07  ? 1943 PHE A C   1 
ATOM   743  O O   . PHE A 1 109 ? 1.998   -16.484 7.765   1.00 32.33  ? 1943 PHE A O   1 
ATOM   744  C CB  . PHE A 1 109 ? 2.164   -13.527 8.527   1.00 28.75  ? 1943 PHE A CB  1 
ATOM   745  C CG  . PHE A 1 109 ? 1.478   -14.127 9.739   1.00 28.92  ? 1943 PHE A CG  1 
ATOM   746  C CD1 . PHE A 1 109 ? 2.084   -14.081 10.988  1.00 32.31  ? 1943 PHE A CD1 1 
ATOM   747  C CD2 . PHE A 1 109 ? 0.224   -14.699 9.633   1.00 31.79  ? 1943 PHE A CD2 1 
ATOM   748  C CE1 . PHE A 1 109 ? 1.452   -14.619 12.115  1.00 30.50  ? 1943 PHE A CE1 1 
ATOM   749  C CE2 . PHE A 1 109 ? -0.416  -15.229 10.747  1.00 32.72  ? 1943 PHE A CE2 1 
ATOM   750  C CZ  . PHE A 1 109 ? 0.206   -15.190 11.991  1.00 29.04  ? 1943 PHE A CZ  1 
ATOM   751  N N   . ASN A 1 110 ? 2.613   -15.538 5.816   1.00 27.86  ? 1944 ASN A N   1 
ATOM   752  C CA  . ASN A 1 110 ? 1.919   -16.544 5.016   1.00 31.01  ? 1944 ASN A CA  1 
ATOM   753  C C   . ASN A 1 110 ? 2.838   -17.274 4.032   1.00 33.91  ? 1944 ASN A C   1 
ATOM   754  O O   . ASN A 1 110 ? 3.733   -16.675 3.435   1.00 30.83  ? 1944 ASN A O   1 
ATOM   755  C CB  . ASN A 1 110 ? 0.761   -15.918 4.232   1.00 25.47  ? 1944 ASN A CB  1 
ATOM   756  C CG  . ASN A 1 110 ? -0.274  -15.261 5.132   1.00 31.75  ? 1944 ASN A CG  1 
ATOM   757  O OD1 . ASN A 1 110 ? -1.229  -15.905 5.590   1.00 32.08  ? 1944 ASN A OD1 1 
ATOM   758  N ND2 . ASN A 1 110 ? -0.104  -13.968 5.370   1.00 25.37  ? 1944 ASN A ND2 1 
ATOM   759  N N   . GLU A 1 111 ? 2.607   -18.573 3.867   1.00 33.12  ? 1945 GLU A N   1 
ATOM   760  C CA  . GLU A 1 111 ? 3.292   -19.340 2.830   1.00 35.41  ? 1945 GLU A CA  1 
ATOM   761  C C   . GLU A 1 111 ? 2.884   -18.820 1.454   1.00 34.62  ? 1945 GLU A C   1 
ATOM   762  O O   . GLU A 1 111 ? 1.717   -18.486 1.248   1.00 29.98  ? 1945 GLU A O   1 
ATOM   763  C CB  A GLU A 1 111 ? 2.950   -20.827 2.938   0.41 38.51  ? 1945 GLU A CB  1 
ATOM   764  C CB  B GLU A 1 111 ? 2.975   -20.832 2.962   0.59 38.53  ? 1945 GLU A CB  1 
ATOM   765  C CG  A GLU A 1 111 ? 3.019   -21.394 4.345   0.41 38.55  ? 1945 GLU A CG  1 
ATOM   766  C CG  B GLU A 1 111 ? 3.616   -21.500 4.183   0.59 35.03  ? 1945 GLU A CG  1 
ATOM   767  C CD  A GLU A 1 111 ? 2.243   -22.689 4.482   0.41 41.02  ? 1945 GLU A CD  1 
ATOM   768  C CD  B GLU A 1 111 ? 5.094   -21.770 3.994   0.59 40.88  ? 1945 GLU A CD  1 
ATOM   769  O OE1 A GLU A 1 111 ? 2.555   -23.652 3.751   0.41 40.84  ? 1945 GLU A OE1 1 
ATOM   770  O OE1 B GLU A 1 111 ? 5.571   -21.705 2.842   0.59 39.80  ? 1945 GLU A OE1 1 
ATOM   771  O OE2 A GLU A 1 111 ? 1.311   -22.740 5.313   0.41 46.02  ? 1945 GLU A OE2 1 
ATOM   772  O OE2 B GLU A 1 111 ? 5.782   -22.047 4.999   0.59 44.53  ? 1945 GLU A OE2 1 
ATOM   773  N N   . ASP A 1 112 ? 3.839   -18.762 0.521   1.00 33.14  ? 1946 ASP A N   1 
ATOM   774  C CA  . ASP A 1 112 ? 3.569   -18.340 -0.858  1.00 37.01  ? 1946 ASP A CA  1 
ATOM   775  C C   . ASP A 1 112 ? 2.431   -19.121 -1.505  1.00 35.68  ? 1946 ASP A C   1 
ATOM   776  O O   . ASP A 1 112 ? 1.684   -18.579 -2.315  1.00 43.30  ? 1946 ASP A O   1 
ATOM   777  C CB  . ASP A 1 112 ? 4.817   -18.493 -1.735  1.00 36.41  ? 1946 ASP A CB  1 
ATOM   778  C CG  . ASP A 1 112 ? 5.930   -17.554 -1.337  1.00 45.64  ? 1946 ASP A CG  1 
ATOM   779  O OD1 . ASP A 1 112 ? 5.637   -16.518 -0.702  1.00 43.34  ? 1946 ASP A OD1 1 
ATOM   780  O OD2 . ASP A 1 112 ? 7.102   -17.855 -1.655  1.00 42.80  ? 1946 ASP A OD2 1 
ATOM   781  N N   A ASP A 1 113 ? 2.379   -20.402 -1.134  0.49 42.86  ? 1947 ASP A N   1 
ATOM   782  N N   B ASP A 1 113 ? 2.239   -20.384 -1.165  0.51 42.84  ? 1947 ASP A N   1 
ATOM   783  C CA  A ASP A 1 113 ? 1.442   -21.397 -1.641  0.49 43.59  ? 1947 ASP A CA  1 
ATOM   784  C CA  B ASP A 1 113 ? 1.235   -21.138 -1.916  0.51 43.14  ? 1947 ASP A CA  1 
ATOM   785  C C   A ASP A 1 113 ? 0.283   -21.551 -0.667  0.49 43.76  ? 1947 ASP A C   1 
ATOM   786  C C   B ASP A 1 113 ? -0.140  -21.200 -1.241  0.51 40.23  ? 1947 ASP A C   1 
ATOM   787  O O   A ASP A 1 113 ? 0.006   -22.641 -0.156  0.49 45.39  ? 1947 ASP A O   1 
ATOM   788  O O   B ASP A 1 113 ? -1.054  -21.850 -1.743  0.51 43.47  ? 1947 ASP A O   1 
ATOM   789  C CB  A ASP A 1 113 ? 2.151   -22.739 -1.850  0.49 47.53  ? 1947 ASP A CB  1 
ATOM   790  C CB  B ASP A 1 113 ? 1.765   -22.538 -2.214  0.51 47.33  ? 1947 ASP A CB  1 
ATOM   791  C CG  A ASP A 1 113 ? 1.264   -23.781 -2.505  0.49 49.33  ? 1947 ASP A CG  1 
ATOM   792  C CG  B ASP A 1 113 ? 2.874   -22.515 -3.255  0.51 49.46  ? 1947 ASP A CG  1 
ATOM   793  O OD1 A ASP A 1 113 ? 0.352   -23.399 -3.272  0.49 49.48  ? 1947 ASP A OD1 1 
ATOM   794  O OD1 B ASP A 1 113 ? 2.913   -21.547 -4.047  0.51 46.83  ? 1947 ASP A OD1 1 
ATOM   795  O OD2 A ASP A 1 113 ? 1.482   -24.986 -2.254  0.49 54.88  ? 1947 ASP A OD2 1 
ATOM   796  O OD2 B ASP A 1 113 ? 3.705   -23.446 -3.279  0.51 54.44  ? 1947 ASP A OD2 1 
ATOM   797  N N   A SER A 1 114 ? -0.361  -20.426 -0.389  0.49 37.69  ? 1948 SER A N   1 
ATOM   798  N N   B SER A 1 114 ? -0.292  -20.496 -0.124  0.51 37.49  ? 1948 SER A N   1 
ATOM   799  C CA  A SER A 1 114 ? -1.589  -20.377 0.385   0.49 37.64  ? 1948 SER A CA  1 
ATOM   800  C CA  B SER A 1 114 ? -1.601  -20.360 0.513   0.51 37.63  ? 1948 SER A CA  1 
ATOM   801  C C   A SER A 1 114 ? -2.470  -19.358 -0.305  0.49 37.19  ? 1948 SER A C   1 
ATOM   802  C C   B SER A 1 114 ? -2.458  -19.366 -0.267  0.51 37.18  ? 1948 SER A C   1 
ATOM   803  O O   A SER A 1 114 ? -1.971  -18.553 -1.096  0.49 31.86  ? 1948 SER A O   1 
ATOM   804  O O   B SER A 1 114 ? -1.931  -18.595 -1.073  0.51 31.84  ? 1948 SER A O   1 
ATOM   805  C CB  A SER A 1 114 ? -1.322  -19.991 1.841   0.49 40.26  ? 1948 SER A CB  1 
ATOM   806  C CB  B SER A 1 114 ? -1.452  -19.904 1.965   0.51 40.25  ? 1948 SER A CB  1 
ATOM   807  O OG  A SER A 1 114 ? -0.646  -18.744 1.927   0.49 33.71  ? 1948 SER A OG  1 
ATOM   808  O OG  B SER A 1 114 ? -0.742  -18.676 2.041   0.51 33.57  ? 1948 SER A OG  1 
ATOM   809  N N   . ASP A 1 115 ? -3.769  -19.387 -0.030  1.00 34.42  ? 1949 ASP A N   1 
ATOM   810  C CA  . ASP A 1 115 ? -4.675  -18.416 -0.643  1.00 39.26  ? 1949 ASP A CA  1 
ATOM   811  C C   . ASP A 1 115 ? -4.276  -16.977 -0.301  1.00 34.76  ? 1949 ASP A C   1 
ATOM   812  O O   . ASP A 1 115 ? -4.181  -16.131 -1.188  1.00 29.61  ? 1949 ASP A O   1 
ATOM   813  C CB  . ASP A 1 115 ? -6.122  -18.648 -0.214  1.00 31.82  ? 1949 ASP A CB  1 
ATOM   814  C CG  . ASP A 1 115 ? -6.687  -19.956 -0.734  1.00 50.00  ? 1949 ASP A CG  1 
ATOM   815  O OD1 . ASP A 1 115 ? -6.832  -20.101 -1.968  1.00 43.70  ? 1949 ASP A OD1 1 
ATOM   816  O OD2 . ASP A 1 115 ? -7.004  -20.829 0.101   1.00 43.88  ? 1949 ASP A OD2 1 
ATOM   817  N N   . ILE A 1 116 ? -4.042  -16.703 0.983   1.00 29.34  ? 1950 ILE A N   1 
ATOM   818  C CA  . ILE A 1 116 ? -3.659  -15.346 1.388   1.00 31.34  ? 1950 ILE A CA  1 
ATOM   819  C C   . ILE A 1 116 ? -2.289  -14.986 0.814   1.00 34.18  ? 1950 ILE A C   1 
ATOM   820  O O   . ILE A 1 116 ? -2.073  -13.866 0.331   1.00 27.29  ? 1950 ILE A O   1 
ATOM   821  C CB  . ILE A 1 116 ? -3.653  -15.194 2.927   1.00 32.46  ? 1950 ILE A CB  1 
ATOM   822  C CG1 . ILE A 1 116 ? -5.079  -15.371 3.466   1.00 33.77  ? 1950 ILE A CG1 1 
ATOM   823  C CG2 . ILE A 1 116 ? -3.119  -13.817 3.333   1.00 26.11  ? 1950 ILE A CG2 1 
ATOM   824  C CD1 . ILE A 1 116 ? -5.194  -15.261 4.987   1.00 34.12  ? 1950 ILE A CD1 1 
ATOM   825  N N   . GLY A 1 117 ? -1.371  -15.946 0.851   1.00 32.29  ? 1951 GLY A N   1 
ATOM   826  C CA  . GLY A 1 117 ? -0.048  -15.764 0.279   1.00 24.97  ? 1951 GLY A CA  1 
ATOM   827  C C   . GLY A 1 117 ? -0.086  -15.404 -1.208  1.00 33.59  ? 1951 GLY A C   1 
ATOM   828  O O   . GLY A 1 117 ? 0.594   -14.473 -1.651  1.00 29.10  ? 1951 GLY A O   1 
ATOM   829  N N   . ARG A 1 118 ? -0.885  -16.135 -1.978  1.00 30.76  ? 1952 ARG A N   1 
ATOM   830  C CA  . ARG A 1 118 ? -1.053  -15.845 -3.398  1.00 32.32  ? 1952 ARG A CA  1 
ATOM   831  C C   . ARG A 1 118 ? -1.732  -14.492 -3.615  1.00 28.91  ? 1952 ARG A C   1 
ATOM   832  O O   . ARG A 1 118 ? -1.369  -13.756 -4.525  1.00 25.25  ? 1952 ARG A O   1 
ATOM   833  C CB  . ARG A 1 118 ? -1.864  -16.944 -4.095  1.00 36.26  ? 1952 ARG A CB  1 
ATOM   834  C CG  . ARG A 1 118 ? -1.030  -18.087 -4.651  1.00 49.54  ? 1952 ARG A CG  1 
ATOM   835  C CD  . ARG A 1 118 ? -1.881  -19.041 -5.508  1.00 56.41  ? 1952 ARG A CD  1 
ATOM   836  N NE  . ARG A 1 118 ? -2.885  -19.752 -4.717  1.00 48.71  ? 1952 ARG A NE  1 
ATOM   837  C CZ  . ARG A 1 118 ? -2.644  -20.880 -4.056  1.00 48.49  ? 1952 ARG A CZ  1 
ATOM   838  N NH1 . ARG A 1 118 ? -3.609  -21.464 -3.350  1.00 47.41  ? 1952 ARG A NH1 1 
ATOM   839  N NH2 . ARG A 1 118 ? -1.433  -21.421 -4.100  1.00 49.83  ? 1952 ARG A NH2 1 
ATOM   840  N N   . ALA A 1 119 ? -2.734  -14.181 -2.794  1.00 24.91  ? 1953 ALA A N   1 
ATOM   841  C CA  . ALA A 1 119 ? -3.417  -12.891 -2.886  1.00 28.76  ? 1953 ALA A CA  1 
ATOM   842  C C   . ALA A 1 119 ? -2.441  -11.728 -2.719  1.00 24.02  ? 1953 ALA A C   1 
ATOM   843  O O   . ALA A 1 119 ? -2.526  -10.731 -3.436  1.00 28.06  ? 1953 ALA A O   1 
ATOM   844  C CB  . ALA A 1 119 ? -4.520  -12.797 -1.851  1.00 24.87  ? 1953 ALA A CB  1 
ATOM   845  N N   . GLY A 1 120 ? -1.519  -11.861 -1.769  1.00 22.88  ? 1954 GLY A N   1 
ATOM   846  C CA  . GLY A 1 120 ? -0.537  -10.823 -1.520  1.00 25.26  ? 1954 GLY A CA  1 
ATOM   847  C C   . GLY A 1 120 ? 0.381   -10.600 -2.704  1.00 26.66  ? 1954 GLY A C   1 
ATOM   848  O O   . GLY A 1 120 ? 0.615   -9.455  -3.106  1.00 23.92  ? 1954 GLY A O   1 
ATOM   849  N N   . HIS A 1 121 ? 0.911   -11.680 -3.274  1.00 26.45  ? 1955 HIS A N   1 
ATOM   850  C CA  . HIS A 1 121 ? 1.765   -11.543 -4.459  1.00 25.16  ? 1955 HIS A CA  1 
ATOM   851  C C   . HIS A 1 121 ? 0.990   -10.902 -5.608  1.00 23.35  ? 1955 HIS A C   1 
ATOM   852  O O   . HIS A 1 121 ? 1.503   -10.010 -6.288  1.00 27.45  ? 1955 HIS A O   1 
ATOM   853  C CB  . HIS A 1 121 ? 2.331   -12.906 -4.895  1.00 26.84  ? 1955 HIS A CB  1 
ATOM   854  C CG  . HIS A 1 121 ? 3.372   -13.444 -3.971  1.00 32.30  ? 1955 HIS A CG  1 
ATOM   855  N ND1 . HIS A 1 121 ? 4.616   -12.863 -3.836  1.00 35.25  ? 1955 HIS A ND1 1 
ATOM   856  C CD2 . HIS A 1 121 ? 3.361   -14.510 -3.135  1.00 32.47  ? 1955 HIS A CD2 1 
ATOM   857  C CE1 . HIS A 1 121 ? 5.324   -13.545 -2.952  1.00 38.43  ? 1955 HIS A CE1 1 
ATOM   858  N NE2 . HIS A 1 121 ? 4.586   -14.548 -2.512  1.00 35.84  ? 1955 HIS A NE2 1 
ATOM   859  N N   . ASN A 1 122 ? -0.244  -11.357 -5.838  1.00 26.44  ? 1956 ASN A N   1 
ATOM   860  C CA  . ASN A 1 122 ? -1.086  -10.773 -6.880  1.00 26.93  ? 1956 ASN A CA  1 
ATOM   861  C C   . ASN A 1 122 ? -1.325  -9.266  -6.699  1.00 26.99  ? 1956 ASN A C   1 
ATOM   862  O O   . ASN A 1 122 ? -1.261  -8.487  -7.658  1.00 24.18  ? 1956 ASN A O   1 
ATOM   863  C CB  . ASN A 1 122 ? -2.445  -11.475 -6.925  1.00 24.62  ? 1956 ASN A CB  1 
ATOM   864  C CG  . ASN A 1 122 ? -2.386  -12.864 -7.544  1.00 29.52  ? 1956 ASN A CG  1 
ATOM   865  O OD1 . ASN A 1 122 ? -1.341  -13.322 -8.009  1.00 26.47  ? 1956 ASN A OD1 1 
ATOM   866  N ND2 . ASN A 1 122 ? -3.533  -13.549 -7.552  1.00 23.76  ? 1956 ASN A ND2 1 
ATOM   867  N N   . MET A 1 123 ? -1.627  -8.863  -5.467  1.00 18.67  ? 1957 MET A N   1 
ATOM   868  C CA  A MET A 1 123 ? -1.941  -7.467  -5.172  0.65 18.98  ? 1957 MET A CA  1 
ATOM   869  C CA  B MET A 1 123 ? -1.939  -7.469  -5.178  0.35 19.06  ? 1957 MET A CA  1 
ATOM   870  C C   . MET A 1 123 ? -0.699  -6.592  -5.257  1.00 18.91  ? 1957 MET A C   1 
ATOM   871  O O   . MET A 1 123 ? -0.784  -5.424  -5.622  1.00 25.93  ? 1957 MET A O   1 
ATOM   872  C CB  A MET A 1 123 ? -2.573  -7.324  -3.784  0.65 23.95  ? 1957 MET A CB  1 
ATOM   873  C CB  B MET A 1 123 ? -2.586  -7.340  -3.800  0.35 23.94  ? 1957 MET A CB  1 
ATOM   874  C CG  A MET A 1 123 ? -3.966  -7.954  -3.663  0.65 21.24  ? 1957 MET A CG  1 
ATOM   875  C CG  B MET A 1 123 ? -3.989  -7.928  -3.741  0.35 21.27  ? 1957 MET A CG  1 
ATOM   876  S SD  A MET A 1 123 ? -5.145  -7.344  -4.886  0.65 22.62  ? 1957 MET A SD  1 
ATOM   877  S SD  B MET A 1 123 ? -5.253  -6.665  -3.521  0.35 25.59  ? 1957 MET A SD  1 
ATOM   878  C CE  A MET A 1 123 ? -5.233  -5.590  -4.505  0.65 24.75  ? 1957 MET A CE  1 
ATOM   879  C CE  B MET A 1 123 ? -4.884  -5.531  -4.861  0.35 24.19  ? 1957 MET A CE  1 
ATOM   880  N N   . ARG A 1 124 ? 0.440   -7.163  -4.919  1.00 21.05  ? 1958 ARG A N   1 
ATOM   881  C CA  . ARG A 1 124 ? 1.685   -6.395  -5.005  1.00 20.65  ? 1958 ARG A CA  1 
ATOM   882  C C   . ARG A 1 124 ? 1.977   -6.079  -6.471  1.00 25.68  ? 1958 ARG A C   1 
ATOM   883  O O   . ARG A 1 124 ? 2.263   -4.930  -6.837  1.00 24.06  ? 1958 ARG A O   1 
ATOM   884  C CB  . ARG A 1 124 ? 2.851   -7.158  -4.390  1.00 27.98  ? 1958 ARG A CB  1 
ATOM   885  C CG  . ARG A 1 124 ? 4.128   -6.320  -4.357  1.00 24.15  ? 1958 ARG A CG  1 
ATOM   886  C CD  . ARG A 1 124 ? 5.391   -7.152  -4.120  1.00 31.74  ? 1958 ARG A CD  1 
ATOM   887  N NE  . ARG A 1 124 ? 5.449   -7.803  -2.814  1.00 31.75  ? 1958 ARG A NE  1 
ATOM   888  C CZ  . ARG A 1 124 ? 5.919   -7.231  -1.707  1.00 34.23  ? 1958 ARG A CZ  1 
ATOM   889  N NH1 . ARG A 1 124 ? 6.339   -5.972  -1.730  1.00 26.45  ? 1958 ARG A NH1 1 
ATOM   890  N NH2 . ARG A 1 124 ? 5.956   -7.914  -0.567  1.00 27.87  ? 1958 ARG A NH2 1 
ATOM   891  N N   . LYS A 1 125 ? 1.895   -7.115  -7.305  1.00 24.61  ? 1959 LYS A N   1 
ATOM   892  C CA  . LYS A 1 125 ? 2.091   -6.959  -8.744  1.00 32.68  ? 1959 LYS A CA  1 
ATOM   893  C C   . LYS A 1 125 ? 1.121   -5.923  -9.316  1.00 30.80  ? 1959 LYS A C   1 
ATOM   894  O O   . LYS A 1 125 ? 1.516   -5.030  -10.063 1.00 27.94  ? 1959 LYS A O   1 
ATOM   895  C CB  . LYS A 1 125 ? 1.921   -8.306  -9.460  1.00 23.21  ? 1959 LYS A CB  1 
ATOM   896  C CG  . LYS A 1 125 ? 2.250   -8.256  -10.953 1.00 31.52  ? 1959 LYS A CG  1 
ATOM   897  C CD  . LYS A 1 125 ? 3.766   -8.269  -11.166 1.00 47.68  ? 1959 LYS A CD  1 
ATOM   898  C CE  . LYS A 1 125 ? 4.141   -8.146  -12.642 1.00 53.59  ? 1959 LYS A CE  1 
ATOM   899  N NZ  . LYS A 1 125 ? 5.621   -8.238  -12.849 1.00 68.09  ? 1959 LYS A NZ  1 
ATOM   900  N N   . TYR A 1 126 ? -0.154  -6.039  -8.958  1.00 21.36  ? 1960 TYR A N   1 
ATOM   901  C CA  . TYR A 1 126 ? -1.172  -5.088  -9.378  1.00 24.22  ? 1960 TYR A CA  1 
ATOM   902  C C   . TYR A 1 126 ? -0.823  -3.645  -8.982  1.00 33.75  ? 1960 TYR A C   1 
ATOM   903  O O   . TYR A 1 126 ? -0.915  -2.709  -9.805  1.00 26.07  ? 1960 TYR A O   1 
ATOM   904  C CB  . TYR A 1 126 ? -2.514  -5.512  -8.775  1.00 22.32  ? 1960 TYR A CB  1 
ATOM   905  C CG  . TYR A 1 126 ? -3.734  -4.793  -9.287  1.00 21.06  ? 1960 TYR A CG  1 
ATOM   906  C CD1 . TYR A 1 126 ? -4.216  -5.015  -10.581 1.00 28.25  ? 1960 TYR A CD1 1 
ATOM   907  C CD2 . TYR A 1 126 ? -4.436  -3.917  -8.471  1.00 20.59  ? 1960 TYR A CD2 1 
ATOM   908  C CE1 . TYR A 1 126 ? -5.351  -4.371  -11.042 1.00 30.43  ? 1960 TYR A CE1 1 
ATOM   909  C CE2 . TYR A 1 126 ? -5.571  -3.265  -8.926  1.00 33.00  ? 1960 TYR A CE2 1 
ATOM   910  C CZ  . TYR A 1 126 ? -6.025  -3.499  -10.209 1.00 33.97  ? 1960 TYR A CZ  1 
ATOM   911  O OH  . TYR A 1 126 ? -7.149  -2.848  -10.653 1.00 40.42  ? 1960 TYR A OH  1 
ATOM   912  N N   . PHE A 1 127 ? -0.417  -3.461  -7.727  1.00 23.64  ? 1961 PHE A N   1 
ATOM   913  C CA  . PHE A 1 127 ? -0.047  -2.126  -7.255  1.00 22.17  ? 1961 PHE A CA  1 
ATOM   914  C C   . PHE A 1 127 ? 1.118   -1.546  -8.042  1.00 25.48  ? 1961 PHE A C   1 
ATOM   915  O O   . PHE A 1 127 ? 1.047   -0.405  -8.515  1.00 27.22  ? 1961 PHE A O   1 
ATOM   916  C CB  . PHE A 1 127 ? 0.331   -2.134  -5.773  1.00 22.98  ? 1961 PHE A CB  1 
ATOM   917  C CG  . PHE A 1 127 ? 0.910   -0.817  -5.293  1.00 22.91  ? 1961 PHE A CG  1 
ATOM   918  C CD1 . PHE A 1 127 ? 0.118   0.332   -5.250  1.00 23.24  ? 1961 PHE A CD1 1 
ATOM   919  C CD2 . PHE A 1 127 ? 2.243   -0.728  -4.902  1.00 25.34  ? 1961 PHE A CD2 1 
ATOM   920  C CE1 . PHE A 1 127 ? 0.645   1.556   -4.806  1.00 26.47  ? 1961 PHE A CE1 1 
ATOM   921  C CE2 . PHE A 1 127 ? 2.787   0.495   -4.460  1.00 26.68  ? 1961 PHE A CE2 1 
ATOM   922  C CZ  . PHE A 1 127 ? 1.992   1.632   -4.423  1.00 26.44  ? 1961 PHE A CZ  1 
ATOM   923  N N   . GLU A 1 128 ? 2.194   -2.318  -8.171  1.00 26.82  ? 1962 GLU A N   1 
ATOM   924  C CA  . GLU A 1 128 ? 3.433   -1.756  -8.711  1.00 28.40  ? 1962 GLU A CA  1 
ATOM   925  C C   . GLU A 1 128 ? 3.255   -1.325  -10.171 1.00 32.64  ? 1962 GLU A C   1 
ATOM   926  O O   . GLU A 1 128 ? 3.859   -0.336  -10.612 1.00 30.95  ? 1962 GLU A O   1 
ATOM   927  C CB  . GLU A 1 128 ? 4.591   -2.749  -8.563  1.00 29.04  ? 1962 GLU A CB  1 
ATOM   928  C CG  . GLU A 1 128 ? 4.968   -3.081  -7.105  1.00 26.74  ? 1962 GLU A CG  1 
ATOM   929  C CD  . GLU A 1 128 ? 5.521   -1.889  -6.307  1.00 33.11  ? 1962 GLU A CD  1 
ATOM   930  O OE1 . GLU A 1 128 ? 5.804   -0.815  -6.889  1.00 33.28  ? 1962 GLU A OE1 1 
ATOM   931  O OE2 . GLU A 1 128 ? 5.669   -2.026  -5.076  1.00 28.88  ? 1962 GLU A OE2 1 
ATOM   932  N N   . LYS A 1 129 ? 2.423   -2.042  -10.919 1.00 29.38  ? 1963 LYS A N   1 
ATOM   933  C CA  A LYS A 1 129 ? 2.098   -1.651  -12.293 0.37 32.38  ? 1963 LYS A CA  1 
ATOM   934  C CA  B LYS A 1 129 ? 2.128   -1.638  -12.294 0.63 32.31  ? 1963 LYS A CA  1 
ATOM   935  C C   . LYS A 1 129 ? 1.349   -0.316  -12.324 1.00 38.52  ? 1963 LYS A C   1 
ATOM   936  O O   . LYS A 1 129 ? 1.676   0.582   -13.110 1.00 35.90  ? 1963 LYS A O   1 
ATOM   937  C CB  A LYS A 1 129 ? 1.263   -2.739  -12.979 0.37 37.24  ? 1963 LYS A CB  1 
ATOM   938  C CB  B LYS A 1 129 ? 1.348   -2.731  -13.032 0.63 37.26  ? 1963 LYS A CB  1 
ATOM   939  C CG  A LYS A 1 129 ? 0.828   -2.410  -14.409 0.37 40.71  ? 1963 LYS A CG  1 
ATOM   940  C CG  B LYS A 1 129 ? 1.427   -2.620  -14.555 0.63 43.86  ? 1963 LYS A CG  1 
ATOM   941  C CD  A LYS A 1 129 ? 2.024   -2.301  -15.346 0.37 41.72  ? 1963 LYS A CD  1 
ATOM   942  C CD  B LYS A 1 129 ? 0.055   -2.703  -15.205 0.63 39.76  ? 1963 LYS A CD  1 
ATOM   943  C CE  A LYS A 1 129 ? 1.624   -2.503  -16.808 0.37 48.46  ? 1963 LYS A CE  1 
ATOM   944  C CE  B LYS A 1 129 ? 0.164   -2.796  -16.726 0.63 45.84  ? 1963 LYS A CE  1 
ATOM   945  N NZ  A LYS A 1 129 ? 0.557   -1.561  -17.258 0.37 47.29  ? 1963 LYS A NZ  1 
ATOM   946  N NZ  B LYS A 1 129 ? 1.133   -1.812  -17.312 0.63 49.22  ? 1963 LYS A NZ  1 
ATOM   947  N N   . LYS A 1 130 ? 0.329   -0.188  -11.475 1.00 30.52  ? 1964 LYS A N   1 
ATOM   948  C CA  . LYS A 1 130 ? -0.424  1.070   -11.377 1.00 33.48  ? 1964 LYS A CA  1 
ATOM   949  C C   . LYS A 1 130 ? 0.512   2.206   -10.966 1.00 33.65  ? 1964 LYS A C   1 
ATOM   950  O O   . LYS A 1 130 ? 0.364   3.340   -11.419 1.00 37.79  ? 1964 LYS A O   1 
ATOM   951  C CB  . LYS A 1 130 ? -1.566  0.978   -10.359 1.00 33.20  ? 1964 LYS A CB  1 
ATOM   952  C CG  . LYS A 1 130 ? -2.605  -0.117  -10.597 1.00 37.80  ? 1964 LYS A CG  1 
ATOM   953  C CD  . LYS A 1 130 ? -3.573  0.260   -11.690 1.00 53.82  ? 1964 LYS A CD  1 
ATOM   954  C CE  . LYS A 1 130 ? -4.741  -0.711  -11.747 1.00 42.91  ? 1964 LYS A CE  1 
ATOM   955  N NZ  . LYS A 1 130 ? -5.696  -0.306  -12.808 1.00 61.10  ? 1964 LYS A NZ  1 
ATOM   956  N N   . TRP A 1 131 ? 1.467   1.892   -10.094 1.00 28.56  ? 1965 TRP A N   1 
ATOM   957  C CA  . TRP A 1 131 ? 2.376   2.900   -9.553  1.00 27.71  ? 1965 TRP A CA  1 
ATOM   958  C C   . TRP A 1 131 ? 3.316   3.415   -10.639 1.00 33.56  ? 1965 TRP A C   1 
ATOM   959  O O   . TRP A 1 131 ? 3.483   4.619   -10.814 1.00 34.63  ? 1965 TRP A O   1 
ATOM   960  C CB  . TRP A 1 131 ? 3.181   2.327   -8.391  1.00 26.72  ? 1965 TRP A CB  1 
ATOM   961  C CG  . TRP A 1 131 ? 3.964   3.367   -7.638  1.00 31.48  ? 1965 TRP A CG  1 
ATOM   962  C CD1 . TRP A 1 131 ? 5.314   3.572   -7.686  1.00 34.90  ? 1965 TRP A CD1 1 
ATOM   963  C CD2 . TRP A 1 131 ? 3.442   4.346   -6.725  1.00 30.37  ? 1965 TRP A CD2 1 
ATOM   964  N NE1 . TRP A 1 131 ? 5.665   4.614   -6.858  1.00 37.81  ? 1965 TRP A NE1 1 
ATOM   965  C CE2 . TRP A 1 131 ? 4.535   5.107   -6.259  1.00 30.91  ? 1965 TRP A CE2 1 
ATOM   966  C CE3 . TRP A 1 131 ? 2.164   4.652   -6.257  1.00 24.54  ? 1965 TRP A CE3 1 
ATOM   967  C CZ2 . TRP A 1 131 ? 4.384   6.156   -5.349  1.00 30.84  ? 1965 TRP A CZ2 1 
ATOM   968  C CZ3 . TRP A 1 131 ? 2.017   5.703   -5.344  1.00 26.06  ? 1965 TRP A CZ3 1 
ATOM   969  C CH2 . TRP A 1 131 ? 3.122   6.431   -4.898  1.00 26.03  ? 1965 TRP A CH2 1 
ATOM   970  N N   . THR A 1 132 ? 3.928   2.481   -11.356 1.00 29.52  ? 1966 THR A N   1 
ATOM   971  C CA  . THR A 1 132 ? 4.801   2.801   -12.473 1.00 38.57  ? 1966 THR A CA  1 
ATOM   972  C C   . THR A 1 132 ? 4.052   3.517   -13.584 1.00 38.16  ? 1966 THR A C   1 
ATOM   973  O O   . THR A 1 132 ? 4.521   4.533   -14.096 1.00 43.82  ? 1966 THR A O   1 
ATOM   974  C CB  . THR A 1 132 ? 5.460   1.532   -13.046 1.00 35.64  ? 1966 THR A CB  1 
ATOM   975  O OG1 . THR A 1 132 ? 6.310   0.958   -12.050 1.00 41.66  ? 1966 THR A OG1 1 
ATOM   976  C CG2 . THR A 1 132 ? 6.296   1.880   -14.265 1.00 48.86  ? 1966 THR A CG2 1 
ATOM   977  N N   . ASP A 1 133 ? 2.887   2.999   -13.960 1.00 37.37  ? 1967 ASP A N   1 
ATOM   978  C CA  . ASP A 1 133 ? 2.111   3.641   -15.012 1.00 33.63  ? 1967 ASP A CA  1 
ATOM   979  C C   . ASP A 1 133 ? 1.680   5.054   -14.632 1.00 46.44  ? 1967 ASP A C   1 
ATOM   980  O O   . ASP A 1 133 ? 1.580   5.925   -15.491 1.00 41.42  ? 1967 ASP A O   1 
ATOM   981  C CB  . ASP A 1 133 ? 0.882   2.808   -15.373 1.00 39.67  ? 1967 ASP A CB  1 
ATOM   982  C CG  . ASP A 1 133 ? 1.243   1.539   -16.121 1.00 45.02  ? 1967 ASP A CG  1 
ATOM   983  O OD1 . ASP A 1 133 ? 2.440   1.358   -16.448 1.00 42.39  ? 1967 ASP A OD1 1 
ATOM   984  O OD2 . ASP A 1 133 ? 0.329   0.730   -16.386 1.00 38.39  ? 1967 ASP A OD2 1 
ATOM   985  N N   . THR A 1 134 ? 1.433   5.290   -13.349 1.00 37.57  ? 1968 THR A N   1 
ATOM   986  C CA  . THR A 1 134 ? 0.877   6.572   -12.925 1.00 35.87  ? 1968 THR A CA  1 
ATOM   987  C C   . THR A 1 134 ? 1.941   7.647   -12.674 1.00 35.79  ? 1968 THR A C   1 
ATOM   988  O O   . THR A 1 134 ? 1.710   8.824   -12.934 1.00 42.70  ? 1968 THR A O   1 
ATOM   989  C CB  . THR A 1 134 ? 0.034   6.407   -11.646 1.00 30.64  ? 1968 THR A CB  1 
ATOM   990  O OG1 . THR A 1 134 ? -1.101  5.573   -11.921 1.00 34.57  ? 1968 THR A OG1 1 
ATOM   991  C CG2 . THR A 1 134 ? -0.457  7.755   -11.145 1.00 29.52  ? 1968 THR A CG2 1 
ATOM   992  N N   . PHE A 1 135 ? 3.101   7.248   -12.168 1.00 36.15  ? 1969 PHE A N   1 
ATOM   993  C CA  . PHE A 1 135 ? 4.092   8.217   -11.718 1.00 42.89  ? 1969 PHE A CA  1 
ATOM   994  C C   . PHE A 1 135 ? 5.457   8.107   -12.411 1.00 52.12  ? 1969 PHE A C   1 
ATOM   995  O O   . PHE A 1 135 ? 6.227   9.067   -12.420 1.00 55.13  ? 1969 PHE A O   1 
ATOM   996  C CB  . PHE A 1 135 ? 4.281   8.090   -10.204 1.00 37.34  ? 1969 PHE A CB  1 
ATOM   997  C CG  . PHE A 1 135 ? 3.076   8.506   -9.402  1.00 36.17  ? 1969 PHE A CG  1 
ATOM   998  C CD1 . PHE A 1 135 ? 2.663   9.829   -9.385  1.00 33.42  ? 1969 PHE A CD1 1 
ATOM   999  C CD2 . PHE A 1 135 ? 2.366   7.578   -8.649  1.00 32.19  ? 1969 PHE A CD2 1 
ATOM   1000 C CE1 . PHE A 1 135 ? 1.555   10.220  -8.645  1.00 35.89  ? 1969 PHE A CE1 1 
ATOM   1001 C CE2 . PHE A 1 135 ? 1.264   7.967   -7.905  1.00 29.74  ? 1969 PHE A CE2 1 
ATOM   1002 C CZ  . PHE A 1 135 ? 0.859   9.283   -7.900  1.00 30.70  ? 1969 PHE A CZ  1 
ATOM   1003 N N   . LYS A 1 136 ? 5.763   6.949   -12.988 1.00 54.98  ? 1970 LYS A N   1 
ATOM   1004 C CA  . LYS A 1 136 ? 7.080   6.743   -13.600 1.00 70.63  ? 1970 LYS A CA  1 
ATOM   1005 C C   . LYS A 1 136 ? 6.989   6.503   -15.110 1.00 68.73  ? 1970 LYS A C   1 
ATOM   1006 O O   . LYS A 1 136 ? 6.532   7.366   -15.863 1.00 64.91  ? 1970 LYS A O   1 
ATOM   1007 C CB  . LYS A 1 136 ? 7.803   5.571   -12.924 1.00 54.70  ? 1970 LYS A CB  1 
HETATM 1008 C C1  C EDO B 2 .   ? -3.391  -13.175 8.686   0.36 33.70  ? 2001 EDO A C1  1 
HETATM 1009 O O1  C EDO B 2 .   ? -3.290  -14.559 8.330   0.36 39.21  ? 2001 EDO A O1  1 
HETATM 1010 C C2  C EDO B 2 .   ? -3.450  -12.330 7.418   0.36 29.01  ? 2001 EDO A C2  1 
HETATM 1011 O O2  C EDO B 2 .   ? -2.170  -12.352 6.782   0.36 28.19  ? 2001 EDO A O2  1 
HETATM 1012 C C1  A EDO C 2 .   ? -5.285  4.749   -11.582 0.65 35.25  ? 2002 EDO A C1  1 
HETATM 1013 O O1  A EDO C 2 .   ? -4.338  3.679   -11.714 0.65 43.40  ? 2002 EDO A O1  1 
HETATM 1014 C C2  A EDO C 2 .   ? -4.538  6.067   -11.378 0.65 36.08  ? 2002 EDO A C2  1 
HETATM 1015 O O2  A EDO C 2 .   ? -3.733  6.347   -12.527 0.65 41.92  ? 2002 EDO A O2  1 
HETATM 1016 C C1  . EDO D 2 .   ? -9.608  -8.184  -9.805  1.00 33.62  ? 2003 EDO A C1  1 
HETATM 1017 O O1  . EDO D 2 .   ? -10.964 -7.928  -9.421  1.00 36.71  ? 2003 EDO A O1  1 
HETATM 1018 C C2  . EDO D 2 .   ? -9.268  -7.518  -11.138 1.00 48.41  ? 2003 EDO A C2  1 
HETATM 1019 O O2  . EDO D 2 .   ? -9.516  -6.102  -11.099 1.00 47.43  ? 2003 EDO A O2  1 
HETATM 1020 C C01 D 53C E 3 .   ? -3.381  -10.330 5.979   0.64 29.66  ? 2004 53C A C01 1 
HETATM 1021 C C02 D 53C E 3 .   ? -3.050  -11.571 6.746   0.64 29.28  ? 2004 53C A C02 1 
HETATM 1022 C C03 D 53C E 3 .   ? -4.151  -12.379 7.343   0.64 30.11  ? 2004 53C A C03 1 
HETATM 1023 C C04 D 53C E 3 .   ? -5.486  -12.000 7.169   0.64 35.32  ? 2004 53C A C04 1 
HETATM 1024 C C05 D 53C E 3 .   ? -6.497  -12.756 7.731   0.64 40.00  ? 2004 53C A C05 1 
HETATM 1025 C C06 D 53C E 3 .   ? -6.191  -13.884 8.466   0.64 40.89  ? 2004 53C A C06 1 
HETATM 1026 C C07 D 53C E 3 .   ? -4.874  -14.266 8.646   0.64 35.92  ? 2004 53C A C07 1 
HETATM 1027 C C08 D 53C E 3 .   ? -3.849  -13.517 8.084   0.64 33.58  ? 2004 53C A C08 1 
HETATM 1028 O O09 D 53C E 3 .   ? -4.572  -15.384 9.370   0.64 39.70  ? 2004 53C A O09 1 
HETATM 1029 O O10 D 53C E 3 .   ? -1.880  -11.903 6.883   0.64 27.08  ? 2004 53C A O10 1 
HETATM 1030 H H1  D 53C E 3 .   ? -3.851  -9.709  6.555   0.64 35.60  ? 2004 53C A H1  1 
HETATM 1031 H H2  D 53C E 3 .   ? -2.564  -9.919  5.661   0.64 35.60  ? 2004 53C A H2  1 
HETATM 1032 H H3  D 53C E 3 .   ? -3.943  -10.559 5.223   0.64 35.60  ? 2004 53C A H3  1 
HETATM 1033 H H4  D 53C E 3 .   ? -5.697  -11.228 6.668   0.64 42.39  ? 2004 53C A H4  1 
HETATM 1034 H H5  D 53C E 3 .   ? -7.393  -12.502 7.613   0.64 48.00  ? 2004 53C A H5  1 
HETATM 1035 H H6  D 53C E 3 .   ? -6.884  -14.397 8.847   0.64 49.07  ? 2004 53C A H6  1 
HETATM 1036 H H7  D 53C E 3 .   ? -2.953  -13.778 8.207   0.64 40.30  ? 2004 53C A H7  1 
HETATM 1037 H H8  D 53C E 3 .   ? -5.196  -15.847 9.715   0.64 47.63  ? 2004 53C A H8  1 
HETATM 1038 O O   . HOH F 4 .   ? 20.233  16.139  -6.350  1.00 44.10  ? 2101 HOH A O   1 
HETATM 1039 O O   . HOH F 4 .   ? -9.694  -11.891 -11.128 1.00 31.13  ? 2102 HOH A O   1 
HETATM 1040 O O   . HOH F 4 .   ? 0.113   -24.393 6.483   1.00 61.16  ? 2103 HOH A O   1 
HETATM 1041 O O   . HOH F 4 .   ? 3.306   -24.771 1.776   1.00 66.17  ? 2104 HOH A O   1 
HETATM 1042 O O   . HOH F 4 .   ? -1.710  0.991   -15.101 1.00 42.12  ? 2105 HOH A O   1 
HETATM 1043 O O   . HOH F 4 .   ? 6.659   3.055   8.629   1.00 63.39  ? 2106 HOH A O   1 
HETATM 1044 O O   . HOH F 4 .   ? -10.342 0.989   2.646   1.00 30.83  ? 2107 HOH A O   1 
HETATM 1045 O O   . HOH F 4 .   ? -3.702  -5.847  13.061  1.00 28.61  ? 2108 HOH A O   1 
HETATM 1046 O O   . HOH F 4 .   ? -10.133 -6.232  12.263  1.00 49.21  ? 2109 HOH A O   1 
HETATM 1047 O O   . HOH F 4 .   ? -7.676  -1.859  -13.247 1.00 56.46  ? 2110 HOH A O   1 
HETATM 1048 O O   . HOH F 4 .   ? 8.492   -15.338 7.985   1.00 36.23  ? 2111 HOH A O   1 
HETATM 1049 O O   . HOH F 4 .   ? 8.533   4.513   -4.859  1.00 48.59  ? 2112 HOH A O   1 
HETATM 1050 O O   . HOH F 4 .   ? 6.936   -3.986  -3.971  1.00 33.45  ? 2113 HOH A O   1 
HETATM 1051 O O   . HOH F 4 .   ? -7.708  9.815   10.898  1.00 36.92  ? 2114 HOH A O   1 
HETATM 1052 O O   . HOH F 4 .   ? -0.742  -6.137  8.660   1.00 26.63  ? 2115 HOH A O   1 
HETATM 1053 O O   . HOH F 4 .   ? -0.141  -9.968  6.877   1.00 27.01  ? 2116 HOH A O   1 
HETATM 1054 O O   . HOH F 4 .   ? 9.106   -3.286  0.388   1.00 37.27  ? 2117 HOH A O   1 
HETATM 1055 O O   . HOH F 4 .   ? 7.828   -3.053  4.439   1.00 36.61  ? 2118 HOH A O   1 
HETATM 1056 O O   . HOH F 4 .   ? 1.830   -0.251  11.971  1.00 43.34  ? 2119 HOH A O   1 
HETATM 1057 O O   . HOH F 4 .   ? -11.392 6.451   6.222   1.00 38.62  ? 2120 HOH A O   1 
HETATM 1058 O O   . HOH F 4 .   ? -12.340 -9.547  3.843   1.00 55.89  ? 2121 HOH A O   1 
HETATM 1059 O O   . HOH F 4 .   ? 0.241   -1.549  -19.866 1.00 60.98  ? 2122 HOH A O   1 
HETATM 1060 O O   . HOH F 4 .   ? 24.651  26.414  -1.560  1.00 34.88  ? 2123 HOH A O   1 
HETATM 1061 O O   . HOH F 4 .   ? 7.459   17.689  -6.098  1.00 51.53  ? 2124 HOH A O   1 
HETATM 1062 O O   . HOH F 4 .   ? 3.345   -5.349  -11.932 1.00 45.32  ? 2125 HOH A O   1 
HETATM 1063 O O   . HOH F 4 .   ? -2.022  -11.931 17.588  1.00 40.13  ? 2126 HOH A O   1 
HETATM 1064 O O   . HOH F 4 .   ? -9.685  -3.155  -9.096  1.00 37.03  ? 2127 HOH A O   1 
HETATM 1065 O O   . HOH F 4 .   ? 7.412   -0.435  3.378   1.00 27.77  ? 2128 HOH A O   1 
HETATM 1066 O O   . HOH F 4 .   ? 5.458   2.655   6.088   1.00 45.13  ? 2129 HOH A O   1 
HETATM 1067 O O   . HOH F 4 .   ? -12.496 -16.313 -8.699  1.00 50.21  ? 2130 HOH A O   1 
HETATM 1068 O O   . HOH F 4 .   ? -5.355  0.547   12.194  1.00 37.31  ? 2131 HOH A O   1 
HETATM 1069 O O   . HOH F 4 .   ? -12.390 -6.233  -2.899  1.00 34.71  ? 2132 HOH A O   1 
HETATM 1070 O O   . HOH F 4 .   ? -10.867 3.732   6.310   1.00 31.54  ? 2133 HOH A O   1 
HETATM 1071 O O   . HOH F 4 .   ? -8.799  9.312   0.706   1.00 33.44  ? 2134 HOH A O   1 
HETATM 1072 O O   . HOH F 4 .   ? 3.875   -15.297 0.950   1.00 30.89  ? 2135 HOH A O   1 
HETATM 1073 O O   . HOH F 4 .   ? -2.876  -6.467  6.061   1.00 25.30  ? 2136 HOH A O   1 
HETATM 1074 O O   . HOH F 4 .   ? -3.350  -2.837  10.104  1.00 24.88  ? 2137 HOH A O   1 
HETATM 1075 O O   . HOH F 4 .   ? 6.604   0.293   -9.229  1.00 37.86  ? 2138 HOH A O   1 
HETATM 1076 O O   . HOH F 4 .   ? -12.243 -9.444  13.484  1.00 64.72  ? 2139 HOH A O   1 
HETATM 1077 O O   D HOH F 4 .   ? -2.698  -16.727 7.935   0.64 39.35  ? 2140 HOH A O   1 
HETATM 1078 O O   . HOH F 4 .   ? 0.865   -20.574 -5.545  1.00 57.35  ? 2141 HOH A O   1 
HETATM 1079 O O   . HOH F 4 .   ? 8.432   -13.530 -2.653  1.00 65.57  ? 2142 HOH A O   1 
HETATM 1080 O O   . HOH F 4 .   ? 1.999   -26.304 4.055   1.00 66.23  ? 2143 HOH A O   1 
HETATM 1081 O O   . HOH F 4 .   ? 7.040   -6.637  6.998   1.00 38.44  ? 2144 HOH A O   1 
HETATM 1082 O O   . HOH F 4 .   ? 8.582   -0.477  7.710   1.00 57.32  ? 2145 HOH A O   1 
HETATM 1083 O O   . HOH F 4 .   ? -11.099 7.089   -5.880  1.00 45.26  ? 2146 HOH A O   1 
HETATM 1084 O O   . HOH F 4 .   ? 5.177   -6.930  18.340  1.00 50.51  ? 2147 HOH A O   1 
HETATM 1085 O O   . HOH F 4 .   ? 4.117   -9.905  -7.096  1.00 41.25  ? 2148 HOH A O   1 
HETATM 1086 O O   . HOH F 4 .   ? 3.137   3.513   8.848   1.00 34.95  ? 2149 HOH A O   1 
HETATM 1087 O O   . HOH F 4 .   ? -9.778  -14.179 -3.939  1.00 33.38  ? 2150 HOH A O   1 
HETATM 1088 O O   . HOH F 4 .   ? 4.303   -10.238 -2.288  1.00 31.27  ? 2151 HOH A O   1 
HETATM 1089 O O   . HOH F 4 .   ? 0.688   -19.814 5.392   1.00 39.99  ? 2152 HOH A O   1 
HETATM 1090 O O   . HOH F 4 .   ? 3.140   16.427  -2.180  1.00 35.94  ? 2153 HOH A O   1 
HETATM 1091 O O   . HOH F 4 .   ? 1.904   -6.053  16.409  1.00 43.06  ? 2154 HOH A O   1 
HETATM 1092 O O   . HOH F 4 .   ? 5.220   -4.107  17.288  1.00 53.51  ? 2155 HOH A O   1 
HETATM 1093 O O   . HOH F 4 .   ? 3.860   13.936  -3.096  1.00 33.46  ? 2156 HOH A O   1 
HETATM 1094 O O   . HOH F 4 .   ? -1.977  -3.140  -12.331 1.00 34.34  ? 2157 HOH A O   1 
HETATM 1095 O O   . HOH F 4 .   ? 5.972   -5.226  10.094  1.00 29.48  ? 2158 HOH A O   1 
HETATM 1096 O O   . HOH F 4 .   ? -0.843  -8.070  5.139   1.00 31.53  ? 2159 HOH A O   1 
HETATM 1097 O O   . HOH F 4 .   ? 8.382   4.790   -1.370  1.00 51.42  ? 2160 HOH A O   1 
HETATM 1098 O O   . HOH F 4 .   ? 16.023  25.031  -10.963 1.00 40.92  ? 2161 HOH A O   1 
HETATM 1099 O O   . HOH F 4 .   ? 0.972   15.253  -9.535  1.00 37.03  ? 2162 HOH A O   1 
HETATM 1100 O O   . HOH F 4 .   ? 10.050  -12.103 23.769  1.00 44.55  ? 2163 HOH A O   1 
HETATM 1101 O O   . HOH F 4 .   ? -5.191  -7.232  6.868   1.00 24.37  ? 2164 HOH A O   1 
HETATM 1102 O O   . HOH F 4 .   ? 4.765   5.443   5.463   1.00 32.89  ? 2165 HOH A O   1 
HETATM 1103 O O   . HOH F 4 .   ? -13.010 4.360   -2.891  1.00 56.37  ? 2166 HOH A O   1 
HETATM 1104 O O   . HOH F 4 .   ? -2.222  -18.426 4.876   1.00 50.15  ? 2167 HOH A O   1 
HETATM 1105 O O   . HOH F 4 .   ? 4.793   -21.882 0.144   1.00 48.17  ? 2168 HOH A O   1 
HETATM 1106 O O   . HOH F 4 .   ? 2.353   -13.095 0.066   1.00 30.31  ? 2169 HOH A O   1 
HETATM 1107 O O   . HOH F 4 .   ? 1.857   11.751  9.537   1.00 54.73  ? 2170 HOH A O   1 
HETATM 1108 O O   . HOH F 4 .   ? 9.675   1.102   -1.116  1.00 43.29  ? 2171 HOH A O   1 
HETATM 1109 O O   . HOH F 4 .   ? 4.197   15.323  -12.184 1.00 56.72  ? 2172 HOH A O   1 
HETATM 1110 O O   . HOH F 4 .   ? 1.297   -14.328 -7.789  1.00 52.58  ? 2173 HOH A O   1 
HETATM 1111 O O   . HOH F 4 .   ? -10.875 14.154  3.726   1.00 44.05  ? 2174 HOH A O   1 
HETATM 1112 O O   . HOH F 4 .   ? -4.673  -18.578 3.021   1.00 36.20  ? 2175 HOH A O   1 
HETATM 1113 O O   . HOH F 4 .   ? -6.877  -6.164  16.533  1.00 48.99  ? 2176 HOH A O   1 
HETATM 1114 O O   . HOH F 4 .   ? -1.686  -24.830 -4.660  1.00 56.67  ? 2177 HOH A O   1 
HETATM 1115 O O   . HOH F 4 .   ? -1.326  6.940   11.974  1.00 52.42  ? 2178 HOH A O   1 
HETATM 1116 O O   . HOH F 4 .   ? -4.227  -21.313 2.030   1.00 47.03  ? 2179 HOH A O   1 
HETATM 1117 O O   . HOH F 4 .   ? -10.816 -1.420  3.132   1.00 34.48  ? 2180 HOH A O   1 
HETATM 1118 O O   . HOH F 4 .   ? -9.829  -7.883  5.795   1.00 33.25  ? 2181 HOH A O   1 
HETATM 1119 O O   . HOH F 4 .   ? 3.458   6.670   7.479   1.00 47.97  ? 2182 HOH A O   1 
HETATM 1120 O O   . HOH F 4 .   ? 6.498   -19.378 1.403   1.00 39.57  ? 2183 HOH A O   1 
HETATM 1121 O O   . HOH F 4 .   ? 2.596   -10.440 -0.266  1.00 24.37  ? 2184 HOH A O   1 
HETATM 1122 O O   . HOH F 4 .   ? 8.269   -10.009 -3.462  1.00 57.17  ? 2185 HOH A O   1 
HETATM 1123 O O   . HOH F 4 .   ? 7.326   15.208  -5.853  1.00 53.29  ? 2186 HOH A O   1 
HETATM 1124 O O   . HOH F 4 .   ? -1.438  -0.239  12.301  1.00 44.84  ? 2187 HOH A O   1 
HETATM 1125 O O   . HOH F 4 .   ? -12.011 8.057   4.262   1.00 45.02  ? 2188 HOH A O   1 
HETATM 1126 O O   C HOH F 4 .   ? -7.443  -10.536 7.278   0.36 34.26  ? 2189 HOH A O   1 
HETATM 1127 O O   . HOH F 4 .   ? -5.604  7.675   11.880  1.00 40.13  ? 2190 HOH A O   1 
HETATM 1128 O O   . HOH F 4 .   ? -3.090  -23.938 -1.888  1.00 56.28  ? 2191 HOH A O   1 
HETATM 1129 O O   . HOH F 4 .   ? 0.427   4.508   10.986  1.00 40.33  ? 2192 HOH A O   1 
HETATM 1130 O O   . HOH F 4 .   ? 9.911   -6.894  -0.378  1.00 49.73  ? 2193 HOH A O   1 
HETATM 1131 O O   . HOH F 4 .   ? 3.315   8.878   7.189   1.00 48.36  ? 2194 HOH A O   1 
HETATM 1132 O O   . HOH F 4 .   ? -9.403  10.417  -7.058  1.00 52.91  ? 2195 HOH A O   1 
HETATM 1133 O O   . HOH F 4 .   ? -4.607  15.848  -5.621  1.00 34.25  ? 2196 HOH A O   1 
HETATM 1134 O O   . HOH F 4 .   ? 7.983   15.646  1.621   1.00 50.62  ? 2197 HOH A O   1 
HETATM 1135 O O   . HOH F 4 .   ? -3.172  -5.578  10.191  1.00 24.78  ? 2198 HOH A O   1 
HETATM 1136 O O   . HOH F 4 .   ? 1.265   -12.861 18.941  1.00 41.76  ? 2199 HOH A O   1 
HETATM 1137 O O   . HOH F 4 .   ? 0.869   9.095   11.269  1.00 53.62  ? 2200 HOH A O   1 
HETATM 1138 O O   . HOH F 4 .   ? 0.405   -16.086 19.986  1.00 53.60  ? 2201 HOH A O   1 
HETATM 1139 O O   . HOH F 4 .   ? -8.720  0.980   10.272  1.00 53.40  ? 2202 HOH A O   1 
HETATM 1140 O O   . HOH F 4 .   ? -7.588  13.559  1.628   1.00 41.78  ? 2203 HOH A O   1 
HETATM 1141 O O   . HOH F 4 .   ? 6.166   -11.005 -11.747 1.00 63.83  ? 2204 HOH A O   1 
HETATM 1142 O O   . HOH F 4 .   ? 7.566   7.565   -7.727  1.00 58.70  ? 2205 HOH A O   1 
HETATM 1143 O O   . HOH F 4 .   ? 7.718   -7.126  11.359  1.00 40.56  ? 2206 HOH A O   1 
HETATM 1144 O O   . HOH F 4 .   ? -8.341  -11.100 11.120  1.00 41.16  ? 2207 HOH A O   1 
HETATM 1145 O O   . HOH F 4 .   ? -13.564 1.408   -2.394  1.00 56.97  ? 2208 HOH A O   1 
HETATM 1146 O O   . HOH F 4 .   ? -2.503  9.528   14.108  1.00 60.88  ? 2209 HOH A O   1 
HETATM 1147 O O   . HOH F 4 .   ? 3.470   -2.114  -19.305 1.00 77.55  ? 2210 HOH A O   1 
HETATM 1148 O O   . HOH F 4 .   ? -0.255  -3.502  23.306  1.00 64.61  ? 2211 HOH A O   1 
HETATM 1149 O O   . HOH F 4 .   ? -9.785  -8.992  10.057  1.00 58.57  ? 2212 HOH A O   1 
HETATM 1150 O O   . HOH F 4 .   ? 6.194   -10.675 -5.404  1.00 52.42  ? 2213 HOH A O   1 
HETATM 1151 O O   . HOH F 4 .   ? -2.407  12.309  3.285   1.00 28.10  ? 2214 HOH A O   1 
HETATM 1152 O O   . HOH F 4 .   ? -10.179 4.702   -9.235  1.00 52.43  ? 2215 HOH A O   1 
HETATM 1153 O O   . HOH F 4 .   ? -3.005  -1.429  -14.211 1.00 52.24  ? 2216 HOH A O   1 
HETATM 1154 O O   C HOH F 4 .   ? -5.364  -16.985 8.933   0.36 45.15  ? 2217 HOH A O   1 
HETATM 1155 O O   . HOH F 4 .   ? 15.739  15.157  -5.031  1.00 71.49  ? 2218 HOH A O   1 
HETATM 1156 O O   . HOH F 4 .   ? 2.556   -17.796 -5.352  1.00 57.64  ? 2219 HOH A O   1 
HETATM 1157 O O   . HOH F 4 .   ? 9.031   3.395   -6.792  1.00 48.73  ? 2220 HOH A O   1 
HETATM 1158 O O   . HOH F 4 .   ? 9.011   -9.647  3.735   1.00 47.26  ? 2221 HOH A O   1 
HETATM 1159 O O   . HOH F 4 .   ? -8.770  -8.823  8.230   1.00 49.64  ? 2222 HOH A O   1 
HETATM 1160 O O   . HOH F 4 .   ? 6.133   -2.335  -12.415 1.00 57.28  ? 2223 HOH A O   1 
HETATM 1161 O O   . HOH F 4 .   ? 2.659   12.638  -12.212 1.00 57.57  ? 2224 HOH A O   1 
HETATM 1162 O O   . HOH F 4 .   ? -9.083  0.094   -12.545 1.00 61.42  ? 2225 HOH A O   1 
HETATM 1163 O O   . HOH F 4 .   ? -13.783 -2.383  -0.318  1.00 45.93  ? 2226 HOH A O   1 
HETATM 1164 O O   . HOH F 4 .   ? -13.438 2.964   0.377   1.00 61.04  ? 2227 HOH A O   1 
HETATM 1165 O O   . HOH F 4 .   ? 7.609   0.949   6.181   1.00 46.19  ? 2228 HOH A O   1 
HETATM 1166 O O   . HOH F 4 .   ? -12.728 -8.277  -1.422  1.00 42.67  ? 2229 HOH A O   1 
HETATM 1167 O O   . HOH F 4 .   ? 8.952   -3.562  -2.135  1.00 49.04  ? 2230 HOH A O   1 
HETATM 1168 O O   . HOH F 4 .   ? 2.408   -0.386  -20.385 1.00 70.18  ? 2231 HOH A O   1 
HETATM 1169 O O   . HOH F 4 .   ? 8.081   -1.598  -10.129 1.00 55.08  ? 2232 HOH A O   1 
HETATM 1170 O O   . HOH F 4 .   ? -4.420  -9.767  22.187  1.00 76.14  ? 2233 HOH A O   1 
HETATM 1171 O O   . HOH F 4 .   ? -14.881 -6.459  -4.282  1.00 51.29  ? 2234 HOH A O   1 
HETATM 1172 O O   . HOH F 4 .   ? 8.527   2.031   -9.323  1.00 58.77  ? 2235 HOH A O   1 
HETATM 1173 O O   . HOH F 4 .   ? 11.437  -5.762  3.637   1.00 58.52  ? 2236 HOH A O   1 
HETATM 1174 O O   . HOH F 4 .   ? 0.947   -4.939  -19.419 1.00 46.15  ? 2237 HOH A O   1 
HETATM 1175 O O   . HOH F 4 .   ? -4.177  -15.591 20.139  1.00 55.21  ? 2238 HOH A O   1 
HETATM 1176 O O   . HOH F 4 .   ? 8.159   5.881   -9.421  1.00 69.59  ? 2239 HOH A O   1 
HETATM 1177 O O   . HOH F 4 .   ? -10.539 -1.078  -10.898 1.00 53.59  ? 2240 HOH A O   1 
HETATM 1178 O O   . HOH F 4 .   ? 9.570   -1.357  -6.417  1.00 60.55  ? 2241 HOH A O   1 
HETATM 1179 O O   C HOH F 4 .   ? -6.938  -14.517 9.654   0.36 42.79  ? 2242 HOH A O   1 
HETATM 1180 O O   . HOH F 4 .   ? -2.738  -13.983 20.424  1.00 59.39  ? 2243 HOH A O   1 
HETATM 1181 O O   . HOH F 4 .   ? 19.238  13.879  -9.837  1.00 57.24  ? 2244 HOH A O   1 
HETATM 1182 O O   . HOH F 4 .   ? 10.736  -0.601  7.759   1.00 67.65  ? 2245 HOH A O   1 
HETATM 1183 O O   . HOH F 4 .   ? 10.558  -1.123  -3.534  1.00 58.36  ? 2246 HOH A O   1 
HETATM 1184 O O   . HOH F 4 .   ? -6.267  -18.418 7.402   1.00 64.72  ? 2247 HOH A O   1 
HETATM 1185 O O   . HOH F 4 .   ? 10.173  -5.888  -2.854  1.00 58.52  ? 2248 HOH A O   1 
HETATM 1186 O O   . HOH F 4 .   ? -12.818 -7.852  5.512   1.00 49.26  ? 2249 HOH A O   1 
HETATM 1187 O O   . HOH F 4 .   ? -9.532  -6.100  14.769  1.00 54.27  ? 2250 HOH A O   1 
HETATM 1188 O O   . HOH F 4 .   ? -3.518  -1.399  12.404  1.00 30.78  ? 2251 HOH A O   1 
HETATM 1189 O O   . HOH F 4 .   ? -5.642  5.413   10.991  1.00 50.73  ? 2252 HOH A O   1 
HETATM 1190 O O   . HOH F 4 .   ? 10.285  -7.604  4.047   1.00 58.77  ? 2253 HOH A O   1 
HETATM 1191 O O   . HOH F 4 .   ? -5.619  -12.266 23.290  1.00 76.52  ? 2254 HOH A O   1 
HETATM 1192 O O   . HOH F 4 .   ? 1.209   -16.464 -6.464  1.00 55.46  ? 2255 HOH A O   1 
HETATM 1193 O O   . HOH F 4 .   ? 8.634   -3.625  -8.291  1.00 65.50  ? 2256 HOH A O   1 
HETATM 1194 O O   . HOH F 4 .   ? 6.471   14.440  -3.334  1.00 43.26  ? 2257 HOH A O   1 
HETATM 1195 O O   . HOH F 4 .   ? -13.248 -1.927  3.401   1.00 58.26  ? 2258 HOH A O   1 
HETATM 1196 O O   . HOH F 4 .   ? -4.804  7.745   14.136  1.00 52.10  ? 2259 HOH A O   1 
HETATM 1197 O O   . HOH F 4 .   ? -13.718 0.632   1.265   1.00 56.71  ? 2260 HOH A O   1 
HETATM 1198 O O   C HOH F 4 .   ? -6.763  -12.100 8.775   0.36 41.30  ? 2261 HOH A O   1 
HETATM 1199 O O   C HOH F 4 .   ? -8.570  -12.461 6.358   0.36 42.19  ? 2262 HOH A O   1 
HETATM 1200 O O   D HOH F 4 .   ? -10.198 -12.658 6.521   0.64 49.48  ? 2262 HOH A O   1 
HETATM 1201 O O   . HOH F 4 .   ? 9.073   -0.606  1.177   1.00 37.73  ? 2263 HOH A O   1 
HETATM 1202 O O   . HOH F 4 .   ? -16.160 -3.952  -4.890  1.00 62.44  ? 2264 HOH A O   1 
HETATM 1203 O O   . HOH F 4 .   ? -8.461  14.552  -3.271  1.00 58.27  ? 2265 HOH A O   1 
HETATM 1204 O O   . HOH F 4 .   ? -8.547  11.889  -0.455  1.00 53.31  ? 2266 HOH A O   1 
HETATM 1205 O O   . HOH F 4 .   ? 7.783   -3.523  9.463   1.00 35.48  ? 2267 HOH A O   1 
HETATM 1206 O O   . HOH F 4 .   ? -12.144 -8.023  11.132  1.00 62.85  ? 2268 HOH A O   1 
HETATM 1207 O O   . HOH F 4 .   ? -12.170 -12.367 5.501   1.00 57.63  ? 2269 HOH A O   1 
HETATM 1208 O O   . HOH F 4 .   ? -12.171 2.350   4.208   1.00 34.26  ? 2270 HOH A O   1 
HETATM 1209 O O   . HOH F 4 .   ? -9.677  -12.699 12.713  1.00 69.39  ? 2271 HOH A O   1 
HETATM 1210 O O   . HOH F 4 .   ? 7.907   -5.719  -6.147  1.00 53.26  ? 2272 HOH A O   1 
HETATM 1211 O O   . HOH F 4 .   ? 0.569   -0.645  14.868  1.00 52.26  ? 2273 HOH A O   1 
HETATM 1212 O O   . HOH F 4 .   ? -7.435  -18.259 3.728   1.00 43.61  ? 2274 HOH A O   1 
HETATM 1213 O O   . HOH F 4 .   ? -14.563 1.421   -8.757  1.00 70.48  ? 2275 HOH A O   1 
HETATM 1214 O O   . HOH F 4 .   ? 8.723   -4.370  6.813   1.00 42.68  ? 2276 HOH A O   1 
HETATM 1215 O O   . HOH F 4 .   ? -5.531  -3.419  15.617  1.00 46.60  ? 2277 HOH A O   1 
HETATM 1216 O O   . HOH F 4 .   ? 20.493  14.539  -3.639  1.00 59.26  ? 2278 HOH A O   1 
HETATM 1217 O O   . HOH F 4 .   ? 0.979   -4.016  17.102  1.00 43.97  ? 2279 HOH A O   1 
HETATM 1218 O O   . HOH F 4 .   ? -3.379  -3.519  14.377  1.00 34.48  ? 2280 HOH A O   1 
HETATM 1219 O O   . HOH F 4 .   ? -7.449  0.004   13.682  1.00 54.82  ? 2281 HOH A O   1 
HETATM 1220 O O   . HOH F 4 .   ? 3.238   2.030   10.795  1.00 60.32  ? 2282 HOH A O   1 
HETATM 1221 O O   . HOH F 4 .   ? -2.808  4.936   11.933  1.00 51.00  ? 2283 HOH A O   1 
HETATM 1222 O O   . HOH F 4 .   ? -1.063  2.596   12.080  1.00 52.23  ? 2284 HOH A O   1 
HETATM 1223 O O   . HOH F 4 .   ? -13.528 0.092   5.859   1.00 52.47  ? 2285 HOH A O   1 
HETATM 1224 O O   . HOH F 4 .   ? -11.701 6.259   -9.096  1.00 58.88  ? 2286 HOH A O   1 
HETATM 1225 O O   . HOH F 4 .   ? 6.652   6.304   6.771   1.00 60.13  ? 2287 HOH A O   1 
HETATM 1226 O O   . HOH F 4 .   ? 6.054   9.856   7.454   1.00 59.98  ? 2288 HOH A O   1 
HETATM 1227 O O   . HOH F 4 .   ? -14.332 -3.782  4.488   1.00 57.70  ? 2289 HOH A O   1 
HETATM 1228 O O   . HOH F 4 .   ? -14.014 3.516   2.815   1.00 65.08  ? 2290 HOH A O   1 
HETATM 1229 O O   . HOH F 4 .   ? -15.455 2.011   -6.533  1.00 55.53  ? 2291 HOH A O   1 
HETATM 1230 O O   . HOH F 4 .   ? -8.559  -3.123  14.789  1.00 67.24  ? 2292 HOH A O   1 
HETATM 1231 O O   . HOH F 4 .   ? -8.370  -17.386 6.275   1.00 63.36  ? 2293 HOH A O   1 
HETATM 1232 O O   . HOH F 4 .   ? -1.473  -2.639  15.960  1.00 37.82  ? 2294 HOH A O   1 
HETATM 1233 O O   . HOH F 4 .   ? -14.350 -6.006  4.830   1.00 49.46  ? 2295 HOH A O   1 
HETATM 1234 O O   . HOH F 4 .   ? -9.529  -15.065 7.076   1.00 62.89  ? 2296 HOH A O   1 
HETATM 1235 O O   . HOH F 4 .   ? 8.367   -8.004  -17.867 1.00 69.51  ? 2297 HOH A O   1 
HETATM 1236 O O   . HOH F 4 .   ? -15.499 3.424   8.970   1.00 86.16  ? 2298 HOH A O   1 
HETATM 1237 O O   . HOH F 4 .   ? -13.775 -8.865  8.236   1.00 66.56  ? 2299 HOH A O   1 
HETATM 1238 O O   . HOH F 4 .   ? -16.256 -2.562  6.747   1.00 62.46  ? 2300 HOH A O   1 
HETATM 1239 O O   . HOH F 4 .   ? -16.705 -5.328  7.048   1.00 62.61  ? 2301 HOH A O   1 
HETATM 1240 O O   . HOH F 4 .   ? -16.453 -2.768  9.139   1.00 65.00  ? 2302 HOH A O   1 
# 
